data_6P2H
# 
_entry.id   6P2H 
# 
_audit_conform.dict_name       mmcif_pdbx.dic 
_audit_conform.dict_version    5.380 
_audit_conform.dict_location   http://mmcif.pdb.org/dictionaries/ascii/mmcif_pdbx.dic 
# 
loop_
_database_2.database_id 
_database_2.database_code 
_database_2.pdbx_database_accession 
_database_2.pdbx_DOI 
PDB   6P2H         pdb_00006p2h 10.2210/pdb6p2h/pdb 
WWPDB D_1000241577 ?            ?                   
# 
_pdbx_database_status.status_code                     REL 
_pdbx_database_status.status_code_sf                  REL 
_pdbx_database_status.status_code_mr                  ? 
_pdbx_database_status.entry_id                        6P2H 
_pdbx_database_status.recvd_initial_deposition_date   2019-05-21 
_pdbx_database_status.SG_entry                        N 
_pdbx_database_status.deposit_site                    RCSB 
_pdbx_database_status.process_site                    RCSB 
_pdbx_database_status.status_code_cs                  ? 
_pdbx_database_status.methods_development_category    ? 
_pdbx_database_status.pdb_format_compatible           Y 
_pdbx_database_status.status_code_nmr_data            ? 
# 
loop_
_audit_author.name 
_audit_author.pdbx_ordinal 
_audit_author.identifier_ORCID 
'Matyjasik, M.M.' 1 0000-0002-5887-8428 
'Batey, R.T.'     2 0000-0002-1384-6625 
# 
_citation.abstract                  ? 
_citation.abstract_id_CAS           ? 
_citation.book_id_ISBN              ? 
_citation.book_publisher            ? 
_citation.book_publisher_city       ? 
_citation.book_title                ? 
_citation.coordinate_linkage        ? 
_citation.country                   UK 
_citation.database_id_Medline       ? 
_citation.details                   ? 
_citation.id                        primary 
_citation.journal_abbrev            'Nucleic Acids Res.' 
_citation.journal_id_ASTM           NARHAD 
_citation.journal_id_CSD            0389 
_citation.journal_id_ISSN           1362-4962 
_citation.journal_full              ? 
_citation.journal_issue             ? 
_citation.journal_volume            47 
_citation.language                  ? 
_citation.page_first                10931 
_citation.page_last                 10941 
_citation.title                     
;Structural basis for 2'-deoxyguanosine recognition by the 2'-dG-II class of riboswitches.
;
_citation.year                      2019 
_citation.database_id_CSD           ? 
_citation.pdbx_database_id_DOI      10.1093/nar/gkz839 
_citation.pdbx_database_id_PubMed   31598729 
_citation.unpublished_flag          ? 
# 
loop_
_citation_author.citation_id 
_citation_author.name 
_citation_author.ordinal 
_citation_author.identifier_ORCID 
primary 'Matyjasik, M.M.' 1 ? 
primary 'Batey, R.T.'     2 ? 
# 
_cell.angle_alpha                  90.00 
_cell.angle_alpha_esd              ? 
_cell.angle_beta                   90.00 
_cell.angle_beta_esd               ? 
_cell.angle_gamma                  90.00 
_cell.angle_gamma_esd              ? 
_cell.entry_id                     6P2H 
_cell.details                      ? 
_cell.formula_units_Z              ? 
_cell.length_a                     91.805 
_cell.length_a_esd                 ? 
_cell.length_b                     91.805 
_cell.length_b_esd                 ? 
_cell.length_c                     77.756 
_cell.length_c_esd                 ? 
_cell.volume                       ? 
_cell.volume_esd                   ? 
_cell.Z_PDB                        8 
_cell.reciprocal_angle_alpha       ? 
_cell.reciprocal_angle_beta        ? 
_cell.reciprocal_angle_gamma       ? 
_cell.reciprocal_angle_alpha_esd   ? 
_cell.reciprocal_angle_beta_esd    ? 
_cell.reciprocal_angle_gamma_esd   ? 
_cell.reciprocal_length_a          ? 
_cell.reciprocal_length_b          ? 
_cell.reciprocal_length_c          ? 
_cell.reciprocal_length_a_esd      ? 
_cell.reciprocal_length_b_esd      ? 
_cell.reciprocal_length_c_esd      ? 
_cell.pdbx_unique_axis             ? 
# 
_symmetry.entry_id                         6P2H 
_symmetry.cell_setting                     ? 
_symmetry.Int_Tables_number                91 
_symmetry.space_group_name_Hall            ? 
_symmetry.space_group_name_H-M             'P 41 2 2' 
_symmetry.pdbx_full_space_group_name_H-M   ? 
# 
loop_
_entity.id 
_entity.type 
_entity.src_method 
_entity.pdbx_description 
_entity.formula_weight 
_entity.pdbx_number_of_molecules 
_entity.pdbx_ec 
_entity.pdbx_mutation 
_entity.pdbx_fragment 
_entity.details 
1 polymer     syn 'RNA (69-MER)'          22323.186 1  ? ? ? ? 
2 non-polymer syn "2'-DEOXY-GUANOSINE"    267.241   1  ? ? ? ? 
3 non-polymer syn 'COBALT HEXAMMINE(III)' 161.116   5  ? ? ? ? 
4 non-polymer syn 'MAGNESIUM ION'         24.305    5  ? ? ? ? 
5 water       nat water                   18.015    12 ? ? ? ? 
# 
_entity_name_com.entity_id   1 
_entity_name_com.name        
;Env1 2'-deoxyguanosine-II riboswitch aptamer domain
;
# 
_entity_poly.entity_id                      1 
_entity_poly.type                           polyribonucleotide 
_entity_poly.nstd_linkage                   no 
_entity_poly.nstd_monomer                   yes 
_entity_poly.pdbx_seq_one_letter_code       '(GTP)GGUGUAAUCUCCAAAAUAUGGUUGGGGAGCCUCCACCAGUGAACCGUAAAAUCGCUGUCACCACCCAG' 
_entity_poly.pdbx_seq_one_letter_code_can   GGGUGUAAUCUCCAAAAUAUGGUUGGGGAGCCUCCACCAGUGAACCGUAAAAUCGCUGUCACCACCCAG 
_entity_poly.pdbx_strand_id                 A 
_entity_poly.pdbx_target_identifier         ? 
# 
loop_
_entity_poly_seq.entity_id 
_entity_poly_seq.num 
_entity_poly_seq.mon_id 
_entity_poly_seq.hetero 
1 1  GTP n 
1 2  G   n 
1 3  G   n 
1 4  U   n 
1 5  G   n 
1 6  U   n 
1 7  A   n 
1 8  A   n 
1 9  U   n 
1 10 C   n 
1 11 U   n 
1 12 C   n 
1 13 C   n 
1 14 A   n 
1 15 A   n 
1 16 A   n 
1 17 A   n 
1 18 U   n 
1 19 A   n 
1 20 U   n 
1 21 G   n 
1 22 G   n 
1 23 U   n 
1 24 U   n 
1 25 G   n 
1 26 G   n 
1 27 G   n 
1 28 G   n 
1 29 A   n 
1 30 G   n 
1 31 C   n 
1 32 C   n 
1 33 U   n 
1 34 C   n 
1 35 C   n 
1 36 A   n 
1 37 C   n 
1 38 C   n 
1 39 A   n 
1 40 G   n 
1 41 U   n 
1 42 G   n 
1 43 A   n 
1 44 A   n 
1 45 C   n 
1 46 C   n 
1 47 G   n 
1 48 U   n 
1 49 A   n 
1 50 A   n 
1 51 A   n 
1 52 A   n 
1 53 U   n 
1 54 C   n 
1 55 G   n 
1 56 C   n 
1 57 U   n 
1 58 G   n 
1 59 U   n 
1 60 C   n 
1 61 A   n 
1 62 C   n 
1 63 C   n 
1 64 A   n 
1 65 C   n 
1 66 C   n 
1 67 C   n 
1 68 A   n 
1 69 G   n 
# 
_pdbx_entity_src_syn.entity_id              1 
_pdbx_entity_src_syn.pdbx_src_id            1 
_pdbx_entity_src_syn.pdbx_alt_source_flag   sample 
_pdbx_entity_src_syn.pdbx_beg_seq_num       ? 
_pdbx_entity_src_syn.pdbx_end_seq_num       ? 
_pdbx_entity_src_syn.organism_scientific    'synthetic construct' 
_pdbx_entity_src_syn.organism_common_name   ? 
_pdbx_entity_src_syn.ncbi_taxonomy_id       32630 
_pdbx_entity_src_syn.details                ? 
# 
_struct_ref.id                         1 
_struct_ref.db_name                    PDB 
_struct_ref.db_code                    6P2H 
_struct_ref.pdbx_db_accession          6P2H 
_struct_ref.pdbx_db_isoform            ? 
_struct_ref.entity_id                  1 
_struct_ref.pdbx_seq_one_letter_code   ? 
_struct_ref.pdbx_align_begin           1 
# 
_struct_ref_seq.align_id                      1 
_struct_ref_seq.ref_id                        1 
_struct_ref_seq.pdbx_PDB_id_code              6P2H 
_struct_ref_seq.pdbx_strand_id                A 
_struct_ref_seq.seq_align_beg                 1 
_struct_ref_seq.pdbx_seq_align_beg_ins_code   ? 
_struct_ref_seq.seq_align_end                 69 
_struct_ref_seq.pdbx_seq_align_end_ins_code   ? 
_struct_ref_seq.pdbx_db_accession             6P2H 
_struct_ref_seq.db_align_beg                  17 
_struct_ref_seq.pdbx_db_align_beg_ins_code    ? 
_struct_ref_seq.db_align_end                  85 
_struct_ref_seq.pdbx_db_align_end_ins_code    ? 
_struct_ref_seq.pdbx_auth_seq_align_beg       17 
_struct_ref_seq.pdbx_auth_seq_align_end       85 
# 
loop_
_chem_comp.id 
_chem_comp.type 
_chem_comp.mon_nstd_flag 
_chem_comp.name 
_chem_comp.pdbx_synonyms 
_chem_comp.formula 
_chem_comp.formula_weight 
A   'RNA linking' y "ADENOSINE-5'-MONOPHOSPHATE" ? 'C10 H14 N5 O7 P'   347.221 
C   'RNA linking' y "CYTIDINE-5'-MONOPHOSPHATE"  ? 'C9 H14 N3 O8 P'    323.197 
G   'RNA linking' y "GUANOSINE-5'-MONOPHOSPHATE" ? 'C10 H14 N5 O8 P'   363.221 
GNG non-polymer   n "2'-DEOXY-GUANOSINE"         ? 'C10 H13 N5 O4'     267.241 
GTP non-polymer   n "GUANOSINE-5'-TRIPHOSPHATE"  ? 'C10 H16 N5 O14 P3' 523.180 
HOH non-polymer   . WATER                        ? 'H2 O'              18.015  
MG  non-polymer   . 'MAGNESIUM ION'              ? 'Mg 2'              24.305  
NCO non-polymer   . 'COBALT HEXAMMINE(III)'      ? 'Co H18 N6 3'       161.116 
U   'RNA linking' y "URIDINE-5'-MONOPHOSPHATE"   ? 'C9 H13 N2 O9 P'    324.181 
# 
_exptl.absorpt_coefficient_mu     ? 
_exptl.absorpt_correction_T_max   ? 
_exptl.absorpt_correction_T_min   ? 
_exptl.absorpt_correction_type    ? 
_exptl.absorpt_process_details    ? 
_exptl.entry_id                   6P2H 
_exptl.crystals_number            1 
_exptl.details                    ? 
_exptl.method                     'X-RAY DIFFRACTION' 
_exptl.method_details             ? 
# 
_exptl_crystal.colour                      ? 
_exptl_crystal.density_diffrn              ? 
_exptl_crystal.density_Matthews            3.67 
_exptl_crystal.density_method              ? 
_exptl_crystal.density_percent_sol         66.48 
_exptl_crystal.description                 Tetragonal 
_exptl_crystal.F_000                       ? 
_exptl_crystal.id                          1 
_exptl_crystal.preparation                 ? 
_exptl_crystal.size_max                    ? 
_exptl_crystal.size_mid                    ? 
_exptl_crystal.size_min                    ? 
_exptl_crystal.size_rad                    ? 
_exptl_crystal.colour_lustre               ? 
_exptl_crystal.colour_modifier             ? 
_exptl_crystal.colour_primary              ? 
_exptl_crystal.density_meas                ? 
_exptl_crystal.density_meas_esd            ? 
_exptl_crystal.density_meas_gt             ? 
_exptl_crystal.density_meas_lt             ? 
_exptl_crystal.density_meas_temp           ? 
_exptl_crystal.density_meas_temp_esd       ? 
_exptl_crystal.density_meas_temp_gt        ? 
_exptl_crystal.density_meas_temp_lt        ? 
_exptl_crystal.pdbx_crystal_image_url      ? 
_exptl_crystal.pdbx_crystal_image_format   ? 
_exptl_crystal.pdbx_mosaicity              ? 
_exptl_crystal.pdbx_mosaicity_esd          ? 
# 
_exptl_crystal_grow.apparatus       ? 
_exptl_crystal_grow.atmosphere      ? 
_exptl_crystal_grow.crystal_id      1 
_exptl_crystal_grow.details         ? 
_exptl_crystal_grow.method          'VAPOR DIFFUSION, HANGING DROP' 
_exptl_crystal_grow.method_ref      ? 
_exptl_crystal_grow.pH              6.0 
_exptl_crystal_grow.pressure        ? 
_exptl_crystal_grow.pressure_esd    ? 
_exptl_crystal_grow.seeding         ? 
_exptl_crystal_grow.seeding_ref     ? 
_exptl_crystal_grow.temp            303 
_exptl_crystal_grow.temp_details    ? 
_exptl_crystal_grow.temp_esd        ? 
_exptl_crystal_grow.time            ? 
_exptl_crystal_grow.pdbx_details    
;40 mM sodium cacodylate pH 6.0, 23% v/v methylpentanediol, 18 mM cobalt hexamine, 80 mM potassium chloride, and 12 mM sodium chloride
;
_exptl_crystal_grow.pdbx_pH_range   ? 
# 
_diffrn.ambient_environment              ? 
_diffrn.ambient_temp                     100 
_diffrn.ambient_temp_details             'Liquid nitrogen cryostream' 
_diffrn.ambient_temp_esd                 ? 
_diffrn.crystal_id                       1 
_diffrn.crystal_support                  ? 
_diffrn.crystal_treatment                ? 
_diffrn.details                          ? 
_diffrn.id                               1 
_diffrn.ambient_pressure                 ? 
_diffrn.ambient_pressure_esd             ? 
_diffrn.ambient_pressure_gt              ? 
_diffrn.ambient_pressure_lt              ? 
_diffrn.ambient_temp_gt                  ? 
_diffrn.ambient_temp_lt                  ? 
_diffrn.pdbx_serial_crystal_experiment   N 
# 
_diffrn_detector.details                      ? 
_diffrn_detector.detector                     PIXEL 
_diffrn_detector.diffrn_id                    1 
_diffrn_detector.type                         'DECTRIS PILATUS 200K' 
_diffrn_detector.area_resol_mean              ? 
_diffrn_detector.dtime                        ? 
_diffrn_detector.pdbx_frames_total            ? 
_diffrn_detector.pdbx_collection_time_total   ? 
_diffrn_detector.pdbx_collection_date         2018-06-22 
_diffrn_detector.pdbx_frequency               ? 
# 
_diffrn_radiation.collimation                      ? 
_diffrn_radiation.diffrn_id                        1 
_diffrn_radiation.filter_edge                      ? 
_diffrn_radiation.inhomogeneity                    ? 
_diffrn_radiation.monochromator                    Cu 
_diffrn_radiation.polarisn_norm                    ? 
_diffrn_radiation.polarisn_ratio                   ? 
_diffrn_radiation.probe                            ? 
_diffrn_radiation.type                             ? 
_diffrn_radiation.xray_symbol                      ? 
_diffrn_radiation.wavelength_id                    1 
_diffrn_radiation.pdbx_monochromatic_or_laue_m_l   M 
_diffrn_radiation.pdbx_wavelength_list             ? 
_diffrn_radiation.pdbx_wavelength                  ? 
_diffrn_radiation.pdbx_diffrn_protocol             'SINGLE WAVELENGTH' 
_diffrn_radiation.pdbx_analyzer                    ? 
_diffrn_radiation.pdbx_scattering_type             x-ray 
# 
_diffrn_radiation_wavelength.id           1 
_diffrn_radiation_wavelength.wavelength   1.5406 
_diffrn_radiation_wavelength.wt           1.0 
# 
_diffrn_source.current                     ? 
_diffrn_source.details                     ? 
_diffrn_source.diffrn_id                   1 
_diffrn_source.power                       ? 
_diffrn_source.size                        ? 
_diffrn_source.source                      'ROTATING ANODE' 
_diffrn_source.target                      ? 
_diffrn_source.type                        'RIGAKU MICROMAX-007 HF' 
_diffrn_source.voltage                     ? 
_diffrn_source.take-off_angle              ? 
_diffrn_source.pdbx_wavelength_list        1.5406 
_diffrn_source.pdbx_wavelength             ? 
_diffrn_source.pdbx_synchrotron_beamline   ? 
_diffrn_source.pdbx_synchrotron_site       ? 
# 
_reflns.B_iso_Wilson_estimate            58.19 
_reflns.entry_id                         6P2H 
_reflns.data_reduction_details           ? 
_reflns.data_reduction_method            ? 
_reflns.d_resolution_high                2.803 
_reflns.d_resolution_low                 29.953 
_reflns.details                          ? 
_reflns.limit_h_max                      ? 
_reflns.limit_h_min                      ? 
_reflns.limit_k_max                      ? 
_reflns.limit_k_min                      ? 
_reflns.limit_l_max                      ? 
_reflns.limit_l_min                      ? 
_reflns.number_all                       ? 
_reflns.number_obs                       8547 
_reflns.observed_criterion               ? 
_reflns.observed_criterion_F_max         ? 
_reflns.observed_criterion_F_min         ? 
_reflns.observed_criterion_I_max         ? 
_reflns.observed_criterion_I_min         ? 
_reflns.observed_criterion_sigma_F       ? 
_reflns.observed_criterion_sigma_I       ? 
_reflns.percent_possible_obs             97.69 
_reflns.R_free_details                   ? 
_reflns.Rmerge_F_all                     ? 
_reflns.Rmerge_F_obs                     ? 
_reflns.Friedel_coverage                 ? 
_reflns.number_gt                        ? 
_reflns.threshold_expression             ? 
_reflns.pdbx_redundancy                  10.8 
_reflns.pdbx_Rmerge_I_obs                0.096 
_reflns.pdbx_Rmerge_I_all                ? 
_reflns.pdbx_Rsym_value                  ? 
_reflns.pdbx_netI_over_av_sigmaI         ? 
_reflns.pdbx_netI_over_sigmaI            27.25 
_reflns.pdbx_res_netI_over_av_sigmaI_2   ? 
_reflns.pdbx_res_netI_over_sigmaI_2      ? 
_reflns.pdbx_chi_squared                 1.990 
_reflns.pdbx_scaling_rejects             ? 
_reflns.pdbx_d_res_high_opt              ? 
_reflns.pdbx_d_res_low_opt               ? 
_reflns.pdbx_d_res_opt_method            ? 
_reflns.phase_calculation_details        ? 
_reflns.pdbx_Rrim_I_all                  ? 
_reflns.pdbx_Rpim_I_all                  0.03 
_reflns.pdbx_d_opt                       ? 
_reflns.pdbx_number_measured_all         ? 
_reflns.pdbx_diffrn_id                   1 
_reflns.pdbx_ordinal                     1 
_reflns.pdbx_CC_half                     ? 
_reflns.pdbx_R_split                     ? 
# 
_reflns_shell.d_res_high                  2.803 
_reflns_shell.d_res_low                   2.904 
_reflns_shell.meanI_over_sigI_all         ? 
_reflns_shell.meanI_over_sigI_obs         3.37 
_reflns_shell.number_measured_all         ? 
_reflns_shell.number_measured_obs         ? 
_reflns_shell.number_possible             ? 
_reflns_shell.number_unique_all           ? 
_reflns_shell.number_unique_obs           816 
_reflns_shell.percent_possible_all        97.69 
_reflns_shell.percent_possible_obs        ? 
_reflns_shell.Rmerge_F_all                ? 
_reflns_shell.Rmerge_F_obs                ? 
_reflns_shell.Rmerge_I_all                ? 
_reflns_shell.Rmerge_I_obs                0.608 
_reflns_shell.meanI_over_sigI_gt          ? 
_reflns_shell.meanI_over_uI_all           ? 
_reflns_shell.meanI_over_uI_gt            ? 
_reflns_shell.number_measured_gt          ? 
_reflns_shell.number_unique_gt            ? 
_reflns_shell.percent_possible_gt         ? 
_reflns_shell.Rmerge_F_gt                 ? 
_reflns_shell.Rmerge_I_gt                 ? 
_reflns_shell.pdbx_redundancy             10.3 
_reflns_shell.pdbx_Rsym_value             ? 
_reflns_shell.pdbx_chi_squared            1.515 
_reflns_shell.pdbx_netI_over_sigmaI_all   ? 
_reflns_shell.pdbx_netI_over_sigmaI_obs   ? 
_reflns_shell.pdbx_Rrim_I_all             ? 
_reflns_shell.pdbx_Rpim_I_all             0.195 
_reflns_shell.pdbx_rejects                ? 
_reflns_shell.pdbx_ordinal                1 
_reflns_shell.pdbx_diffrn_id              1 
_reflns_shell.pdbx_CC_half                0.946 
_reflns_shell.pdbx_R_split                ? 
# 
_refine.aniso_B[1][1]                            ? 
_refine.aniso_B[1][2]                            ? 
_refine.aniso_B[1][3]                            ? 
_refine.aniso_B[2][2]                            ? 
_refine.aniso_B[2][3]                            ? 
_refine.aniso_B[3][3]                            ? 
_refine.B_iso_max                                ? 
_refine.B_iso_mean                               ? 
_refine.B_iso_min                                ? 
_refine.correlation_coeff_Fo_to_Fc               ? 
_refine.correlation_coeff_Fo_to_Fc_free          ? 
_refine.details                                  ? 
_refine.diff_density_max                         ? 
_refine.diff_density_max_esd                     ? 
_refine.diff_density_min                         ? 
_refine.diff_density_min_esd                     ? 
_refine.diff_density_rms                         ? 
_refine.diff_density_rms_esd                     ? 
_refine.entry_id                                 6P2H 
_refine.pdbx_refine_id                           'X-RAY DIFFRACTION' 
_refine.ls_abs_structure_details                 ? 
_refine.ls_abs_structure_Flack                   ? 
_refine.ls_abs_structure_Flack_esd               ? 
_refine.ls_abs_structure_Rogers                  ? 
_refine.ls_abs_structure_Rogers_esd              ? 
_refine.ls_d_res_high                            2.803 
_refine.ls_d_res_low                             29.953 
_refine.ls_extinction_coef                       ? 
_refine.ls_extinction_coef_esd                   ? 
_refine.ls_extinction_expression                 ? 
_refine.ls_extinction_method                     ? 
_refine.ls_goodness_of_fit_all                   ? 
_refine.ls_goodness_of_fit_all_esd               ? 
_refine.ls_goodness_of_fit_obs                   ? 
_refine.ls_goodness_of_fit_obs_esd               ? 
_refine.ls_hydrogen_treatment                    ? 
_refine.ls_matrix_type                           ? 
_refine.ls_number_constraints                    ? 
_refine.ls_number_parameters                     ? 
_refine.ls_number_reflns_all                     ? 
_refine.ls_number_reflns_obs                     8547 
_refine.ls_number_reflns_R_free                  843 
_refine.ls_number_reflns_R_work                  ? 
_refine.ls_number_restraints                     ? 
_refine.ls_percent_reflns_obs                    98.17 
_refine.ls_percent_reflns_R_free                 10.00 
_refine.ls_R_factor_all                          ? 
_refine.ls_R_factor_obs                          0.2474 
_refine.ls_R_factor_R_free                       0.2756 
_refine.ls_R_factor_R_free_error                 ? 
_refine.ls_R_factor_R_free_error_details         ? 
_refine.ls_R_factor_R_work                       0.2443 
_refine.ls_R_Fsqd_factor_obs                     ? 
_refine.ls_R_I_factor_obs                        ? 
_refine.ls_redundancy_reflns_all                 ? 
_refine.ls_redundancy_reflns_obs                 ? 
_refine.ls_restrained_S_all                      ? 
_refine.ls_restrained_S_obs                      ? 
_refine.ls_shift_over_esd_max                    ? 
_refine.ls_shift_over_esd_mean                   ? 
_refine.ls_structure_factor_coef                 ? 
_refine.ls_weighting_details                     ? 
_refine.ls_weighting_scheme                      ? 
_refine.ls_wR_factor_all                         ? 
_refine.ls_wR_factor_obs                         ? 
_refine.ls_wR_factor_R_free                      ? 
_refine.ls_wR_factor_R_work                      ? 
_refine.occupancy_max                            ? 
_refine.occupancy_min                            ? 
_refine.solvent_model_details                    ? 
_refine.solvent_model_param_bsol                 ? 
_refine.solvent_model_param_ksol                 ? 
_refine.ls_R_factor_gt                           ? 
_refine.ls_goodness_of_fit_gt                    ? 
_refine.ls_goodness_of_fit_ref                   ? 
_refine.ls_shift_over_su_max                     ? 
_refine.ls_shift_over_su_max_lt                  ? 
_refine.ls_shift_over_su_mean                    ? 
_refine.ls_shift_over_su_mean_lt                 ? 
_refine.pdbx_ls_sigma_I                          ? 
_refine.pdbx_ls_sigma_F                          1.33 
_refine.pdbx_ls_sigma_Fsqd                       ? 
_refine.pdbx_data_cutoff_high_absF               ? 
_refine.pdbx_data_cutoff_high_rms_absF           ? 
_refine.pdbx_data_cutoff_low_absF                ? 
_refine.pdbx_isotropic_thermal_model             ? 
_refine.pdbx_ls_cross_valid_method               'FREE R-VALUE' 
_refine.pdbx_method_to_determine_struct          'MOLECULAR REPLACEMENT' 
_refine.pdbx_starting_model                      4FE5 
_refine.pdbx_stereochemistry_target_values       ? 
_refine.pdbx_R_Free_selection_details            ? 
_refine.pdbx_stereochem_target_val_spec_case     ? 
_refine.pdbx_overall_ESU_R                       ? 
_refine.pdbx_overall_ESU_R_Free                  ? 
_refine.pdbx_solvent_vdw_probe_radii             1.11 
_refine.pdbx_solvent_ion_probe_radii             ? 
_refine.pdbx_solvent_shrinkage_radii             0.90 
_refine.pdbx_real_space_R                        ? 
_refine.pdbx_density_correlation                 ? 
_refine.pdbx_pd_number_of_powder_patterns        ? 
_refine.pdbx_pd_number_of_points                 ? 
_refine.pdbx_pd_meas_number_of_points            ? 
_refine.pdbx_pd_proc_ls_prof_R_factor            ? 
_refine.pdbx_pd_proc_ls_prof_wR_factor           ? 
_refine.pdbx_pd_Marquardt_correlation_coeff      ? 
_refine.pdbx_pd_Fsqrd_R_factor                   ? 
_refine.pdbx_pd_ls_matrix_band_width             ? 
_refine.pdbx_overall_phase_error                 30.00 
_refine.pdbx_overall_SU_R_free_Cruickshank_DPI   ? 
_refine.pdbx_overall_SU_R_free_Blow_DPI          ? 
_refine.pdbx_overall_SU_R_Blow_DPI               ? 
_refine.pdbx_TLS_residual_ADP_flag               ? 
_refine.pdbx_diffrn_id                           1 
_refine.overall_SU_B                             ? 
_refine.overall_SU_ML                            0.47 
_refine.overall_SU_R_Cruickshank_DPI             ? 
_refine.overall_SU_R_free                        ? 
_refine.overall_FOM_free_R_set                   ? 
_refine.overall_FOM_work_R_set                   ? 
_refine.pdbx_average_fsc_overall                 ? 
_refine.pdbx_average_fsc_work                    ? 
_refine.pdbx_average_fsc_free                    ? 
# 
_refine_hist.pdbx_refine_id                   'X-RAY DIFFRACTION' 
_refine_hist.cycle_id                         LAST 
_refine_hist.details                          ? 
_refine_hist.d_res_high                       2.803 
_refine_hist.d_res_low                        29.953 
_refine_hist.number_atoms_solvent             12 
_refine_hist.number_atoms_total               1549 
_refine_hist.number_reflns_all                ? 
_refine_hist.number_reflns_obs                ? 
_refine_hist.number_reflns_R_free             ? 
_refine_hist.number_reflns_R_work             ? 
_refine_hist.R_factor_all                     ? 
_refine_hist.R_factor_obs                     ? 
_refine_hist.R_factor_R_free                  ? 
_refine_hist.R_factor_R_work                  ? 
_refine_hist.pdbx_number_residues_total       ? 
_refine_hist.pdbx_B_iso_mean_ligand           ? 
_refine_hist.pdbx_B_iso_mean_solvent          ? 
_refine_hist.pdbx_number_atoms_protein        0 
_refine_hist.pdbx_number_atoms_nucleic_acid   1478 
_refine_hist.pdbx_number_atoms_ligand         59 
_refine_hist.pdbx_number_atoms_lipid          ? 
_refine_hist.pdbx_number_atoms_carb           ? 
_refine_hist.pdbx_pseudo_atom_details         ? 
# 
loop_
_refine_ls_restr.pdbx_refine_id 
_refine_ls_restr.criterion 
_refine_ls_restr.dev_ideal 
_refine_ls_restr.dev_ideal_target 
_refine_ls_restr.number 
_refine_ls_restr.rejects 
_refine_ls_restr.type 
_refine_ls_restr.weight 
_refine_ls_restr.pdbx_restraint_function 
'X-RAY DIFFRACTION' ? 0.001  ? 1704 ? f_bond_d           ? ? 
'X-RAY DIFFRACTION' ? 0.535  ? 2675 ? f_angle_d          ? ? 
'X-RAY DIFFRACTION' ? 14.997 ? 827  ? f_dihedral_angle_d ? ? 
'X-RAY DIFFRACTION' ? 0.024  ? 347  ? f_chiral_restr     ? ? 
'X-RAY DIFFRACTION' ? 0.002  ? 70   ? f_plane_restr      ? ? 
# 
loop_
_refine_ls_shell.pdbx_refine_id 
_refine_ls_shell.d_res_high 
_refine_ls_shell.d_res_low 
_refine_ls_shell.number_reflns_all 
_refine_ls_shell.number_reflns_obs 
_refine_ls_shell.number_reflns_R_free 
_refine_ls_shell.number_reflns_R_work 
_refine_ls_shell.percent_reflns_obs 
_refine_ls_shell.percent_reflns_R_free 
_refine_ls_shell.R_factor_all 
_refine_ls_shell.R_factor_obs 
_refine_ls_shell.R_factor_R_free 
_refine_ls_shell.R_factor_R_free_error 
_refine_ls_shell.R_factor_R_work 
_refine_ls_shell.redundancy_reflns_all 
_refine_ls_shell.redundancy_reflns_obs 
_refine_ls_shell.wR_factor_all 
_refine_ls_shell.wR_factor_obs 
_refine_ls_shell.wR_factor_R_free 
_refine_ls_shell.wR_factor_R_work 
_refine_ls_shell.pdbx_total_number_of_bins_used 
_refine_ls_shell.pdbx_phase_error 
_refine_ls_shell.pdbx_fsc_work 
_refine_ls_shell.pdbx_fsc_free 
'X-RAY DIFFRACTION' 2.8035 2.9790  . . 135 1221 98.00 . . . 0.4974 . 0.4213 . . . . . . . . . . 
'X-RAY DIFFRACTION' 2.9790 3.2088  . . 132 1220 97.00 . . . 0.3518 . 0.3187 . . . . . . . . . . 
'X-RAY DIFFRACTION' 3.2088 3.5312  . . 140 1243 98.00 . . . 0.3094 . 0.2654 . . . . . . . . . . 
'X-RAY DIFFRACTION' 3.5312 4.0411  . . 140 1246 98.00 . . . 0.2568 . 0.2237 . . . . . . . . . . 
'X-RAY DIFFRACTION' 4.0411 5.0873  . . 144 1278 99.00 . . . 0.2351 . 0.2042 . . . . . . . . . . 
'X-RAY DIFFRACTION' 5.0873 29.9547 . . 152 1383 99.00 . . . 0.2408 . 0.2217 . . . . . . . . . . 
# 
_struct.entry_id                     6P2H 
_struct.title                        
;Structural basis for 2'-deoxyguanosine recognition by the 2'-dG-II class of riboswitches
;
_struct.pdbx_model_details           ? 
_struct.pdbx_formula_weight          ? 
_struct.pdbx_formula_weight_method   ? 
_struct.pdbx_model_type_details      ? 
_struct.pdbx_CASP_flag               N 
# 
_struct_keywords.entry_id        6P2H 
_struct_keywords.text            
;riboswitch aptamer 2'-deoxyguanosine purine nucleoside, RNA
;
_struct_keywords.pdbx_keywords   RNA 
# 
loop_
_struct_asym.id 
_struct_asym.pdbx_blank_PDB_chainid_flag 
_struct_asym.pdbx_modified 
_struct_asym.entity_id 
_struct_asym.details 
A N N 1 ? 
B N N 2 ? 
C N N 3 ? 
D N N 3 ? 
E N N 3 ? 
F N N 3 ? 
G N N 3 ? 
H N N 4 ? 
I N N 4 ? 
J N N 4 ? 
K N N 4 ? 
L N N 4 ? 
M N N 5 ? 
# 
loop_
_struct_conn.id 
_struct_conn.conn_type_id 
_struct_conn.pdbx_leaving_atom_flag 
_struct_conn.pdbx_PDB_id 
_struct_conn.ptnr1_label_asym_id 
_struct_conn.ptnr1_label_comp_id 
_struct_conn.ptnr1_label_seq_id 
_struct_conn.ptnr1_label_atom_id 
_struct_conn.pdbx_ptnr1_label_alt_id 
_struct_conn.pdbx_ptnr1_PDB_ins_code 
_struct_conn.pdbx_ptnr1_standard_comp_id 
_struct_conn.ptnr1_symmetry 
_struct_conn.ptnr2_label_asym_id 
_struct_conn.ptnr2_label_comp_id 
_struct_conn.ptnr2_label_seq_id 
_struct_conn.ptnr2_label_atom_id 
_struct_conn.pdbx_ptnr2_label_alt_id 
_struct_conn.pdbx_ptnr2_PDB_ins_code 
_struct_conn.ptnr1_auth_asym_id 
_struct_conn.ptnr1_auth_comp_id 
_struct_conn.ptnr1_auth_seq_id 
_struct_conn.ptnr2_auth_asym_id 
_struct_conn.ptnr2_auth_comp_id 
_struct_conn.ptnr2_auth_seq_id 
_struct_conn.ptnr2_symmetry 
_struct_conn.pdbx_ptnr3_label_atom_id 
_struct_conn.pdbx_ptnr3_label_seq_id 
_struct_conn.pdbx_ptnr3_label_comp_id 
_struct_conn.pdbx_ptnr3_label_asym_id 
_struct_conn.pdbx_ptnr3_label_alt_id 
_struct_conn.pdbx_ptnr3_PDB_ins_code 
_struct_conn.details 
_struct_conn.pdbx_dist_value 
_struct_conn.pdbx_value_order 
_struct_conn.pdbx_role 
covale1  covale both ? A GTP 1  "O3'" ? ? ? 1_555 A G   2  P  ? ? A GTP 17  A G   18  1_555 ? ? ? ? ? ? ?                    1.559 
? ? 
covale2  covale none ? A G   2  OP2   ? ? ? 1_555 F NCO .  N4 ? ? A G   18  A NCO 105 1_555 ? ? ? ? ? ? ?                    1.299 
? ? 
covale3  covale none ? A G   40 OP2   ? ? ? 1_555 G NCO .  N2 ? ? A G   56  A NCO 106 1_555 ? ? ? ? ? ? ?                    1.297 
? ? 
metalc1  metalc ?    ? A U   6  "O3'" ? ? ? 1_555 K MG  .  MG ? ? A U   22  A MG  110 1_555 ? ? ? ? ? ? ?                    2.694 
? ? 
metalc2  metalc ?    ? A U   6  "O2'" ? ? ? 1_555 K MG  .  MG ? ? A U   22  A MG  110 1_555 ? ? ? ? ? ? ?                    2.471 
? ? 
metalc3  metalc ?    ? A A   7  OP2   ? ? ? 1_555 I MG  .  MG ? ? A A   23  A MG  108 1_555 ? ? ? ? ? ? ?                    2.467 
? ? 
metalc4  metalc ?    ? A A   8  OP1   ? ? ? 1_555 H MG  .  MG ? ? A A   24  A MG  107 1_555 ? ? ? ? ? ? ?                    2.241 
? ? 
metalc5  metalc ?    ? A A   8  OP2   ? ? ? 1_555 I MG  .  MG ? ? A A   24  A MG  108 1_555 ? ? ? ? ? ? ?                    2.283 
? ? 
metalc6  metalc ?    ? B GNG .  O6    ? ? ? 1_555 K MG  .  MG ? ? A GNG 101 A MG  110 1_555 ? ? ? ? ? ? ?                    2.568 
? ? 
metalc7  metalc ?    ? H MG  .  MG    ? ? ? 1_555 M HOH .  O  ? ? A MG  107 A HOH 205 1_555 ? ? ? ? ? ? ?                    2.369 
? ? 
metalc8  metalc ?    ? H MG  .  MG    ? ? ? 1_555 M HOH .  O  ? ? A MG  107 A HOH 209 1_555 ? ? ? ? ? ? ?                    2.711 
? ? 
hydrog1  hydrog ?    ? A GTP 1  N1    ? ? ? 1_555 A C   67 N3 ? ? A GTP 17  A C   83  1_555 ? ? ? ? ? ? WATSON-CRICK         ?     
? ? 
hydrog2  hydrog ?    ? A GTP 1  N2    ? ? ? 1_555 A C   67 O2 ? ? A GTP 17  A C   83  1_555 ? ? ? ? ? ? WATSON-CRICK         ?     
? ? 
hydrog3  hydrog ?    ? A GTP 1  O6    ? ? ? 1_555 A C   67 N4 ? ? A GTP 17  A C   83  1_555 ? ? ? ? ? ? WATSON-CRICK         ?     
? ? 
hydrog4  hydrog ?    ? A G   2  N1    ? ? ? 1_555 A C   66 N3 ? ? A G   18  A C   82  1_555 ? ? ? ? ? ? WATSON-CRICK         ?     
? ? 
hydrog5  hydrog ?    ? A G   2  N2    ? ? ? 1_555 A C   66 O2 ? ? A G   18  A C   82  1_555 ? ? ? ? ? ? WATSON-CRICK         ?     
? ? 
hydrog6  hydrog ?    ? A G   2  O6    ? ? ? 1_555 A C   66 N4 ? ? A G   18  A C   82  1_555 ? ? ? ? ? ? WATSON-CRICK         ?     
? ? 
hydrog7  hydrog ?    ? A G   3  N1    ? ? ? 1_555 A C   65 N3 ? ? A G   19  A C   81  1_555 ? ? ? ? ? ? WATSON-CRICK         ?     
? ? 
hydrog8  hydrog ?    ? A G   3  N2    ? ? ? 1_555 A C   65 O2 ? ? A G   19  A C   81  1_555 ? ? ? ? ? ? WATSON-CRICK         ?     
? ? 
hydrog9  hydrog ?    ? A G   3  O6    ? ? ? 1_555 A C   65 N4 ? ? A G   19  A C   81  1_555 ? ? ? ? ? ? WATSON-CRICK         ?     
? ? 
hydrog10 hydrog ?    ? A U   4  N3    ? ? ? 1_555 A A   64 N1 ? ? A U   20  A A   80  1_555 ? ? ? ? ? ? WATSON-CRICK         ?     
? ? 
hydrog11 hydrog ?    ? A U   4  O4    ? ? ? 1_555 A A   64 N6 ? ? A U   20  A A   80  1_555 ? ? ? ? ? ? WATSON-CRICK         ?     
? ? 
hydrog12 hydrog ?    ? A G   5  N1    ? ? ? 1_555 A C   63 N3 ? ? A G   21  A C   79  1_555 ? ? ? ? ? ? WATSON-CRICK         ?     
? ? 
hydrog13 hydrog ?    ? A G   5  N2    ? ? ? 1_555 A C   63 O2 ? ? A G   21  A C   79  1_555 ? ? ? ? ? ? WATSON-CRICK         ?     
? ? 
hydrog14 hydrog ?    ? A G   5  O6    ? ? ? 1_555 A C   63 N4 ? ? A G   21  A C   79  1_555 ? ? ? ? ? ? WATSON-CRICK         ?     
? ? 
hydrog15 hydrog ?    ? A U   6  N3    ? ? ? 1_555 A A   36 N1 ? ? A U   22  A A   52  1_555 ? ? ? ? ? ? WATSON-CRICK         ?     
? ? 
hydrog16 hydrog ?    ? A U   6  O4    ? ? ? 1_555 A A   36 N6 ? ? A U   22  A A   52  1_555 ? ? ? ? ? ? WATSON-CRICK         ?     
? ? 
hydrog17 hydrog ?    ? A A   7  N1    ? ? ? 1_555 A G   30 N2 ? ? A A   23  A G   46  1_555 ? ? ? ? ? ? TYPE_10_PAIR         ?     
? ? 
hydrog18 hydrog ?    ? A A   7  N6    ? ? ? 1_555 A G   30 N3 ? ? A A   23  A G   46  1_555 ? ? ? ? ? ? TYPE_10_PAIR         ?     
? ? 
hydrog19 hydrog ?    ? A A   8  N6    ? ? ? 1_555 A U   59 O4 ? ? A A   24  A U   75  1_555 ? ? ? ? ? ? HOOGSTEEN            ?     
? ? 
hydrog20 hydrog ?    ? A A   8  N7    ? ? ? 1_555 A U   59 N3 ? ? A A   24  A U   75  1_555 ? ? ? ? ? ? HOOGSTEEN            ?     
? ? 
hydrog21 hydrog ?    ? A U   9  N3    ? ? ? 1_555 A A   29 N1 ? ? A U   25  A A   45  1_555 ? ? ? ? ? ? WATSON-CRICK         ?     
? ? 
hydrog22 hydrog ?    ? A U   9  O4    ? ? ? 1_555 A A   29 N6 ? ? A U   25  A A   45  1_555 ? ? ? ? ? ? WATSON-CRICK         ?     
? ? 
hydrog23 hydrog ?    ? A C   10 N3    ? ? ? 1_555 A G   28 N1 ? ? A C   26  A G   44  1_555 ? ? ? ? ? ? WATSON-CRICK         ?     
? ? 
hydrog24 hydrog ?    ? A C   10 N4    ? ? ? 1_555 A G   28 O6 ? ? A C   26  A G   44  1_555 ? ? ? ? ? ? WATSON-CRICK         ?     
? ? 
hydrog25 hydrog ?    ? A C   10 O2    ? ? ? 1_555 A G   28 N2 ? ? A C   26  A G   44  1_555 ? ? ? ? ? ? WATSON-CRICK         ?     
? ? 
hydrog26 hydrog ?    ? A U   11 N3    ? ? ? 1_555 A G   27 O6 ? ? A U   27  A G   43  1_555 ? ? ? ? ? ? TYPE_28_PAIR         ?     
? ? 
hydrog27 hydrog ?    ? A U   11 O2    ? ? ? 1_555 A G   27 N1 ? ? A U   27  A G   43  1_555 ? ? ? ? ? ? TYPE_28_PAIR         ?     
? ? 
hydrog28 hydrog ?    ? A C   12 N3    ? ? ? 1_555 A G   26 N1 ? ? A C   28  A G   42  1_555 ? ? ? ? ? ? WATSON-CRICK         ?     
? ? 
hydrog29 hydrog ?    ? A C   12 N4    ? ? ? 1_555 A G   26 O6 ? ? A C   28  A G   42  1_555 ? ? ? ? ? ? WATSON-CRICK         ?     
? ? 
hydrog30 hydrog ?    ? A C   12 O2    ? ? ? 1_555 A G   26 N2 ? ? A C   28  A G   42  1_555 ? ? ? ? ? ? WATSON-CRICK         ?     
? ? 
hydrog31 hydrog ?    ? A C   13 N3    ? ? ? 1_555 A G   25 N1 ? ? A C   29  A G   41  1_555 ? ? ? ? ? ? WATSON-CRICK         ?     
? ? 
hydrog32 hydrog ?    ? A C   13 N4    ? ? ? 1_555 A G   25 O6 ? ? A C   29  A G   41  1_555 ? ? ? ? ? ? WATSON-CRICK         ?     
? ? 
hydrog33 hydrog ?    ? A C   13 O2    ? ? ? 1_555 A G   25 N2 ? ? A C   29  A G   41  1_555 ? ? ? ? ? ? WATSON-CRICK         ?     
? ? 
hydrog34 hydrog ?    ? A A   14 N1    ? ? ? 1_555 A U   24 N3 ? ? A A   30  A U   40  1_555 ? ? ? ? ? ? WATSON-CRICK         ?     
? ? 
hydrog35 hydrog ?    ? A A   14 N6    ? ? ? 1_555 A U   24 O4 ? ? A A   30  A U   40  1_555 ? ? ? ? ? ? WATSON-CRICK         ?     
? ? 
hydrog36 hydrog ?    ? A A   15 N1    ? ? ? 1_555 A U   23 N3 ? ? A A   31  A U   39  1_555 ? ? ? ? ? ? WATSON-CRICK         ?     
? ? 
hydrog37 hydrog ?    ? A A   15 N6    ? ? ? 1_555 A U   23 O4 ? ? A A   31  A U   39  1_555 ? ? ? ? ? ? WATSON-CRICK         ?     
? ? 
hydrog38 hydrog ?    ? A A   17 N1    ? ? ? 1_555 A A   51 N6 ? ? A A   33  A A   67  1_555 ? ? ? ? ? ? TYPE_5_PAIR          ?     
? ? 
hydrog39 hydrog ?    ? A A   17 N6    ? ? ? 1_555 A A   51 N7 ? ? A A   33  A A   67  1_555 ? ? ? ? ? ? TYPE_5_PAIR          ?     
? ? 
hydrog40 hydrog ?    ? A U   18 O2    ? ? ? 1_555 A G   21 N2 ? ? A U   34  A G   37  1_555 ? ? ? ? ? ? 'U-G MISPAIR'        ?     
? ? 
hydrog41 hydrog ?    ? A U   18 N3    ? ? ? 1_555 A A   50 N7 ? ? A U   34  A A   66  1_555 ? ? ? ? ? ? 'REVERSED HOOGSTEEN' ?     
? ? 
hydrog42 hydrog ?    ? A U   18 O2    ? ? ? 1_555 A A   50 N6 ? ? A U   34  A A   66  1_555 ? ? ? ? ? ? 'REVERSED HOOGSTEEN' ?     
? ? 
hydrog43 hydrog ?    ? A A   19 N6    ? ? ? 1_555 A A   49 N1 ? ? A A   35  A A   65  1_555 ? ? ? ? ? ? TYPE_5_PAIR          ?     
? ? 
hydrog44 hydrog ?    ? A A   19 N7    ? ? ? 1_555 A A   49 N6 ? ? A A   35  A A   65  1_555 ? ? ? ? ? ? TYPE_5_PAIR          ?     
? ? 
hydrog45 hydrog ?    ? A G   21 N1    ? ? ? 1_555 A C   46 N3 ? ? A G   37  A C   62  1_555 ? ? ? ? ? ? WATSON-CRICK         ?     
? ? 
hydrog46 hydrog ?    ? A G   21 N2    ? ? ? 1_555 A C   46 O2 ? ? A G   37  A C   62  1_555 ? ? ? ? ? ? WATSON-CRICK         ?     
? ? 
hydrog47 hydrog ?    ? A G   21 O6    ? ? ? 1_555 A C   46 N4 ? ? A G   37  A C   62  1_555 ? ? ? ? ? ? WATSON-CRICK         ?     
? ? 
hydrog48 hydrog ?    ? A G   22 N1    ? ? ? 1_555 A C   45 N3 ? ? A G   38  A C   61  1_555 ? ? ? ? ? ? WATSON-CRICK         ?     
? ? 
hydrog49 hydrog ?    ? A G   22 N2    ? ? ? 1_555 A C   45 O2 ? ? A G   38  A C   61  1_555 ? ? ? ? ? ? WATSON-CRICK         ?     
? ? 
hydrog50 hydrog ?    ? A G   22 O6    ? ? ? 1_555 A C   45 N4 ? ? A G   38  A C   61  1_555 ? ? ? ? ? ? WATSON-CRICK         ?     
? ? 
hydrog51 hydrog ?    ? A G   22 N2    ? ? ? 1_555 A A   51 N1 ? ? A G   38  A A   67  1_555 ? ? ? ? ? ? TYPE_10_PAIR         ?     
? ? 
hydrog52 hydrog ?    ? A G   22 N3    ? ? ? 1_555 A A   51 N6 ? ? A G   38  A A   67  1_555 ? ? ? ? ? ? TYPE_10_PAIR         ?     
? ? 
hydrog53 hydrog ?    ? A G   30 O6    ? ? ? 1_555 A C   37 N4 ? ? A G   46  A C   53  1_555 ? ? ? ? ? ? 'G-C PAIR'           ?     
? ? 
hydrog54 hydrog ?    ? A U   33 N3    ? ? ? 1_555 A A   64 N3 ? ? A U   49  A A   80  1_555 ? ? ? ? ? ? 'U-A PAIR'           ?     
? ? 
hydrog55 hydrog ?    ? A C   34 N4    ? ? ? 1_555 A C   63 O2 ? ? A C   50  A C   79  1_555 ? ? ? ? ? ? 'C-C MISPAIR'        ?     
? ? 
hydrog56 hydrog ?    ? A A   36 N3    ? ? ? 1_555 A A   61 N6 ? ? A A   52  A A   77  1_555 ? ? ? ? ? ? 'A-A MISPAIR'        ?     
? ? 
hydrog57 hydrog ?    ? A C   38 N3    ? ? ? 1_555 A G   58 N1 ? ? A C   54  A G   74  1_555 ? ? ? ? ? ? WATSON-CRICK         ?     
? ? 
hydrog58 hydrog ?    ? A C   38 N4    ? ? ? 1_555 A G   58 O6 ? ? A C   54  A G   74  1_555 ? ? ? ? ? ? WATSON-CRICK         ?     
? ? 
hydrog59 hydrog ?    ? A C   38 O2    ? ? ? 1_555 A G   58 N2 ? ? A C   54  A G   74  1_555 ? ? ? ? ? ? WATSON-CRICK         ?     
? ? 
hydrog60 hydrog ?    ? A A   39 N1    ? ? ? 1_555 A U   57 N3 ? ? A A   55  A U   73  1_555 ? ? ? ? ? ? WATSON-CRICK         ?     
? ? 
hydrog61 hydrog ?    ? A A   39 N6    ? ? ? 1_555 A U   57 O4 ? ? A A   55  A U   73  1_555 ? ? ? ? ? ? WATSON-CRICK         ?     
? ? 
hydrog62 hydrog ?    ? A G   40 N1    ? ? ? 1_555 A C   56 N3 ? ? A G   56  A C   72  1_555 ? ? ? ? ? ? WATSON-CRICK         ?     
? ? 
hydrog63 hydrog ?    ? A G   40 N2    ? ? ? 1_555 A C   56 O2 ? ? A G   56  A C   72  1_555 ? ? ? ? ? ? WATSON-CRICK         ?     
? ? 
hydrog64 hydrog ?    ? A G   40 O6    ? ? ? 1_555 A C   56 N4 ? ? A G   56  A C   72  1_555 ? ? ? ? ? ? WATSON-CRICK         ?     
? ? 
hydrog65 hydrog ?    ? A U   41 N3    ? ? ? 1_555 A G   55 O6 ? ? A U   57  A G   71  1_555 ? ? ? ? ? ? TYPE_28_PAIR         ?     
? ? 
hydrog66 hydrog ?    ? A U   41 O2    ? ? ? 1_555 A G   55 N1 ? ? A U   57  A G   71  1_555 ? ? ? ? ? ? TYPE_28_PAIR         ?     
? ? 
hydrog67 hydrog ?    ? A G   42 N1    ? ? ? 1_555 A C   54 N3 ? ? A G   58  A C   70  1_555 ? ? ? ? ? ? WATSON-CRICK         ?     
? ? 
hydrog68 hydrog ?    ? A G   42 N2    ? ? ? 1_555 A C   54 O2 ? ? A G   58  A C   70  1_555 ? ? ? ? ? ? WATSON-CRICK         ?     
? ? 
hydrog69 hydrog ?    ? A G   42 O6    ? ? ? 1_555 A C   54 N4 ? ? A G   58  A C   70  1_555 ? ? ? ? ? ? WATSON-CRICK         ?     
? ? 
hydrog70 hydrog ?    ? A A   43 N1    ? ? ? 1_555 A U   53 N3 ? ? A A   59  A U   69  1_555 ? ? ? ? ? ? WATSON-CRICK         ?     
? ? 
hydrog71 hydrog ?    ? A A   43 N6    ? ? ? 1_555 A U   53 O4 ? ? A A   59  A U   69  1_555 ? ? ? ? ? ? WATSON-CRICK         ?     
? ? 
hydrog72 hydrog ?    ? A A   44 N6    ? ? ? 1_555 A A   52 N1 ? ? A A   60  A A   68  1_555 ? ? ? ? ? ? 'A-A MISPAIR'        ?     
? ? 
hydrog73 hydrog ?    ? A C   46 O2    ? ? ? 1_555 A A   50 N6 ? ? A C   62  A A   66  1_555 ? ? ? ? ? ? 'C-A MISPAIR'        ?     
? ? 
# 
loop_
_struct_conn_type.id 
_struct_conn_type.criteria 
_struct_conn_type.reference 
covale ? ? 
metalc ? ? 
hydrog ? ? 
# 
loop_
_struct_site.id 
_struct_site.pdbx_evidence_code 
_struct_site.pdbx_auth_asym_id 
_struct_site.pdbx_auth_comp_id 
_struct_site.pdbx_auth_seq_id 
_struct_site.pdbx_auth_ins_code 
_struct_site.pdbx_num_residues 
_struct_site.details 
AC1 Software A GNG 101 ? 12 'binding site for residue GNG A 101' 
AC2 Software A NCO 102 ? 5  'binding site for residue NCO A 102' 
AC3 Software A NCO 103 ? 5  'binding site for residue NCO A 103' 
AC4 Software A NCO 104 ? 5  'binding site for residue NCO A 104' 
AC5 Software A NCO 105 ? 3  'binding site for residue NCO A 105' 
AC6 Software A NCO 106 ? 3  'binding site for residue NCO A 106' 
AC7 Software A MG  107 ? 3  'binding site for residue MG A 107'  
AC8 Software A MG  108 ? 3  'binding site for residue MG A 108'  
AC9 Software A MG  109 ? 1  'binding site for residue MG A 109'  
AD1 Software A MG  110 ? 5  'binding site for residue MG A 110'  
# 
loop_
_struct_site_gen.id 
_struct_site_gen.site_id 
_struct_site_gen.pdbx_num_res 
_struct_site_gen.label_comp_id 
_struct_site_gen.label_asym_id 
_struct_site_gen.label_seq_id 
_struct_site_gen.pdbx_auth_ins_code 
_struct_site_gen.auth_comp_id 
_struct_site_gen.auth_asym_id 
_struct_site_gen.auth_seq_id 
_struct_site_gen.label_atom_id 
_struct_site_gen.label_alt_id 
_struct_site_gen.symmetry 
_struct_site_gen.details 
1  AC1 12 G   A 5  ? G   A 21  . ? 1_555 ? 
2  AC1 12 U   A 6  ? U   A 22  . ? 1_555 ? 
3  AC1 12 C   A 31 ? C   A 47  . ? 1_555 ? 
4  AC1 12 C   A 32 ? C   A 48  . ? 1_555 ? 
5  AC1 12 U   A 33 ? U   A 49  . ? 1_555 ? 
6  AC1 12 C   A 34 ? C   A 50  . ? 1_555 ? 
7  AC1 12 C   A 35 ? C   A 51  . ? 1_555 ? 
8  AC1 12 A   A 36 ? A   A 52  . ? 1_555 ? 
9  AC1 12 C   A 62 ? C   A 78  . ? 1_555 ? 
10 AC1 12 C   A 63 ? C   A 79  . ? 1_555 ? 
11 AC1 12 NCO D .  ? NCO A 103 . ? 1_555 ? 
12 AC1 12 MG  K .  ? MG  A 110 . ? 1_555 ? 
13 AC2 5  U   A 11 ? U   A 27  . ? 1_555 ? 
14 AC2 5  G   A 26 ? G   A 42  . ? 1_555 ? 
15 AC2 5  G   A 27 ? G   A 43  . ? 1_555 ? 
16 AC2 5  G   A 28 ? G   A 44  . ? 1_555 ? 
17 AC2 5  C   A 38 ? C   A 54  . ? 1_555 ? 
18 AC3 5  G   A 30 ? G   A 46  . ? 1_555 ? 
19 AC3 5  C   A 31 ? C   A 47  . ? 1_555 ? 
20 AC3 5  C   A 32 ? C   A 48  . ? 1_555 ? 
21 AC3 5  C   A 34 ? C   A 50  . ? 1_555 ? 
22 AC3 5  GNG B .  ? GNG A 101 . ? 1_555 ? 
23 AC4 5  U   A 4  ? U   A 20  . ? 1_555 ? 
24 AC4 5  G   A 5  ? G   A 21  . ? 1_555 ? 
25 AC4 5  U   A 6  ? U   A 22  . ? 1_555 ? 
26 AC4 5  A   A 7  ? A   A 23  . ? 1_555 ? 
27 AC4 5  MG  K .  ? MG  A 110 . ? 1_555 ? 
28 AC5 3  GTP A 1  ? GTP A 17  . ? 1_555 ? 
29 AC5 3  G   A 2  ? G   A 18  . ? 1_555 ? 
30 AC5 3  C   A 60 ? C   A 76  . ? 1_555 ? 
31 AC6 3  U   A 24 ? U   A 40  . ? 1_555 ? 
32 AC6 3  A   A 39 ? A   A 55  . ? 1_555 ? 
33 AC6 3  G   A 40 ? G   A 56  . ? 1_555 ? 
34 AC7 3  A   A 8  ? A   A 24  . ? 1_555 ? 
35 AC7 3  HOH M .  ? HOH A 205 . ? 1_555 ? 
36 AC7 3  HOH M .  ? HOH A 209 . ? 1_555 ? 
37 AC8 3  A   A 7  ? A   A 23  . ? 1_555 ? 
38 AC8 3  A   A 8  ? A   A 24  . ? 1_555 ? 
39 AC8 3  MG  K .  ? MG  A 110 . ? 1_555 ? 
40 AC9 1  U   A 41 ? U   A 57  . ? 1_555 ? 
41 AD1 5  U   A 6  ? U   A 22  . ? 1_555 ? 
42 AD1 5  A   A 7  ? A   A 23  . ? 1_555 ? 
43 AD1 5  GNG B .  ? GNG A 101 . ? 1_555 ? 
44 AD1 5  NCO E .  ? NCO A 104 . ? 1_555 ? 
45 AD1 5  MG  I .  ? MG  A 108 . ? 1_555 ? 
# 
_atom_sites.entry_id                    6P2H 
_atom_sites.fract_transf_matrix[1][1]   -0.00005887 
_atom_sites.fract_transf_matrix[1][2]   -0.00365808 
_atom_sites.fract_transf_matrix[1][3]   0.01026024 
_atom_sites.fract_transf_matrix[2][1]   0.01023975 
_atom_sites.fract_transf_matrix[2][2]   -0.00351792 
_atom_sites.fract_transf_matrix[2][3]   -0.00119549 
_atom_sites.fract_transf_matrix[3][1]   0.00438622 
_atom_sites.fract_transf_matrix[3][2]   0.01137982 
_atom_sites.fract_transf_matrix[3][3]   0.00408241 
_atom_sites.fract_transf_vector[1]      2.177243 
_atom_sites.fract_transf_vector[2]      1.261703 
_atom_sites.fract_transf_vector[3]      0.121855 
# 
loop_
_atom_type.symbol 
_atom_type.scat_dispersion_real 
_atom_type.scat_dispersion_imag 
_atom_type.scat_Cromer_Mann_a1 
_atom_type.scat_Cromer_Mann_a2 
_atom_type.scat_Cromer_Mann_b1 
_atom_type.scat_Cromer_Mann_b2 
_atom_type.scat_Cromer_Mann_c 
_atom_type.scat_source 
_atom_type.scat_dispersion_source 
C  ? ? 3.54356  2.42580 25.62398 1.50364  0.0 
;2-Gaussian fit: Grosse-Kunstleve RW, Sauter NK, Adams PD: Newsletter of the IUCr Commission on Crystallographic Computing 2004, 3, 22-31.
;
? 
CO ? ? 21.85313 5.04979 2.45200  36.11361 0.0 
;2-Gaussian fit: Grosse-Kunstleve RW, Sauter NK, Adams PD: Newsletter of the IUCr Commission on Crystallographic Computing 2004, 3, 22-31.
;
? 
MG ? ? 9.41153  2.53737 2.59044  63.03566 0.0 
;2-Gaussian fit: Grosse-Kunstleve RW, Sauter NK, Adams PD: Newsletter of the IUCr Commission on Crystallographic Computing 2004, 3, 22-31.
;
? 
N  ? ? 4.01032  2.96436 19.97189 1.75589  0.0 
;2-Gaussian fit: Grosse-Kunstleve RW, Sauter NK, Adams PD: Newsletter of the IUCr Commission on Crystallographic Computing 2004, 3, 22-31.
;
? 
O  ? ? 7.96527  ?       9.05267  ?        0.0 
;1-Gaussian fit: Grosse-Kunstleve RW, Sauter NK, Adams PD: Newsletter of the IUCr Commission on Crystallographic Computing 2004, 3, 22-31.
;
? 
P  ? ? 9.51135  5.44231 1.42069  35.72801 0.0 
;2-Gaussian fit: Grosse-Kunstleve RW, Sauter NK, Adams PD: Newsletter of the IUCr Commission on Crystallographic Computing 2004, 3, 22-31.
;
? 
# 
loop_
_atom_site.group_PDB 
_atom_site.id 
_atom_site.type_symbol 
_atom_site.label_atom_id 
_atom_site.label_alt_id 
_atom_site.label_comp_id 
_atom_site.label_asym_id 
_atom_site.label_entity_id 
_atom_site.label_seq_id 
_atom_site.pdbx_PDB_ins_code 
_atom_site.Cartn_x 
_atom_site.Cartn_y 
_atom_site.Cartn_z 
_atom_site.occupancy 
_atom_site.B_iso_or_equiv 
_atom_site.pdbx_formal_charge 
_atom_site.auth_seq_id 
_atom_site.auth_comp_id 
_atom_site.auth_asym_id 
_atom_site.auth_atom_id 
_atom_site.pdbx_PDB_model_num 
HETATM 1    P  PG    . GTP A 1 1  ? 21.129  9.225   -10.189 1.00 122.70 ? 17  GTP A PG    1 
HETATM 2    O  O1G   . GTP A 1 1  ? 22.361  8.384   -10.422 1.00 109.24 ? 17  GTP A O1G   1 
HETATM 3    O  O2G   . GTP A 1 1  ? 21.004  9.549   -8.719  1.00 92.92  ? 17  GTP A O2G   1 
HETATM 4    O  O3G   . GTP A 1 1  ? 19.904  8.469   -10.646 1.00 91.86  ? 17  GTP A O3G   1 
HETATM 5    O  O3B   . GTP A 1 1  ? 21.286  10.592  -11.026 1.00 97.75  ? 17  GTP A O3B   1 
HETATM 6    P  PB    . GTP A 1 1  ? 21.332  10.588  -12.636 1.00 86.56  ? 17  GTP A PB    1 
HETATM 7    O  O1B   . GTP A 1 1  ? 22.483  9.726   -13.097 1.00 75.83  ? 17  GTP A O1B   1 
HETATM 8    O  O2B   . GTP A 1 1  ? 21.461  11.994  -13.176 1.00 72.29  ? 17  GTP A O2B   1 
HETATM 9    O  O3A   . GTP A 1 1  ? 19.941  9.914   -13.097 1.00 75.59  ? 17  GTP A O3A   1 
HETATM 10   P  PA    . GTP A 1 1  ? 18.517  10.508  -12.631 1.00 66.98  ? 17  GTP A PA    1 
HETATM 11   O  O1A   . GTP A 1 1  ? 18.614  11.127  -11.257 1.00 79.10  ? 17  GTP A O1A   1 
HETATM 12   O  O2A   . GTP A 1 1  ? 17.474  9.417   -12.644 1.00 63.92  ? 17  GTP A O2A   1 
HETATM 13   O  "O5'" . GTP A 1 1  ? 18.156  11.656  -13.702 1.00 43.82  ? 17  GTP A "O5'" 1 
HETATM 14   C  "C5'" . GTP A 1 1  ? 16.984  11.538  -14.474 1.00 47.47  ? 17  GTP A "C5'" 1 
HETATM 15   C  "C4'" . GTP A 1 1  ? 17.253  11.815  -15.948 1.00 45.99  ? 17  GTP A "C4'" 1 
HETATM 16   O  "O4'" . GTP A 1 1  ? 18.565  11.431  -16.306 1.00 48.77  ? 17  GTP A "O4'" 1 
HETATM 17   C  "C3'" . GTP A 1 1  ? 16.315  11.050  -16.862 1.00 51.64  ? 17  GTP A "C3'" 1 
HETATM 18   O  "O3'" . GTP A 1 1  ? 15.148  11.789  -17.146 1.00 49.24  ? 17  GTP A "O3'" 1 
HETATM 19   C  "C2'" . GTP A 1 1  ? 17.160  10.818  -18.096 1.00 48.87  ? 17  GTP A "C2'" 1 
HETATM 20   O  "O2'" . GTP A 1 1  ? 16.972  11.862  -19.022 1.00 46.18  ? 17  GTP A "O2'" 1 
HETATM 21   C  "C1'" . GTP A 1 1  ? 18.592  10.828  -17.583 1.00 42.11  ? 17  GTP A "C1'" 1 
HETATM 22   N  N9    . GTP A 1 1  ? 19.021  9.437   -17.364 1.00 46.96  ? 17  GTP A N9    1 
HETATM 23   C  C8    . GTP A 1 1  ? 19.537  8.959   -16.189 1.00 45.92  ? 17  GTP A C8    1 
HETATM 24   N  N7    . GTP A 1 1  ? 19.817  7.646   -16.341 1.00 46.38  ? 17  GTP A N7    1 
HETATM 25   C  C5    . GTP A 1 1  ? 19.490  7.280   -17.600 1.00 35.15  ? 17  GTP A C5    1 
HETATM 26   C  C6    . GTP A 1 1  ? 19.575  6.064   -18.262 1.00 28.04  ? 17  GTP A C6    1 
HETATM 27   O  O6    . GTP A 1 1  ? 20.022  5.077   -17.681 1.00 36.90  ? 17  GTP A O6    1 
HETATM 28   N  N1    . GTP A 1 1  ? 19.164  5.971   -19.573 1.00 25.09  ? 17  GTP A N1    1 
HETATM 29   C  C2    . GTP A 1 1  ? 18.668  7.086   -20.213 1.00 29.91  ? 17  GTP A C2    1 
HETATM 30   N  N2    . GTP A 1 1  ? 18.268  6.997   -21.477 1.00 34.62  ? 17  GTP A N2    1 
HETATM 31   N  N3    . GTP A 1 1  ? 18.584  8.292   -19.549 1.00 30.18  ? 17  GTP A N3    1 
HETATM 32   C  C4    . GTP A 1 1  ? 18.988  8.394   -18.259 1.00 34.85  ? 17  GTP A C4    1 
ATOM   33   P  P     . G   A 1 2  ? 14.171  10.837  -16.392 1.00 48.03  ? 18  G   A P     1 
ATOM   34   O  OP1   . G   A 1 2  ? 13.510  12.162  -16.280 1.00 50.49  ? 18  G   A OP1   1 
ATOM   35   O  OP2   . G   A 1 2  ? 14.281  9.963   -15.192 1.00 55.25  ? 18  G   A OP2   1 
ATOM   36   O  "O5'" . G   A 1 2  ? 13.425  10.010  -17.530 1.00 41.55  ? 18  G   A "O5'" 1 
ATOM   37   C  "C5'" . G   A 1 2  ? 13.123  10.604  -18.783 1.00 36.75  ? 18  G   A "C5'" 1 
ATOM   38   C  "C4'" . G   A 1 2  ? 13.361  9.645   -19.921 1.00 39.97  ? 18  G   A "C4'" 1 
ATOM   39   O  "O4'" . G   A 1 2  ? 14.760  9.255   -19.955 1.00 37.46  ? 18  G   A "O4'" 1 
ATOM   40   C  "C3'" . G   A 1 2  ? 12.620  8.318   -19.851 1.00 40.27  ? 18  G   A "C3'" 1 
ATOM   41   O  "O3'" . G   A 1 2  ? 11.266  8.404   -20.258 1.00 39.65  ? 18  G   A "O3'" 1 
ATOM   42   C  "C2'" . G   A 1 2  ? 13.471  7.426   -20.739 1.00 38.29  ? 18  G   A "C2'" 1 
ATOM   43   O  "O2'" . G   A 1 2  ? 13.238  7.716   -22.109 1.00 38.55  ? 18  G   A "O2'" 1 
ATOM   44   C  "C1'" . G   A 1 2  ? 14.874  7.911   -20.377 1.00 31.99  ? 18  G   A "C1'" 1 
ATOM   45   N  N9    . G   A 1 2  ? 15.442  7.119   -19.272 1.00 35.59  ? 18  G   A N9    1 
ATOM   46   C  C8    . G   A 1 2  ? 15.760  7.561   -18.010 1.00 37.96  ? 18  G   A C8    1 
ATOM   47   N  N7    . G   A 1 2  ? 16.239  6.619   -17.244 1.00 35.95  ? 18  G   A N7    1 
ATOM   48   C  C5    . G   A 1 2  ? 16.231  5.487   -18.045 1.00 31.65  ? 18  G   A C5    1 
ATOM   49   C  C6    . G   A 1 2  ? 16.636  4.157   -17.761 1.00 34.17  ? 18  G   A C6    1 
ATOM   50   O  O6    . G   A 1 2  ? 17.100  3.702   -16.710 1.00 40.94  ? 18  G   A O6    1 
ATOM   51   N  N1    . G   A 1 2  ? 16.459  3.322   -18.860 1.00 30.42  ? 18  G   A N1    1 
ATOM   52   C  C2    . G   A 1 2  ? 15.958  3.714   -20.077 1.00 29.55  ? 18  G   A C2    1 
ATOM   53   N  N2    . G   A 1 2  ? 15.860  2.760   -21.015 1.00 27.84  ? 18  G   A N2    1 
ATOM   54   N  N3    . G   A 1 2  ? 15.577  4.949   -20.355 1.00 27.58  ? 18  G   A N3    1 
ATOM   55   C  C4    . G   A 1 2  ? 15.741  5.778   -19.300 1.00 33.35  ? 18  G   A C4    1 
ATOM   56   P  P     . G   A 1 3  ? 10.144  7.537   -19.499 1.00 37.60  ? 19  G   A P     1 
ATOM   57   O  OP1   . G   A 1 3  ? 8.813   8.077   -19.877 1.00 32.68  ? 19  G   A OP1   1 
ATOM   58   O  OP2   . G   A 1 3  ? 10.521  7.442   -18.066 1.00 28.86  ? 19  G   A OP2   1 
ATOM   59   O  "O5'" . G   A 1 3  ? 10.300  6.079   -20.119 1.00 35.28  ? 19  G   A "O5'" 1 
ATOM   60   C  "C5'" . G   A 1 3  ? 10.247  5.870   -21.521 1.00 29.02  ? 19  G   A "C5'" 1 
ATOM   61   C  "C4'" . G   A 1 3  ? 10.524  4.431   -21.870 1.00 28.47  ? 19  G   A "C4'" 1 
ATOM   62   O  "O4'" . G   A 1 3  ? 11.926  4.127   -21.644 1.00 37.72  ? 19  G   A "O4'" 1 
ATOM   63   C  "C3'" . G   A 1 3  ? 9.790   3.394   -21.038 1.00 31.52  ? 19  G   A "C3'" 1 
ATOM   64   O  "O3'" . G   A 1 3  ? 8.450   3.195   -21.450 1.00 33.03  ? 19  G   A "O3'" 1 
ATOM   65   C  "C2'" . G   A 1 3  ? 10.670  2.164   -21.194 1.00 30.21  ? 19  G   A "C2'" 1 
ATOM   66   O  "O2'" . G   A 1 3  ? 10.459  1.560   -22.462 1.00 35.45  ? 19  G   A "O2'" 1 
ATOM   67   C  "C1'" . G   A 1 3  ? 12.062  2.796   -21.189 1.00 26.29  ? 19  G   A "C1'" 1 
ATOM   68   N  N9    . G   A 1 3  ? 12.651  2.819   -19.838 1.00 26.32  ? 19  G   A N9    1 
ATOM   69   C  C8    . G   A 1 3  ? 12.867  3.926   -19.052 1.00 31.23  ? 19  G   A C8    1 
ATOM   70   N  N7    . G   A 1 3  ? 13.405  3.638   -17.899 1.00 35.47  ? 19  G   A N7    1 
ATOM   71   C  C5    . G   A 1 3  ? 13.553  2.258   -17.921 1.00 29.45  ? 19  G   A C5    1 
ATOM   72   C  C6    . G   A 1 3  ? 14.083  1.376   -16.943 1.00 34.20  ? 19  G   A C6    1 
ATOM   73   O  O6    . G   A 1 3  ? 14.541  1.645   -15.827 1.00 38.58  ? 19  G   A O6    1 
ATOM   74   N  N1    . G   A 1 3  ? 14.044  0.054   -17.374 1.00 32.19  ? 19  G   A N1    1 
ATOM   75   C  C2    . G   A 1 3  ? 13.559  -0.366  -18.587 1.00 30.09  ? 19  G   A C2    1 
ATOM   76   N  N2    . G   A 1 3  ? 13.611  -1.686  -18.816 1.00 28.88  ? 19  G   A N2    1 
ATOM   77   N  N3    . G   A 1 3  ? 13.065  0.446   -19.507 1.00 35.03  ? 19  G   A N3    1 
ATOM   78   C  C4    . G   A 1 3  ? 13.093  1.737   -19.112 1.00 30.29  ? 19  G   A C4    1 
ATOM   79   P  P     . U   A 1 4  ? 7.310   2.899   -20.358 1.00 23.51  ? 20  U   A P     1 
ATOM   80   O  OP1   . U   A 1 4  ? 5.991   3.022   -21.029 1.00 39.85  ? 20  U   A OP1   1 
ATOM   81   O  OP2   . U   A 1 4  ? 7.602   3.710   -19.148 1.00 33.52  ? 20  U   A OP2   1 
ATOM   82   O  "O5'" . U   A 1 4  ? 7.535   1.370   -19.976 1.00 34.02  ? 20  U   A "O5'" 1 
ATOM   83   C  "C5'" . U   A 1 4  ? 7.484   0.361   -20.971 1.00 25.04  ? 20  U   A "C5'" 1 
ATOM   84   C  "C4'" . U   A 1 4  ? 7.857   -0.988  -20.414 1.00 27.92  ? 20  U   A "C4'" 1 
ATOM   85   O  "O4'" . U   A 1 4  ? 9.274   -1.029  -20.098 1.00 30.25  ? 20  U   A "O4'" 1 
ATOM   86   C  "C3'" . U   A 1 4  ? 7.190   -1.387  -19.109 1.00 26.32  ? 20  U   A "C3'" 1 
ATOM   87   O  "O3'" . U   A 1 4  ? 5.856   -1.829  -19.267 1.00 29.12  ? 20  U   A "O3'" 1 
ATOM   88   C  "C2'" . U   A 1 4  ? 8.135   -2.455  -18.580 1.00 28.88  ? 20  U   A "C2'" 1 
ATOM   89   O  "O2'" . U   A 1 4  ? 7.948   -3.675  -19.283 1.00 28.27  ? 20  U   A "O2'" 1 
ATOM   90   C  "C1'" . U   A 1 4  ? 9.490   -1.871  -18.982 1.00 28.09  ? 20  U   A "C1'" 1 
ATOM   91   N  N1    . U   A 1 4  ? 10.086  -1.076  -17.885 1.00 33.11  ? 20  U   A N1    1 
ATOM   92   C  C2    . U   A 1 4  ? 10.702  -1.774  -16.863 1.00 31.36  ? 20  U   A C2    1 
ATOM   93   O  O2    . U   A 1 4  ? 10.776  -2.990  -16.840 1.00 36.85  ? 20  U   A O2    1 
ATOM   94   N  N3    . U   A 1 4  ? 11.234  -1.000  -15.863 1.00 30.88  ? 20  U   A N3    1 
ATOM   95   C  C4    . U   A 1 4  ? 11.210  0.377   -15.782 1.00 31.44  ? 20  U   A C4    1 
ATOM   96   O  O4    . U   A 1 4  ? 11.734  0.934   -14.817 1.00 35.14  ? 20  U   A O4    1 
ATOM   97   C  C5    . U   A 1 4  ? 10.555  1.026   -16.877 1.00 32.41  ? 20  U   A C5    1 
ATOM   98   C  C6    . U   A 1 4  ? 10.027  0.297   -17.865 1.00 35.50  ? 20  U   A C6    1 
ATOM   99   P  P     . G   A 1 5  ? 4.766   -1.460  -18.148 1.00 27.54  ? 21  G   A P     1 
ATOM   100  O  OP1   . G   A 1 5  ? 3.434   -1.919  -18.619 1.00 24.07  ? 21  G   A OP1   1 
ATOM   101  O  OP2   . G   A 1 5  ? 4.967   -0.035  -17.783 1.00 30.99  ? 21  G   A OP2   1 
ATOM   102  O  "O5'" . G   A 1 5  ? 5.189   -2.345  -16.894 1.00 19.49  ? 21  G   A "O5'" 1 
ATOM   103  C  "C5'" . G   A 1 5  ? 5.086   -3.759  -16.940 1.00 19.72  ? 21  G   A "C5'" 1 
ATOM   104  C  "C4'" . G   A 1 5  ? 5.717   -4.406  -15.734 1.00 23.15  ? 21  G   A "C4'" 1 
ATOM   105  O  "O4'" . G   A 1 5  ? 7.125   -4.066  -15.661 1.00 31.47  ? 21  G   A "O4'" 1 
ATOM   106  C  "C3'" . G   A 1 5  ? 5.177   -3.986  -14.378 1.00 23.32  ? 21  G   A "C3'" 1 
ATOM   107  O  "O3'" . G   A 1 5  ? 3.947   -4.611  -14.053 1.00 37.11  ? 21  G   A "O3'" 1 
ATOM   108  C  "C2'" . G   A 1 5  ? 6.319   -4.365  -13.443 1.00 28.01  ? 21  G   A "C2'" 1 
ATOM   109  O  "O2'" . G   A 1 5  ? 6.309   -5.759  -13.174 1.00 39.91  ? 21  G   A "O2'" 1 
ATOM   110  C  "C1'" . G   A 1 5  ? 7.540   -4.048  -14.310 1.00 28.88  ? 21  G   A "C1'" 1 
ATOM   111  N  N9    . G   A 1 5  ? 8.109   -2.726  -13.988 1.00 27.90  ? 21  G   A N9    1 
ATOM   112  C  C8    . G   A 1 5  ? 7.760   -1.500  -14.496 1.00 25.88  ? 21  G   A C8    1 
ATOM   113  N  N7    . G   A 1 5  ? 8.454   -0.521  -13.979 1.00 28.96  ? 21  G   A N7    1 
ATOM   114  C  C5    . G   A 1 5  ? 9.303   -1.137  -13.069 1.00 29.30  ? 21  G   A C5    1 
ATOM   115  C  C6    . G   A 1 5  ? 10.289  -0.596  -12.203 1.00 30.59  ? 21  G   A C6    1 
ATOM   116  O  O6    . G   A 1 5  ? 10.625  0.585   -12.059 1.00 38.13  ? 21  G   A O6    1 
ATOM   117  N  N1    . G   A 1 5  ? 10.915  -1.585  -11.452 1.00 29.23  ? 21  G   A N1    1 
ATOM   118  C  C2    . G   A 1 5  ? 10.631  -2.925  -11.522 1.00 28.68  ? 21  G   A C2    1 
ATOM   119  N  N2    . G   A 1 5  ? 11.345  -3.727  -10.718 1.00 27.72  ? 21  G   A N2    1 
ATOM   120  N  N3    . G   A 1 5  ? 9.718   -3.443  -12.325 1.00 27.84  ? 21  G   A N3    1 
ATOM   121  C  C4    . G   A 1 5  ? 9.096   -2.498  -13.061 1.00 28.80  ? 21  G   A C4    1 
ATOM   122  P  P     . U   A 1 6  ? 2.629   -3.724  -13.805 1.00 33.93  ? 22  U   A P     1 
ATOM   123  O  OP1   . U   A 1 6  ? 1.486   -4.651  -13.600 1.00 30.30  ? 22  U   A OP1   1 
ATOM   124  O  OP2   . U   A 1 6  ? 2.554   -2.692  -14.869 1.00 22.33  ? 22  U   A OP2   1 
ATOM   125  O  "O5'" . U   A 1 6  ? 2.918   -2.978  -12.430 1.00 27.18  ? 22  U   A "O5'" 1 
ATOM   126  C  "C5'" . U   A 1 6  ? 2.068   -1.931  -11.971 1.00 26.22  ? 22  U   A "C5'" 1 
ATOM   127  C  "C4'" . U   A 1 6  ? 2.733   -1.093  -10.908 1.00 27.35  ? 22  U   A "C4'" 1 
ATOM   128  O  "O4'" . U   A 1 6  ? 2.988   -1.916  -9.736  1.00 26.92  ? 22  U   A "O4'" 1 
ATOM   129  C  "C3'" . U   A 1 6  ? 4.078   -0.484  -11.301 1.00 29.84  ? 22  U   A "C3'" 1 
ATOM   130  O  "O3'" . U   A 1 6  ? 4.241   0.777   -10.654 1.00 34.71  ? 22  U   A "O3'" 1 
ATOM   131  C  "C2'" . U   A 1 6  ? 5.076   -1.468  -10.707 1.00 37.11  ? 22  U   A "C2'" 1 
ATOM   132  O  "O2'" . U   A 1 6  ? 6.350   -0.916  -10.453 1.00 29.85  ? 22  U   A "O2'" 1 
ATOM   133  C  "C1'" . U   A 1 6  ? 4.365   -1.877  -9.418  1.00 30.61  ? 22  U   A "C1'" 1 
ATOM   134  N  N1    . U   A 1 6  ? 4.753   -3.198  -8.907  1.00 23.49  ? 22  U   A N1    1 
ATOM   135  C  C2    . U   A 1 6  ? 5.518   -3.233  -7.761  1.00 28.30  ? 22  U   A C2    1 
ATOM   136  O  O2    . U   A 1 6  ? 5.876   -2.222  -7.181  1.00 34.50  ? 22  U   A O2    1 
ATOM   137  N  N3    . U   A 1 6  ? 5.856   -4.491  -7.328  1.00 30.22  ? 22  U   A N3    1 
ATOM   138  C  C4    . U   A 1 6  ? 5.504   -5.689  -7.915  1.00 29.60  ? 22  U   A C4    1 
ATOM   139  O  O4    . U   A 1 6  ? 5.883   -6.744  -7.406  1.00 33.19  ? 22  U   A O4    1 
ATOM   140  C  C5    . U   A 1 6  ? 4.708   -5.566  -9.097  1.00 27.80  ? 22  U   A C5    1 
ATOM   141  C  C6    . U   A 1 6  ? 4.367   -4.352  -9.543  1.00 28.99  ? 22  U   A C6    1 
ATOM   142  P  P     . A   A 1 7  ? 3.356   2.040   -11.099 1.00 49.94  ? 23  A   A P     1 
ATOM   143  O  OP1   . A   A 1 7  ? 2.971   1.868   -12.525 1.00 32.10  ? 23  A   A OP1   1 
ATOM   144  O  OP2   . A   A 1 7  ? 4.077   3.265   -10.672 1.00 45.09  ? 23  A   A OP2   1 
ATOM   145  O  "O5'" . A   A 1 7  ? 2.046   1.911   -10.202 1.00 41.95  ? 23  A   A "O5'" 1 
ATOM   146  C  "C5'" . A   A 1 7  ? 0.960   2.809   -10.360 1.00 41.33  ? 23  A   A "C5'" 1 
ATOM   147  C  "C4'" . A   A 1 7  ? -0.189  2.442   -9.457  1.00 45.93  ? 23  A   A "C4'" 1 
ATOM   148  O  "O4'" . A   A 1 7  ? -0.700  1.138   -9.823  1.00 42.24  ? 23  A   A "O4'" 1 
ATOM   149  C  "C3'" . A   A 1 7  ? 0.134   2.305   -7.977  1.00 42.82  ? 23  A   A "C3'" 1 
ATOM   150  O  "O3'" . A   A 1 7  ? 0.192   3.557   -7.311  1.00 41.26  ? 23  A   A "O3'" 1 
ATOM   151  C  "C2'" . A   A 1 7  ? -0.992  1.405   -7.471  1.00 45.22  ? 23  A   A "C2'" 1 
ATOM   152  O  "O2'" . A   A 1 7  ? -2.164  2.163   -7.215  1.00 42.17  ? 23  A   A "O2'" 1 
ATOM   153  C  "C1'" . A   A 1 7  ? -1.252  0.507   -8.687  1.00 44.83  ? 23  A   A "C1'" 1 
ATOM   154  N  N9    . A   A 1 7  ? -0.706  -0.865  -8.557  1.00 44.21  ? 23  A   A N9    1 
ATOM   155  C  C8    . A   A 1 7  ? -1.260  -1.968  -9.160  1.00 39.60  ? 23  A   A C8    1 
ATOM   156  N  N7    . A   A 1 7  ? -0.639  -3.094  -8.924  1.00 34.05  ? 23  A   A N7    1 
ATOM   157  C  C5    . A   A 1 7  ? 0.409   -2.717  -8.100  1.00 31.17  ? 23  A   A C5    1 
ATOM   158  C  C6    . A   A 1 7  ? 1.436   -3.471  -7.504  1.00 37.21  ? 23  A   A C6    1 
ATOM   159  N  N6    . A   A 1 7  ? 1.568   -4.792  -7.656  1.00 27.29  ? 23  A   A N6    1 
ATOM   160  N  N1    . A   A 1 7  ? 2.334   -2.816  -6.738  1.00 36.17  ? 23  A   A N1    1 
ATOM   161  C  C2    . A   A 1 7  ? 2.195   -1.494  -6.590  1.00 38.47  ? 23  A   A C2    1 
ATOM   162  N  N3    . A   A 1 7  ? 1.275   -0.678  -7.102  1.00 34.78  ? 23  A   A N3    1 
ATOM   163  C  C4    . A   A 1 7  ? 0.391   -1.350  -7.862  1.00 31.49  ? 23  A   A C4    1 
ATOM   164  P  P     . A   A 1 8  ? 1.607   4.226   -6.931  1.00 44.57  ? 24  A   A P     1 
ATOM   165  O  OP1   . A   A 1 8  ? 1.332   5.397   -6.062  1.00 37.58  ? 24  A   A OP1   1 
ATOM   166  O  OP2   . A   A 1 8  ? 2.410   4.410   -8.163  1.00 50.52  ? 24  A   A OP2   1 
ATOM   167  O  "O5'" . A   A 1 8  ? 2.335   3.124   -6.043  1.00 43.20  ? 24  A   A "O5'" 1 
ATOM   168  C  "C5'" . A   A 1 8  ? 1.993   2.947   -4.678  1.00 41.66  ? 24  A   A "C5'" 1 
ATOM   169  C  "C4'" . A   A 1 8  ? 2.815   1.852   -4.047  1.00 41.55  ? 24  A   A "C4'" 1 
ATOM   170  O  "O4'" . A   A 1 8  ? 4.210   2.240   -4.007  1.00 39.54  ? 24  A   A "O4'" 1 
ATOM   171  C  "C3'" . A   A 1 8  ? 2.487   1.518   -2.602  1.00 41.62  ? 24  A   A "C3'" 1 
ATOM   172  O  "O3'" . A   A 1 8  ? 1.357   0.673   -2.485  1.00 46.28  ? 24  A   A "O3'" 1 
ATOM   173  C  "C2'" . A   A 1 8  ? 3.776   0.875   -2.107  1.00 44.38  ? 24  A   A "C2'" 1 
ATOM   174  O  "O2'" . A   A 1 8  ? 3.849   -0.482  -2.516  1.00 48.16  ? 24  A   A "O2'" 1 
ATOM   175  C  "C1'" . A   A 1 8  ? 4.834   1.669   -2.877  1.00 43.01  ? 24  A   A "C1'" 1 
ATOM   176  N  N9    . A   A 1 8  ? 5.445   2.738   -2.065  1.00 37.66  ? 24  A   A N9    1 
ATOM   177  C  C8    . A   A 1 8  ? 5.308   4.097   -2.203  1.00 41.17  ? 24  A   A C8    1 
ATOM   178  N  N7    . A   A 1 8  ? 5.995   4.787   -1.324  1.00 41.29  ? 24  A   A N7    1 
ATOM   179  C  C5    . A   A 1 8  ? 6.633   3.819   -0.561  1.00 41.38  ? 24  A   A C5    1 
ATOM   180  C  C6    . A   A 1 8  ? 7.512   3.898   0.535   1.00 47.27  ? 24  A   A C6    1 
ATOM   181  N  N6    . A   A 1 8  ? 7.919   5.048   1.079   1.00 45.55  ? 24  A   A N6    1 
ATOM   182  N  N1    . A   A 1 8  ? 7.964   2.740   1.066   1.00 46.64  ? 24  A   A N1    1 
ATOM   183  C  C2    . A   A 1 8  ? 7.555   1.588   0.521   1.00 48.26  ? 24  A   A C2    1 
ATOM   184  N  N3    . A   A 1 8  ? 6.736   1.383   -0.508  1.00 41.55  ? 24  A   A N3    1 
ATOM   185  C  C4    . A   A 1 8  ? 6.304   2.553   -1.010  1.00 39.24  ? 24  A   A C4    1 
ATOM   186  P  P     . U   A 1 9  ? 0.265   0.930   -1.336  1.00 50.83  ? 25  U   A P     1 
ATOM   187  O  OP1   . U   A 1 9  ? 0.044   2.395   -1.230  1.00 35.36  ? 25  U   A OP1   1 
ATOM   188  O  OP2   . U   A 1 9  ? 0.670   0.151   -0.138  1.00 40.46  ? 25  U   A OP2   1 
ATOM   189  O  "O5'" . U   A 1 9  ? -1.067  0.286   -1.928  1.00 31.95  ? 25  U   A "O5'" 1 
ATOM   190  C  "C5'" . U   A 1 9  ? -1.738  0.890   -3.023  1.00 32.43  ? 25  U   A "C5'" 1 
ATOM   191  C  "C4'" . U   A 1 9  ? -2.163  -0.131  -4.047  1.00 45.99  ? 25  U   A "C4'" 1 
ATOM   192  O  "O4'" . U   A 1 9  ? -0.995  -0.782  -4.610  1.00 49.63  ? 25  U   A "O4'" 1 
ATOM   193  C  "C3'" . U   A 1 9  ? -3.012  -1.283  -3.530  1.00 44.28  ? 25  U   A "C3'" 1 
ATOM   194  O  "O3'" . U   A 1 9  ? -4.379  -0.939  -3.382  1.00 47.34  ? 25  U   A "O3'" 1 
ATOM   195  C  "C2'" . U   A 1 9  ? -2.763  -2.369  -4.568  1.00 45.85  ? 25  U   A "C2'" 1 
ATOM   196  O  "O2'" . U   A 1 9  ? -3.531  -2.134  -5.739  1.00 37.79  ? 25  U   A "O2'" 1 
ATOM   197  C  "C1'" . U   A 1 9  ? -1.290  -2.132  -4.905  1.00 43.34  ? 25  U   A "C1'" 1 
ATOM   198  N  N1    . U   A 1 9  ? -0.386  -2.998  -4.114  1.00 34.65  ? 25  U   A N1    1 
ATOM   199  C  C2    . U   A 1 9  ? -0.355  -4.349  -4.413  1.00 34.89  ? 25  U   A C2    1 
ATOM   200  O  O2    . U   A 1 9  ? -1.039  -4.856  -5.287  1.00 42.89  ? 25  U   A O2    1 
ATOM   201  N  N3    . U   A 1 9  ? 0.505   -5.093  -3.646  1.00 29.66  ? 25  U   A N3    1 
ATOM   202  C  C4    . U   A 1 9  ? 1.324   -4.635  -2.635  1.00 38.00  ? 25  U   A C4    1 
ATOM   203  O  O4    . U   A 1 9  ? 2.047   -5.431  -2.033  1.00 44.63  ? 25  U   A O4    1 
ATOM   204  C  C5    . U   A 1 9  ? 1.238   -3.227  -2.389  1.00 39.36  ? 25  U   A C5    1 
ATOM   205  C  C6    . U   A 1 9  ? 0.407   -2.477  -3.120  1.00 34.33  ? 25  U   A C6    1 
ATOM   206  P  P     . C   A 1 10 ? -5.234  -1.532  -2.156  1.00 52.53  ? 26  C   A P     1 
ATOM   207  O  OP1   . C   A 1 10 ? -6.530  -0.808  -2.122  1.00 54.12  ? 26  C   A OP1   1 
ATOM   208  O  OP2   . C   A 1 10 ? -4.369  -1.553  -0.950  1.00 33.22  ? 26  C   A OP2   1 
ATOM   209  O  "O5'" . C   A 1 10 ? -5.527  -3.038  -2.582  1.00 45.08  ? 26  C   A "O5'" 1 
ATOM   210  C  "C5'" . C   A 1 10 ? -6.243  -3.329  -3.773  1.00 43.88  ? 26  C   A "C5'" 1 
ATOM   211  C  "C4'" . C   A 1 10 ? -6.139  -4.789  -4.137  1.00 40.32  ? 26  C   A "C4'" 1 
ATOM   212  O  "O4'" . C   A 1 10 ? -4.753  -5.131  -4.403  1.00 43.08  ? 26  C   A "O4'" 1 
ATOM   213  C  "C3'" . C   A 1 10 ? -6.560  -5.774  -3.058  1.00 41.80  ? 26  C   A "C3'" 1 
ATOM   214  O  "O3'" . C   A 1 10 ? -7.964  -5.952  -2.988  1.00 41.43  ? 26  C   A "O3'" 1 
ATOM   215  C  "C2'" . C   A 1 10 ? -5.802  -7.034  -3.449  1.00 37.03  ? 26  C   A "C2'" 1 
ATOM   216  O  "O2'" . C   A 1 10 ? -6.450  -7.697  -4.524  1.00 34.64  ? 26  C   A "O2'" 1 
ATOM   217  C  "C1'" . C   A 1 10 ? -4.489  -6.449  -3.968  1.00 39.17  ? 26  C   A "C1'" 1 
ATOM   218  N  N1    . C   A 1 10 ? -3.445  -6.400  -2.919  1.00 36.43  ? 26  C   A N1    1 
ATOM   219  C  C2    . C   A 1 10 ? -2.819  -7.586  -2.516  1.00 36.99  ? 26  C   A C2    1 
ATOM   220  O  O2    . C   A 1 10 ? -3.155  -8.658  -3.043  1.00 39.01  ? 26  C   A O2    1 
ATOM   221  N  N3    . C   A 1 10 ? -1.862  -7.538  -1.561  1.00 34.02  ? 26  C   A N3    1 
ATOM   222  C  C4    . C   A 1 10 ? -1.522  -6.371  -1.014  1.00 34.72  ? 26  C   A C4    1 
ATOM   223  N  N4    . C   A 1 10 ? -0.573  -6.367  -0.076  1.00 32.56  ? 26  C   A N4    1 
ATOM   224  C  C5    . C   A 1 10 ? -2.140  -5.148  -1.407  1.00 35.91  ? 26  C   A C5    1 
ATOM   225  C  C6    . C   A 1 10 ? -3.084  -5.209  -2.352  1.00 37.40  ? 26  C   A C6    1 
ATOM   226  P  P     . U   A 1 11 ? -8.680  -6.171  -1.565  1.00 47.40  ? 27  U   A P     1 
ATOM   227  O  OP1   . U   A 1 11 ? -10.147 -6.199  -1.796  1.00 42.70  ? 27  U   A OP1   1 
ATOM   228  O  OP2   . U   A 1 11 ? -8.105  -5.197  -0.601  1.00 32.81  ? 27  U   A OP2   1 
ATOM   229  O  "O5'" . U   A 1 11 ? -8.224  -7.634  -1.124  1.00 42.79  ? 27  U   A "O5'" 1 
ATOM   230  C  "C5'" . U   A 1 11 ? -8.547  -8.767  -1.917  1.00 40.10  ? 27  U   A "C5'" 1 
ATOM   231  C  "C4'" . U   A 1 11 ? -7.742  -9.979  -1.515  1.00 53.01  ? 27  U   A "C4'" 1 
ATOM   232  O  "O4'" . U   A 1 11 ? -6.326  -9.716  -1.690  1.00 52.77  ? 27  U   A "O4'" 1 
ATOM   233  C  "C3'" . U   A 1 11 ? -7.859  -10.408 -0.062  1.00 51.02  ? 27  U   A "C3'" 1 
ATOM   234  O  "O3'" . U   A 1 11 ? -9.033  -11.157 0.196   1.00 52.03  ? 27  U   A "O3'" 1 
ATOM   235  C  "C2'" . U   A 1 11 ? -6.573  -11.194 0.158   1.00 49.28  ? 27  U   A "C2'" 1 
ATOM   236  O  "O2'" . U   A 1 11 ? -6.688  -12.506 -0.374  1.00 55.98  ? 27  U   A "O2'" 1 
ATOM   237  C  "C1'" . U   A 1 11 ? -5.583  -10.408 -0.706  1.00 42.78  ? 27  U   A "C1'" 1 
ATOM   238  N  N1    . U   A 1 11 ? -4.802  -9.428  0.082   1.00 40.34  ? 27  U   A N1    1 
ATOM   239  C  C2    . U   A 1 11 ? -3.755  -9.906  0.850   1.00 41.30  ? 27  U   A C2    1 
ATOM   240  O  O2    . U   A 1 11 ? -3.457  -11.086 0.907   1.00 42.99  ? 27  U   A O2    1 
ATOM   241  N  N3    . U   A 1 11 ? -3.066  -8.951  1.556   1.00 34.79  ? 27  U   A N3    1 
ATOM   242  C  C4    . U   A 1 11 ? -3.311  -7.593  1.570   1.00 37.90  ? 27  U   A C4    1 
ATOM   243  O  O4    . U   A 1 11 ? -2.603  -6.857  2.258   1.00 40.51  ? 27  U   A O4    1 
ATOM   244  C  C5    . U   A 1 11 ? -4.407  -7.178  0.749   1.00 36.10  ? 27  U   A C5    1 
ATOM   245  C  C6    . U   A 1 11 ? -5.096  -8.086  0.050   1.00 35.88  ? 27  U   A C6    1 
ATOM   246  P  P     . C   A 1 12 ? -9.773  -11.044 1.619   1.00 59.16  ? 28  C   A P     1 
ATOM   247  O  OP1   . C   A 1 12 ? -11.185 -11.465 1.429   1.00 47.53  ? 28  C   A OP1   1 
ATOM   248  O  OP2   . C   A 1 12 ? -9.476  -9.705  2.191   1.00 59.80  ? 28  C   A OP2   1 
ATOM   249  O  "O5'" . C   A 1 12 ? -9.039  -12.134 2.521   1.00 56.62  ? 28  C   A "O5'" 1 
ATOM   250  C  "C5'" . C   A 1 12 ? -8.993  -13.495 2.121   1.00 51.30  ? 28  C   A "C5'" 1 
ATOM   251  C  "C4'" . C   A 1 12 ? -7.912  -14.258 2.846   1.00 51.50  ? 28  C   A "C4'" 1 
ATOM   252  O  "O4'" . C   A 1 12 ? -6.607  -13.715 2.514   1.00 51.85  ? 28  C   A "O4'" 1 
ATOM   253  C  "C3'" . C   A 1 12 ? -7.951  -14.206 4.366   1.00 57.36  ? 28  C   A "C3'" 1 
ATOM   254  O  "O3'" . C   A 1 12 ? -8.904  -15.092 4.926   1.00 64.42  ? 28  C   A "O3'" 1 
ATOM   255  C  "C2'" . C   A 1 12 ? -6.514  -14.539 4.743   1.00 57.33  ? 28  C   A "C2'" 1 
ATOM   256  O  "O2'" . C   A 1 12 ? -6.282  -15.938 4.656   1.00 58.16  ? 28  C   A "O2'" 1 
ATOM   257  C  "C1'" . C   A 1 12 ? -5.736  -13.851 3.618   1.00 51.00  ? 28  C   A "C1'" 1 
ATOM   258  N  N1    . C   A 1 12 ? -5.248  -12.511 4.018   1.00 45.95  ? 28  C   A N1    1 
ATOM   259  C  C2    . C   A 1 12 ? -4.116  -12.429 4.834   1.00 44.08  ? 28  C   A C2    1 
ATOM   260  O  O2    . C   A 1 12 ? -3.557  -13.474 5.200   1.00 42.62  ? 28  C   A O2    1 
ATOM   261  N  N3    . C   A 1 12 ? -3.654  -11.214 5.211   1.00 41.40  ? 28  C   A N3    1 
ATOM   262  C  C4    . C   A 1 12 ? -4.279  -10.110 4.800   1.00 44.02  ? 28  C   A C4    1 
ATOM   263  N  N4    . C   A 1 12 ? -3.790  -8.932  5.195   1.00 43.46  ? 28  C   A N4    1 
ATOM   264  C  C5    . C   A 1 12 ? -5.433  -10.163 3.968   1.00 45.06  ? 28  C   A C5    1 
ATOM   265  C  C6    . C   A 1 12 ? -5.880  -11.372 3.604   1.00 41.74  ? 28  C   A C6    1 
ATOM   266  P  P     . C   A 1 13 ? -9.662  -14.709 6.291   1.00 74.83  ? 29  C   A P     1 
ATOM   267  O  OP1   . C   A 1 13 ? -10.756 -15.696 6.492   1.00 65.34  ? 29  C   A OP1   1 
ATOM   268  O  OP2   . C   A 1 13 ? -9.986  -13.260 6.259   1.00 61.41  ? 29  C   A OP2   1 
ATOM   269  O  "O5'" . C   A 1 13 ? -8.564  -14.945 7.421   1.00 63.32  ? 29  C   A "O5'" 1 
ATOM   270  C  "C5'" . C   A 1 13 ? -7.943  -16.211 7.581   1.00 61.89  ? 29  C   A "C5'" 1 
ATOM   271  C  "C4'" . C   A 1 13 ? -6.781  -16.141 8.541   1.00 55.48  ? 29  C   A "C4'" 1 
ATOM   272  O  "O4'" . C   A 1 13 ? -5.701  -15.364 7.961   1.00 57.70  ? 29  C   A "O4'" 1 
ATOM   273  C  "C3'" . C   A 1 13 ? -7.054  -15.452 9.868   1.00 59.80  ? 29  C   A "C3'" 1 
ATOM   274  O  "O3'" . C   A 1 13 ? -7.726  -16.285 10.795  1.00 61.64  ? 29  C   A "O3'" 1 
ATOM   275  C  "C2'" . C   A 1 13 ? -5.661  -15.031 10.317  1.00 57.79  ? 29  C   A "C2'" 1 
ATOM   276  O  "O2'" . C   A 1 13 ? -4.962  -16.131 10.881  1.00 64.35  ? 29  C   A "O2'" 1 
ATOM   277  C  "C1'" . C   A 1 13 ? -5.006  -14.670 8.980   1.00 54.96  ? 29  C   A "C1'" 1 
ATOM   278  N  N1    . C   A 1 13 ? -5.066  -13.217 8.702   1.00 48.62  ? 29  C   A N1    1 
ATOM   279  C  C2    . C   A 1 13 ? -4.123  -12.381 9.310   1.00 48.43  ? 29  C   A C2    1 
ATOM   280  O  O2    . C   A 1 13 ? -3.266  -12.879 10.056  1.00 49.03  ? 29  C   A O2    1 
ATOM   281  N  N3    . C   A 1 13 ? -4.162  -11.050 9.074   1.00 41.20  ? 29  C   A N3    1 
ATOM   282  C  C4    . C   A 1 13 ? -5.096  -10.545 8.267   1.00 46.21  ? 29  C   A C4    1 
ATOM   283  N  N4    . C   A 1 13 ? -5.095  -9.225  8.062   1.00 45.82  ? 29  C   A N4    1 
ATOM   284  C  C5    . C   A 1 13 ? -6.070  -11.372 7.635   1.00 46.31  ? 29  C   A C5    1 
ATOM   285  C  C6    . C   A 1 13 ? -6.020  -12.688 7.878   1.00 47.42  ? 29  C   A C6    1 
ATOM   286  P  P     . A   A 1 14 ? -8.714  -15.644 11.888  1.00 74.41  ? 30  A   A P     1 
ATOM   287  O  OP1   . A   A 1 14 ? -9.471  -16.754 12.523  1.00 73.00  ? 30  A   A OP1   1 
ATOM   288  O  OP2   . A   A 1 14 ? -9.453  -14.521 11.257  1.00 73.41  ? 30  A   A OP2   1 
ATOM   289  O  "O5'" . A   A 1 14 ? -7.728  -15.033 12.980  1.00 54.69  ? 30  A   A "O5'" 1 
ATOM   290  C  "C5'" . A   A 1 14 ? -6.838  -15.870 13.702  1.00 54.00  ? 30  A   A "C5'" 1 
ATOM   291  C  "C4'" . A   A 1 14 ? -5.803  -15.072 14.452  1.00 62.67  ? 30  A   A "C4'" 1 
ATOM   292  O  "O4'" . A   A 1 14 ? -4.955  -14.359 13.516  1.00 69.21  ? 30  A   A "O4'" 1 
ATOM   293  C  "C3'" . A   A 1 14 ? -6.325  -13.979 15.373  1.00 66.37  ? 30  A   A "C3'" 1 
ATOM   294  O  "O3'" . A   A 1 14 ? -6.794  -14.472 16.617  1.00 68.52  ? 30  A   A "O3'" 1 
ATOM   295  C  "C2'" . A   A 1 14 ? -5.122  -13.053 15.497  1.00 66.82  ? 30  A   A "C2'" 1 
ATOM   296  O  "O2'" . A   A 1 14 ? -4.178  -13.578 16.418  1.00 65.31  ? 30  A   A "O2'" 1 
ATOM   297  C  "C1'" . A   A 1 14 ? -4.526  -13.141 14.089  1.00 64.67  ? 30  A   A "C1'" 1 
ATOM   298  N  N9    . A   A 1 14 ? -4.959  -12.020 13.232  1.00 58.89  ? 30  A   A N9    1 
ATOM   299  C  C8    . A   A 1 14 ? -5.923  -12.007 12.254  1.00 64.21  ? 30  A   A C8    1 
ATOM   300  N  N7    . A   A 1 14 ? -6.069  -10.840 11.674  1.00 55.73  ? 30  A   A N7    1 
ATOM   301  C  C5    . A   A 1 14 ? -5.139  -10.031 12.314  1.00 49.39  ? 30  A   A C5    1 
ATOM   302  C  C6    . A   A 1 14 ? -4.795  -8.677  12.161  1.00 45.99  ? 30  A   A C6    1 
ATOM   303  N  N6    . A   A 1 14 ? -5.371  -7.862  11.274  1.00 42.66  ? 30  A   A N6    1 
ATOM   304  N  N1    . A   A 1 14 ? -3.824  -8.180  12.959  1.00 48.91  ? 30  A   A N1    1 
ATOM   305  C  C2    . A   A 1 14 ? -3.244  -8.998  13.847  1.00 55.69  ? 30  A   A C2    1 
ATOM   306  N  N3    . A   A 1 14 ? -3.481  -10.286 14.085  1.00 55.36  ? 30  A   A N3    1 
ATOM   307  C  C4    . A   A 1 14 ? -4.450  -10.745 13.275  1.00 54.22  ? 30  A   A C4    1 
ATOM   308  P  P     . A   A 1 15 ? -8.076  -13.804 17.322  1.00 83.71  ? 31  A   A P     1 
ATOM   309  O  OP1   . A   A 1 15 ? -8.476  -14.668 18.463  1.00 87.24  ? 31  A   A OP1   1 
ATOM   310  O  OP2   . A   A 1 15 ? -9.072  -13.493 16.265  1.00 64.62  ? 31  A   A OP2   1 
ATOM   311  O  "O5'" . A   A 1 15 ? -7.522  -12.430 17.917  1.00 62.28  ? 31  A   A "O5'" 1 
ATOM   312  C  "C5'" . A   A 1 15 ? -6.807  -12.409 19.144  1.00 56.14  ? 31  A   A "C5'" 1 
ATOM   313  C  "C4'" . A   A 1 15 ? -5.915  -11.196 19.262  1.00 54.06  ? 31  A   A "C4'" 1 
ATOM   314  O  "O4'" . A   A 1 15 ? -5.199  -10.983 18.016  1.00 56.90  ? 31  A   A "O4'" 1 
ATOM   315  C  "C3'" . A   A 1 15 ? -6.604  -9.863  19.504  1.00 62.34  ? 31  A   A "C3'" 1 
ATOM   316  O  "O3'" . A   A 1 15 ? -7.019  -9.663  20.843  1.00 64.51  ? 31  A   A "O3'" 1 
ATOM   317  C  "C2'" . A   A 1 15 ? -5.548  -8.874  19.038  1.00 56.52  ? 31  A   A "C2'" 1 
ATOM   318  O  "O2'" . A   A 1 15 ? -4.506  -8.766  19.997  1.00 54.77  ? 31  A   A "O2'" 1 
ATOM   319  C  "C1'" . A   A 1 15 ? -5.002  -9.596  17.810  1.00 56.89  ? 31  A   A "C1'" 1 
ATOM   320  N  N9    . A   A 1 15 ? -5.733  -9.185  16.597  1.00 54.33  ? 31  A   A N9    1 
ATOM   321  C  C8    . A   A 1 15 ? -6.606  -9.913  15.829  1.00 57.23  ? 31  A   A C8    1 
ATOM   322  N  N7    . A   A 1 15 ? -7.104  -9.243  14.817  1.00 55.62  ? 31  A   A N7    1 
ATOM   323  C  C5    . A   A 1 15 ? -6.526  -7.986  14.934  1.00 46.68  ? 31  A   A C5    1 
ATOM   324  C  C6    . A   A 1 15 ? -6.643  -6.811  14.172  1.00 46.98  ? 31  A   A C6    1 
ATOM   325  N  N6    . A   A 1 15 ? -7.416  -6.704  13.088  1.00 40.43  ? 31  A   A N6    1 
ATOM   326  N  N1    . A   A 1 15 ? -5.927  -5.732  14.563  1.00 46.37  ? 31  A   A N1    1 
ATOM   327  C  C2    . A   A 1 15 ? -5.151  -5.835  15.648  1.00 47.15  ? 31  A   A C2    1 
ATOM   328  N  N3    . A   A 1 15 ? -4.959  -6.883  16.445  1.00 48.61  ? 31  A   A N3    1 
ATOM   329  C  C4    . A   A 1 15 ? -5.684  -7.936  16.029  1.00 48.16  ? 31  A   A C4    1 
ATOM   330  P  P     . A   A 1 16 ? -8.307  -8.751  21.150  1.00 78.43  ? 32  A   A P     1 
ATOM   331  O  OP1   . A   A 1 16 ? -8.560  -8.777  22.613  1.00 86.37  ? 32  A   A OP1   1 
ATOM   332  O  OP2   . A   A 1 16 ? -9.380  -9.156  20.207  1.00 61.39  ? 32  A   A OP2   1 
ATOM   333  O  "O5'" . A   A 1 16 ? -7.848  -7.275  20.756  1.00 55.13  ? 32  A   A "O5'" 1 
ATOM   334  C  "C5'" . A   A 1 16 ? -6.790  -6.634  21.452  1.00 53.44  ? 32  A   A "C5'" 1 
ATOM   335  C  "C4'" . A   A 1 16 ? -6.483  -5.272  20.880  1.00 54.54  ? 32  A   A "C4'" 1 
ATOM   336  O  "O4'" . A   A 1 16 ? -6.087  -5.384  19.486  1.00 50.07  ? 32  A   A "O4'" 1 
ATOM   337  C  "C3'" . A   A 1 16 ? -7.632  -4.282  20.844  1.00 52.17  ? 32  A   A "C3'" 1 
ATOM   338  O  "O3'" . A   A 1 16 ? -7.904  -3.689  22.101  1.00 51.22  ? 32  A   A "O3'" 1 
ATOM   339  C  "C2'" . A   A 1 16 ? -7.176  -3.293  19.781  1.00 48.33  ? 32  A   A "C2'" 1 
ATOM   340  O  "O2'" . A   A 1 16 ? -6.194  -2.407  20.300  1.00 39.08  ? 32  A   A "O2'" 1 
ATOM   341  C  "C1'" . A   A 1 16 ? -6.500  -4.229  18.779  1.00 44.29  ? 32  A   A "C1'" 1 
ATOM   342  N  N9    . A   A 1 16 ? -7.426  -4.626  17.702  1.00 43.81  ? 32  A   A N9    1 
ATOM   343  C  C8    . A   A 1 16 ? -7.965  -5.861  17.447  1.00 43.90  ? 32  A   A C8    1 
ATOM   344  N  N7    . A   A 1 16 ? -8.766  -5.881  16.408  1.00 37.93  ? 32  A   A N7    1 
ATOM   345  C  C5    . A   A 1 16 ? -8.754  -4.571  15.951  1.00 41.13  ? 32  A   A C5    1 
ATOM   346  C  C6    . A   A 1 16 ? -9.402  -3.932  14.876  1.00 42.55  ? 32  A   A C6    1 
ATOM   347  N  N6    . A   A 1 16 ? -10.222 -4.558  14.031  1.00 44.14  ? 32  A   A N6    1 
ATOM   348  N  N1    . A   A 1 16 ? -9.176  -2.611  14.699  1.00 36.01  ? 32  A   A N1    1 
ATOM   349  C  C2    . A   A 1 16 ? -8.353  -1.980  15.545  1.00 32.31  ? 32  A   A C2    1 
ATOM   350  N  N3    . A   A 1 16 ? -7.689  -2.469  16.590  1.00 35.76  ? 32  A   A N3    1 
ATOM   351  C  C4    . A   A 1 16 ? -7.935  -3.785  16.739  1.00 43.11  ? 32  A   A C4    1 
ATOM   352  P  P     . A   A 1 17 ? -9.413  -3.294  22.479  1.00 58.51  ? 33  A   A P     1 
ATOM   353  O  OP1   . A   A 1 17 ? -9.500  -3.111  23.951  1.00 70.79  ? 33  A   A OP1   1 
ATOM   354  O  OP2   . A   A 1 17 ? -10.314 -4.260  21.798  1.00 45.28  ? 33  A   A OP2   1 
ATOM   355  O  "O5'" . A   A 1 17 ? -9.612  -1.871  21.798  1.00 40.32  ? 33  A   A "O5'" 1 
ATOM   356  C  "C5'" . A   A 1 17 ? -8.668  -0.832  22.004  1.00 39.49  ? 33  A   A "C5'" 1 
ATOM   357  C  "C4'" . A   A 1 17 ? -8.897  0.316   21.055  1.00 46.13  ? 33  A   A "C4'" 1 
ATOM   358  O  "O4'" . A   A 1 17 ? -8.606  -0.099  19.696  1.00 45.98  ? 33  A   A "O4'" 1 
ATOM   359  C  "C3'" . A   A 1 17 ? -10.321 0.840   20.979  1.00 42.29  ? 33  A   A "C3'" 1 
ATOM   360  O  "O3'" . A   A 1 17 ? -10.645 1.711   22.047  1.00 50.55  ? 33  A   A "O3'" 1 
ATOM   361  C  "C2'" . A   A 1 17 ? -10.352 1.511   19.612  1.00 36.98  ? 33  A   A "C2'" 1 
ATOM   362  O  "O2'" . A   A 1 17 ? -9.737  2.790   19.669  1.00 39.71  ? 33  A   A "O2'" 1 
ATOM   363  C  "C1'" . A   A 1 17 ? -9.454  0.583   18.795  1.00 31.84  ? 33  A   A "C1'" 1 
ATOM   364  N  N9    . A   A 1 17 ? -10.224 -0.405  18.015  1.00 34.61  ? 33  A   A N9    1 
ATOM   365  C  C8    . A   A 1 17 ? -10.285 -1.765  18.189  1.00 39.17  ? 33  A   A C8    1 
ATOM   366  N  N7    . A   A 1 17 ? -11.058 -2.374  17.321  1.00 32.63  ? 33  A   A N7    1 
ATOM   367  C  C5    . A   A 1 17 ? -11.536 -1.347  16.521  1.00 31.88  ? 33  A   A C5    1 
ATOM   368  C  C6    . A   A 1 17 ? -12.404 -1.331  15.414  1.00 34.85  ? 33  A   A C6    1 
ATOM   369  N  N6    . A   A 1 17 ? -12.972 -2.424  14.899  1.00 39.70  ? 33  A   A N6    1 
ATOM   370  N  N1    . A   A 1 17 ? -12.678 -0.136  14.846  1.00 39.55  ? 33  A   A N1    1 
ATOM   371  C  C2    . A   A 1 17 ? -12.111 0.962   15.359  1.00 40.05  ? 33  A   A C2    1 
ATOM   372  N  N3    . A   A 1 17 ? -11.279 1.076   16.392  1.00 41.89  ? 33  A   A N3    1 
ATOM   373  C  C4    . A   A 1 17 ? -11.029 -0.128  16.936  1.00 39.77  ? 33  A   A C4    1 
ATOM   374  P  P     . U   A 1 18 ? -12.097 1.648   22.733  1.00 47.93  ? 34  U   A P     1 
ATOM   375  O  OP1   . U   A 1 18 ? -12.088 2.561   23.904  1.00 38.98  ? 34  U   A OP1   1 
ATOM   376  O  OP2   . U   A 1 18 ? -12.473 0.221   22.906  1.00 45.71  ? 34  U   A OP2   1 
ATOM   377  O  "O5'" . U   A 1 18 ? -13.065 2.279   21.638  1.00 47.00  ? 34  U   A "O5'" 1 
ATOM   378  C  "C5'" . U   A 1 18 ? -12.800 3.568   21.097  1.00 48.57  ? 34  U   A "C5'" 1 
ATOM   379  C  "C4'" . U   A 1 18 ? -13.649 3.851   19.884  1.00 35.84  ? 34  U   A "C4'" 1 
ATOM   380  O  "O4'" . U   A 1 18 ? -13.489 2.775   18.916  1.00 36.70  ? 34  U   A "O4'" 1 
ATOM   381  C  "C3'" . U   A 1 18 ? -15.148 3.966   20.152  1.00 40.20  ? 34  U   A "C3'" 1 
ATOM   382  O  "O3'" . U   A 1 18 ? -15.704 4.973   19.313  1.00 35.79  ? 34  U   A "O3'" 1 
ATOM   383  C  "C2'" . U   A 1 18 ? -15.679 2.602   19.728  1.00 51.73  ? 34  U   A "C2'" 1 
ATOM   384  O  "O2'" . U   A 1 18 ? -17.036 2.597   19.339  1.00 61.69  ? 34  U   A "O2'" 1 
ATOM   385  C  "C1'" . U   A 1 18 ? -14.757 2.263   18.562  1.00 38.27  ? 34  U   A "C1'" 1 
ATOM   386  N  N1    . U   A 1 18 ? -14.634 0.819   18.308  1.00 39.48  ? 34  U   A N1    1 
ATOM   387  C  C2    . U   A 1 18 ? -15.219 0.325   17.158  1.00 45.16  ? 34  U   A C2    1 
ATOM   388  O  O2    . U   A 1 18 ? -15.806 1.036   16.364  1.00 48.92  ? 34  U   A O2    1 
ATOM   389  N  N3    . U   A 1 18 ? -15.091 -1.028  16.970  1.00 38.15  ? 34  U   A N3    1 
ATOM   390  C  C4    . U   A 1 18 ? -14.450 -1.920  17.806  1.00 41.71  ? 34  U   A C4    1 
ATOM   391  O  O4    . U   A 1 18 ? -14.414 -3.113  17.504  1.00 48.39  ? 34  U   A O4    1 
ATOM   392  C  C5    . U   A 1 18 ? -13.873 -1.330  18.976  1.00 32.52  ? 34  U   A C5    1 
ATOM   393  C  C6    . U   A 1 18 ? -13.984 -0.015  19.185  1.00 33.91  ? 34  U   A C6    1 
ATOM   394  P  P     . A   A 1 19 ? -16.278 6.326   19.959  1.00 43.83  ? 35  A   A P     1 
ATOM   395  O  OP1   . A   A 1 19 ? -15.208 6.956   20.773  1.00 44.22  ? 35  A   A OP1   1 
ATOM   396  O  OP2   . A   A 1 19 ? -17.591 6.016   20.579  1.00 53.25  ? 35  A   A OP2   1 
ATOM   397  O  "O5'" . A   A 1 19 ? -16.537 7.261   18.702  1.00 49.83  ? 35  A   A "O5'" 1 
ATOM   398  C  "C5'" . A   A 1 19 ? -15.466 7.922   18.042  1.00 43.25  ? 35  A   A "C5'" 1 
ATOM   399  C  "C4'" . A   A 1 19 ? -15.981 8.970   17.087  1.00 38.44  ? 35  A   A "C4'" 1 
ATOM   400  O  "O4'" . A   A 1 19 ? -16.687 8.309   16.005  1.00 40.08  ? 35  A   A "O4'" 1 
ATOM   401  C  "C3'" . A   A 1 19 ? -16.966 9.959   17.697  1.00 31.27  ? 35  A   A "C3'" 1 
ATOM   402  O  "O3'" . A   A 1 19 ? -16.815 11.228  17.070  1.00 28.83  ? 35  A   A "O3'" 1 
ATOM   403  C  "C2'" . A   A 1 19 ? -18.323 9.353   17.348  1.00 39.93  ? 35  A   A "C2'" 1 
ATOM   404  O  "O2'" . A   A 1 19 ? -19.377 10.289  17.272  1.00 38.51  ? 35  A   A "O2'" 1 
ATOM   405  C  "C1'" . A   A 1 19 ? -18.047 8.700   15.995  1.00 34.74  ? 35  A   A "C1'" 1 
ATOM   406  N  N9    . A   A 1 19 ? -18.837 7.489   15.759  1.00 35.50  ? 35  A   A N9    1 
ATOM   407  C  C8    . A   A 1 19 ? -18.479 6.209   16.102  1.00 39.81  ? 35  A   A C8    1 
ATOM   408  N  N7    . A   A 1 19 ? -19.359 5.300   15.767  1.00 42.32  ? 35  A   A N7    1 
ATOM   409  C  C5    . A   A 1 19 ? -20.364 6.031   15.151  1.00 48.40  ? 35  A   A C5    1 
ATOM   410  C  C6    . A   A 1 19 ? -21.583 5.644   14.570  1.00 42.32  ? 35  A   A C6    1 
ATOM   411  N  N6    . A   A 1 19 ? -22.006 4.379   14.515  1.00 45.69  ? 35  A   A N6    1 
ATOM   412  N  N1    . A   A 1 19 ? -22.360 6.614   14.042  1.00 39.17  ? 35  A   A N1    1 
ATOM   413  C  C2    . A   A 1 19 ? -21.929 7.882   14.099  1.00 41.45  ? 35  A   A C2    1 
ATOM   414  N  N3    . A   A 1 19 ? -20.803 8.369   14.618  1.00 42.46  ? 35  A   A N3    1 
ATOM   415  C  C4    . A   A 1 19 ? -20.053 7.380   15.132  1.00 44.58  ? 35  A   A C4    1 
ATOM   416  P  P     . U   A 1 20 ? -15.928 12.361  17.784  1.00 44.36  ? 36  U   A P     1 
ATOM   417  O  OP1   . U   A 1 20 ? -16.405 12.468  19.186  1.00 39.50  ? 36  U   A OP1   1 
ATOM   418  O  OP2   . U   A 1 20 ? -15.912 13.571  16.921  1.00 43.96  ? 36  U   A OP2   1 
ATOM   419  O  "O5'" . U   A 1 20 ? -14.459 11.744  17.818  1.00 44.11  ? 36  U   A "O5'" 1 
ATOM   420  C  "C5'" . U   A 1 20 ? -13.440 12.225  16.947  1.00 38.67  ? 36  U   A "C5'" 1 
ATOM   421  C  "C4'" . U   A 1 20 ? -12.087 12.270  17.618  1.00 42.51  ? 36  U   A "C4'" 1 
ATOM   422  O  "O4'" . U   A 1 20 ? -12.071 13.328  18.617  1.00 43.93  ? 36  U   A "O4'" 1 
ATOM   423  C  "C3'" . U   A 1 20 ? -11.660 10.993  18.349  1.00 41.60  ? 36  U   A "C3'" 1 
ATOM   424  O  "O3'" . U   A 1 20 ? -10.240 10.870  18.276  1.00 35.99  ? 36  U   A "O3'" 1 
ATOM   425  C  "C2'" . U   A 1 20 ? -12.032 11.306  19.792  1.00 36.38  ? 36  U   A "C2'" 1 
ATOM   426  O  "O2'" . U   A 1 20 ? -11.337 10.547  20.758  1.00 46.52  ? 36  U   A "O2'" 1 
ATOM   427  C  "C1'" . U   A 1 20 ? -11.674 12.785  19.861  1.00 39.07  ? 36  U   A "C1'" 1 
ATOM   428  N  N1    . U   A 1 20 ? -12.282 13.561  20.955  1.00 41.30  ? 36  U   A N1    1 
ATOM   429  C  C2    . U   A 1 20 ? -13.573 13.348  21.436  1.00 47.24  ? 36  U   A C2    1 
ATOM   430  O  O2    . U   A 1 20 ? -14.363 12.519  21.021  1.00 51.30  ? 36  U   A O2    1 
ATOM   431  N  N3    . U   A 1 20 ? -13.942 14.185  22.462  1.00 46.64  ? 36  U   A N3    1 
ATOM   432  C  C4    . U   A 1 20 ? -13.193 15.180  23.053  1.00 50.94  ? 36  U   A C4    1 
ATOM   433  O  O4    . U   A 1 20 ? -13.673 15.844  23.971  1.00 56.96  ? 36  U   A O4    1 
ATOM   434  C  C5    . U   A 1 20 ? -11.886 15.328  22.504  1.00 46.22  ? 36  U   A C5    1 
ATOM   435  C  C6    . U   A 1 20 ? -11.493 14.538  21.508  1.00 43.11  ? 36  U   A C6    1 
ATOM   436  P  P     . G   A 1 21 ? -9.536  10.104  17.052  1.00 39.63  ? 37  G   A P     1 
ATOM   437  O  OP1   . G   A 1 21 ? -8.069  10.148  17.280  1.00 42.42  ? 37  G   A OP1   1 
ATOM   438  O  OP2   . G   A 1 21 ? -10.098 10.634  15.784  1.00 37.11  ? 37  G   A OP2   1 
ATOM   439  O  "O5'" . G   A 1 21 ? -10.017 8.597   17.215  1.00 33.15  ? 37  G   A "O5'" 1 
ATOM   440  C  "C5'" . G   A 1 21 ? -9.510  7.765   18.247  1.00 33.24  ? 37  G   A "C5'" 1 
ATOM   441  C  "C4'" . G   A 1 21 ? -9.947  6.340   18.035  1.00 31.97  ? 37  G   A "C4'" 1 
ATOM   442  O  "O4'" . G   A 1 21 ? -11.394 6.276   18.089  1.00 40.48  ? 37  G   A "O4'" 1 
ATOM   443  C  "C3'" . G   A 1 21 ? -9.589  5.758   16.674  1.00 40.88  ? 37  G   A "C3'" 1 
ATOM   444  O  "O3'" . G   A 1 21 ? -8.281  5.216   16.641  1.00 42.89  ? 37  G   A "O3'" 1 
ATOM   445  C  "C2'" . G   A 1 21 ? -10.686 4.728   16.438  1.00 37.24  ? 37  G   A "C2'" 1 
ATOM   446  O  "O2'" . G   A 1 21 ? -10.407 3.528   17.141  1.00 36.34  ? 37  G   A "O2'" 1 
ATOM   447  C  "C1'" . G   A 1 21 ? -11.886 5.406   17.095  1.00 41.80  ? 37  G   A "C1'" 1 
ATOM   448  N  N9    . G   A 1 21 ? -12.672 6.212   16.141  1.00 42.00  ? 37  G   A N9    1 
ATOM   449  C  C8    . G   A 1 21 ? -12.493 7.546   15.863  1.00 37.31  ? 37  G   A C8    1 
ATOM   450  N  N7    . G   A 1 21 ? -13.338 8.009   14.985  1.00 35.51  ? 37  G   A N7    1 
ATOM   451  C  C5    . G   A 1 21 ? -14.129 6.915   14.665  1.00 36.39  ? 37  G   A C5    1 
ATOM   452  C  C6    . G   A 1 21 ? -15.218 6.810   13.764  1.00 42.05  ? 37  G   A C6    1 
ATOM   453  O  O6    . G   A 1 21 ? -15.713 7.688   13.050  1.00 43.58  ? 37  G   A O6    1 
ATOM   454  N  N1    . G   A 1 21 ? -15.738 5.521   13.740  1.00 43.85  ? 37  G   A N1    1 
ATOM   455  C  C2    . G   A 1 21 ? -15.269 4.469   14.486  1.00 42.03  ? 37  G   A C2    1 
ATOM   456  N  N2    . G   A 1 21 ? -15.906 3.300   14.322  1.00 40.81  ? 37  G   A N2    1 
ATOM   457  N  N3    . G   A 1 21 ? -14.255 4.554   15.331  1.00 45.75  ? 37  G   A N3    1 
ATOM   458  C  C4    . G   A 1 21 ? -13.733 5.798   15.370  1.00 38.24  ? 37  G   A C4    1 
ATOM   459  P  P     . G   A 1 22 ? -7.348  5.423   15.351  1.00 37.95  ? 38  G   A P     1 
ATOM   460  O  OP1   . G   A 1 22 ? -6.011  4.861   15.669  1.00 40.01  ? 38  G   A OP1   1 
ATOM   461  O  OP2   . G   A 1 22 ? -7.464  6.839   14.913  1.00 37.80  ? 38  G   A OP2   1 
ATOM   462  O  "O5'" . G   A 1 22 ? -8.018  4.492   14.246  1.00 37.85  ? 38  G   A "O5'" 1 
ATOM   463  C  "C5'" . G   A 1 22 ? -8.131  3.092   14.457  1.00 39.41  ? 38  G   A "C5'" 1 
ATOM   464  C  "C4'" . G   A 1 22 ? -9.086  2.455   13.480  1.00 39.99  ? 38  G   A "C4'" 1 
ATOM   465  O  "O4'" . G   A 1 22 ? -10.420 2.992   13.658  1.00 45.74  ? 38  G   A "O4'" 1 
ATOM   466  C  "C3'" . G   A 1 22 ? -8.795  2.685   12.008  1.00 44.07  ? 38  G   A "C3'" 1 
ATOM   467  O  "O3'" . G   A 1 22 ? -7.765  1.847   11.515  1.00 54.11  ? 38  G   A "O3'" 1 
ATOM   468  C  "C2'" . G   A 1 22 ? -10.152 2.432   11.359  1.00 41.27  ? 38  G   A "C2'" 1 
ATOM   469  O  "O2'" . G   A 1 22 ? -10.383 1.040   11.207  1.00 52.39  ? 38  G   A "O2'" 1 
ATOM   470  C  "C1'" . G   A 1 22 ? -11.112 2.969   12.427  1.00 39.75  ? 38  G   A "C1'" 1 
ATOM   471  N  N9    . G   A 1 22 ? -11.595 4.327   12.113  1.00 39.15  ? 38  G   A N9    1 
ATOM   472  C  C8    . G   A 1 22 ? -10.967 5.527   12.343  1.00 41.29  ? 38  G   A C8    1 
ATOM   473  N  N7    . G   A 1 22 ? -11.665 6.556   11.941  1.00 35.98  ? 38  G   A N7    1 
ATOM   474  C  C5    . G   A 1 22 ? -12.822 6.002   11.410  1.00 44.20  ? 38  G   A C5    1 
ATOM   475  C  C6    . G   A 1 22 ? -13.955 6.619   10.816  1.00 48.54  ? 38  G   A C6    1 
ATOM   476  O  O6    . G   A 1 22 ? -14.174 7.824   10.637  1.00 47.32  ? 38  G   A O6    1 
ATOM   477  N  N1    . G   A 1 22 ? -14.899 5.680   10.415  1.00 43.16  ? 38  G   A N1    1 
ATOM   478  C  C2    . G   A 1 22 ? -14.771 4.321   10.560  1.00 43.82  ? 38  G   A C2    1 
ATOM   479  N  N2    . G   A 1 22 ? -15.792 3.577   10.109  1.00 43.21  ? 38  G   A N2    1 
ATOM   480  N  N3    . G   A 1 22 ? -13.721 3.734   11.109  1.00 45.56  ? 38  G   A N3    1 
ATOM   481  C  C4    . G   A 1 22 ? -12.792 4.628   11.506  1.00 42.77  ? 38  G   A C4    1 
ATOM   482  P  P     . U   A 1 23 ? -6.521  2.479   10.720  1.00 58.89  ? 39  U   A P     1 
ATOM   483  O  OP1   . U   A 1 23 ? -6.667  3.957   10.741  1.00 41.21  ? 39  U   A OP1   1 
ATOM   484  O  OP2   . U   A 1 23 ? -6.391  1.766   9.423   1.00 49.34  ? 39  U   A OP2   1 
ATOM   485  O  "O5'" . U   A 1 23 ? -5.258  2.103   11.615  1.00 48.30  ? 39  U   A "O5'" 1 
ATOM   486  C  "C5'" . U   A 1 23 ? -4.876  2.916   12.714  1.00 43.88  ? 39  U   A "C5'" 1 
ATOM   487  C  "C4'" . U   A 1 23 ? -4.234  2.099   13.807  1.00 44.23  ? 39  U   A "C4'" 1 
ATOM   488  O  "O4'" . U   A 1 23 ? -5.233  1.259   14.441  1.00 42.61  ? 39  U   A "O4'" 1 
ATOM   489  C  "C3'" . U   A 1 23 ? -3.160  1.119   13.359  1.00 45.87  ? 39  U   A "C3'" 1 
ATOM   490  O  "O3'" . U   A 1 23 ? -1.895  1.725   13.159  1.00 49.32  ? 39  U   A "O3'" 1 
ATOM   491  C  "C2'" . U   A 1 23 ? -3.171  0.085   14.475  1.00 45.69  ? 39  U   A "C2'" 1 
ATOM   492  O  "O2'" . U   A 1 23 ? -2.478  0.572   15.615  1.00 39.61  ? 39  U   A "O2'" 1 
ATOM   493  C  "C1'" . U   A 1 23 ? -4.661  0.021   14.808  1.00 41.24  ? 39  U   A "C1'" 1 
ATOM   494  N  N1    . U   A 1 23 ? -5.353  -1.056  14.063  1.00 35.48  ? 39  U   A N1    1 
ATOM   495  C  C2    . U   A 1 23 ? -5.176  -2.358  14.489  1.00 42.04  ? 39  U   A C2    1 
ATOM   496  O  O2    . U   A 1 23 ? -4.476  -2.658  15.442  1.00 45.09  ? 39  U   A O2    1 
ATOM   497  N  N3    . U   A 1 23 ? -5.850  -3.305  13.756  1.00 40.48  ? 39  U   A N3    1 
ATOM   498  C  C4    . U   A 1 23 ? -6.666  -3.087  12.665  1.00 42.14  ? 39  U   A C4    1 
ATOM   499  O  O4    . U   A 1 23 ? -7.205  -4.045  12.108  1.00 41.52  ? 39  U   A O4    1 
ATOM   500  C  C5    . U   A 1 23 ? -6.800  -1.714  12.289  1.00 36.44  ? 39  U   A C5    1 
ATOM   501  C  C6    . U   A 1 23 ? -6.157  -0.770  12.984  1.00 35.48  ? 39  U   A C6    1 
ATOM   502  P  P     . U   A 1 24 ? -0.842  1.072   12.136  1.00 51.62  ? 40  U   A P     1 
ATOM   503  O  OP1   . U   A 1 24 ? 0.318   1.991   12.031  1.00 65.05  ? 40  U   A OP1   1 
ATOM   504  O  OP2   . U   A 1 24 ? -1.573  0.663   10.909  1.00 46.44  ? 40  U   A OP2   1 
ATOM   505  O  "O5'" . U   A 1 24 ? -0.355  -0.253  12.873  1.00 50.35  ? 40  U   A "O5'" 1 
ATOM   506  C  "C5'" . U   A 1 24 ? 0.435   -0.180  14.051  1.00 44.68  ? 40  U   A "C5'" 1 
ATOM   507  C  "C4'" . U   A 1 24 ? 0.625   -1.537  14.680  1.00 47.72  ? 40  U   A "C4'" 1 
ATOM   508  O  "O4'" . U   A 1 24 ? -0.663  -2.100  15.042  1.00 57.12  ? 40  U   A "O4'" 1 
ATOM   509  C  "C3'" . U   A 1 24 ? 1.251   -2.606  13.799  1.00 62.72  ? 40  U   A "C3'" 1 
ATOM   510  O  "O3'" . U   A 1 24 ? 2.658   -2.493  13.688  1.00 66.22  ? 40  U   A "O3'" 1 
ATOM   511  C  "C2'" . U   A 1 24 ? 0.790   -3.891  14.472  1.00 62.94  ? 40  U   A "C2'" 1 
ATOM   512  O  "O2'" . U   A 1 24 ? 1.560   -4.149  15.637  1.00 59.63  ? 40  U   A "O2'" 1 
ATOM   513  C  "C1'" . U   A 1 24 ? -0.625  -3.508  14.907  1.00 53.60  ? 40  U   A "C1'" 1 
ATOM   514  N  N1    . U   A 1 24 ? -1.639  -3.926  13.912  1.00 49.77  ? 40  U   A N1    1 
ATOM   515  C  C2    . U   A 1 24 ? -2.049  -5.246  13.943  1.00 55.72  ? 40  U   A C2    1 
ATOM   516  O  O2    . U   A 1 24 ? -1.618  -6.056  14.746  1.00 57.03  ? 40  U   A O2    1 
ATOM   517  N  N3    . U   A 1 24 ? -2.986  -5.589  13.001  1.00 48.95  ? 40  U   A N3    1 
ATOM   518  C  C4    . U   A 1 24 ? -3.544  -4.763  12.048  1.00 45.78  ? 40  U   A C4    1 
ATOM   519  O  O4    . U   A 1 24 ? -4.380  -5.220  11.268  1.00 43.27  ? 40  U   A O4    1 
ATOM   520  C  C5    . U   A 1 24 ? -3.067  -3.412  12.078  1.00 52.29  ? 40  U   A C5    1 
ATOM   521  C  C6    . U   A 1 24 ? -2.154  -3.050  12.985  1.00 49.09  ? 40  U   A C6    1 
ATOM   522  P  P     . G   A 1 25 ? 3.402   -3.011  12.360  1.00 66.14  ? 41  G   A P     1 
ATOM   523  O  OP1   . G   A 1 25 ? 4.825   -2.588  12.448  1.00 47.91  ? 41  G   A OP1   1 
ATOM   524  O  OP2   . G   A 1 25 ? 2.589   -2.605  11.184  1.00 51.35  ? 41  G   A OP2   1 
ATOM   525  O  "O5'" . G   A 1 25 ? 3.342   -4.601  12.476  1.00 59.81  ? 41  G   A "O5'" 1 
ATOM   526  C  "C5'" . G   A 1 25 ? 4.021   -5.275  13.526  1.00 58.85  ? 41  G   A "C5'" 1 
ATOM   527  C  "C4'" . G   A 1 25 ? 3.590   -6.716  13.653  1.00 52.15  ? 41  G   A "C4'" 1 
ATOM   528  O  "O4'" . G   A 1 25 ? 2.162   -6.799  13.894  1.00 53.13  ? 41  G   A "O4'" 1 
ATOM   529  C  "C3'" . G   A 1 25 ? 3.800   -7.602  12.438  1.00 56.79  ? 41  G   A "C3'" 1 
ATOM   530  O  "O3'" . G   A 1 25 ? 5.141   -8.029  12.284  1.00 64.59  ? 41  G   A "O3'" 1 
ATOM   531  C  "C2'" . G   A 1 25 ? 2.823   -8.743  12.695  1.00 60.66  ? 41  G   A "C2'" 1 
ATOM   532  O  "O2'" . G   A 1 25 ? 3.357   -9.657  13.643  1.00 60.64  ? 41  G   A "O2'" 1 
ATOM   533  C  "C1'" . G   A 1 25 ? 1.654   -8.000  13.346  1.00 56.03  ? 41  G   A "C1'" 1 
ATOM   534  N  N9    . G   A 1 25 ? 0.596   -7.683  12.369  1.00 55.72  ? 41  G   A N9    1 
ATOM   535  C  C8    . G   A 1 25 ? 0.306   -6.467  11.800  1.00 56.20  ? 41  G   A C8    1 
ATOM   536  N  N7    . G   A 1 25 ? -0.696  -6.523  10.963  1.00 53.24  ? 41  G   A N7    1 
ATOM   537  C  C5    . G   A 1 25 ? -1.087  -7.855  10.979  1.00 50.43  ? 41  G   A C5    1 
ATOM   538  C  C6    . G   A 1 25 ? -2.122  -8.522  10.272  1.00 49.36  ? 41  G   A C6    1 
ATOM   539  O  O6    . G   A 1 25 ? -2.931  -8.053  9.462   1.00 54.15  ? 41  G   A O6    1 
ATOM   540  N  N1    . G   A 1 25 ? -2.170  -9.876  10.587  1.00 44.05  ? 41  G   A N1    1 
ATOM   541  C  C2    . G   A 1 25 ? -1.329  -10.510 11.467  1.00 52.73  ? 41  G   A C2    1 
ATOM   542  N  N2    . G   A 1 25 ? -1.533  -11.824 11.638  1.00 55.89  ? 41  G   A N2    1 
ATOM   543  N  N3    . G   A 1 25 ? -0.360  -9.900  12.132  1.00 51.32  ? 41  G   A N3    1 
ATOM   544  C  C4    . G   A 1 25 ? -0.298  -8.583  11.841  1.00 52.32  ? 41  G   A C4    1 
ATOM   545  P  P     . G   A 1 26 ? 5.714   -8.368  10.821  1.00 66.85  ? 42  G   A P     1 
ATOM   546  O  OP1   . G   A 1 26 ? 7.158   -8.687  10.961  1.00 57.27  ? 42  G   A OP1   1 
ATOM   547  O  OP2   . G   A 1 26 ? 5.285   -7.287  9.897   1.00 56.08  ? 42  G   A OP2   1 
ATOM   548  O  "O5'" . G   A 1 26 ? 4.954   -9.708  10.409  1.00 47.29  ? 42  G   A "O5'" 1 
ATOM   549  C  "C5'" . G   A 1 26 ? 5.184   -10.916 11.118  1.00 46.91  ? 42  G   A "C5'" 1 
ATOM   550  C  "C4'" . G   A 1 26 ? 4.323   -12.042 10.604  1.00 49.42  ? 42  G   A "C4'" 1 
ATOM   551  O  "O4'" . G   A 1 26 ? 2.929   -11.803 10.934  1.00 56.97  ? 42  G   A "O4'" 1 
ATOM   552  C  "C3'" . G   A 1 26 ? 4.303   -12.246 9.099   1.00 62.45  ? 42  G   A "C3'" 1 
ATOM   553  O  "O3'" . G   A 1 26 ? 5.451   -12.908 8.602   1.00 64.74  ? 42  G   A "O3'" 1 
ATOM   554  C  "C2'" . G   A 1 26 ? 3.010   -13.021 8.896   1.00 52.63  ? 42  G   A "C2'" 1 
ATOM   555  O  "O2'" . G   A 1 26 ? 3.177   -14.382 9.263   1.00 54.43  ? 42  G   A "O2'" 1 
ATOM   556  C  "C1'" . G   A 1 26 ? 2.101   -12.348 9.925   1.00 52.60  ? 42  G   A "C1'" 1 
ATOM   557  N  N9    . G   A 1 26 ? 1.319   -11.262 9.308   1.00 52.14  ? 42  G   A N9    1 
ATOM   558  C  C8    . G   A 1 26 ? 1.525   -9.907  9.404   1.00 58.57  ? 42  G   A C8    1 
ATOM   559  N  N7    . G   A 1 26 ? 0.656   -9.212  8.719   1.00 57.27  ? 42  G   A N7    1 
ATOM   560  C  C5    . G   A 1 26 ? -0.165  -10.167 8.132   1.00 52.04  ? 42  G   A C5    1 
ATOM   561  C  C6    . G   A 1 26 ? -1.287  -10.022 7.275   1.00 51.77  ? 42  G   A C6    1 
ATOM   562  O  O6    . G   A 1 26 ? -1.802  -8.982  6.846   1.00 62.09  ? 42  G   A O6    1 
ATOM   563  N  N1    . G   A 1 26 ? -1.821  -11.255 6.916   1.00 42.39  ? 42  G   A N1    1 
ATOM   564  C  C2    . G   A 1 26 ? -1.340  -12.474 7.326   1.00 45.93  ? 42  G   A C2    1 
ATOM   565  N  N2    . G   A 1 26 ? -1.991  -13.555 6.873   1.00 46.89  ? 42  G   A N2    1 
ATOM   566  N  N3    . G   A 1 26 ? -0.297  -12.623 8.124   1.00 47.02  ? 42  G   A N3    1 
ATOM   567  C  C4    . G   A 1 26 ? 0.236   -11.436 8.484   1.00 50.63  ? 42  G   A C4    1 
ATOM   568  P  P     . G   A 1 27 ? 5.914   -12.670 7.081   1.00 62.93  ? 43  G   A P     1 
ATOM   569  O  OP1   . G   A 1 27 ? 7.304   -13.174 6.939   1.00 74.45  ? 43  G   A OP1   1 
ATOM   570  O  OP2   . G   A 1 27 ? 5.610   -11.261 6.723   1.00 58.80  ? 43  G   A OP2   1 
ATOM   571  O  "O5'" . G   A 1 27 ? 4.955   -13.621 6.237   1.00 48.71  ? 43  G   A "O5'" 1 
ATOM   572  C  "C5'" . G   A 1 27 ? 4.911   -15.015 6.503   1.00 47.62  ? 43  G   A "C5'" 1 
ATOM   573  C  "C4'" . G   A 1 27 ? 3.732   -15.682 5.839   1.00 46.47  ? 43  G   A "C4'" 1 
ATOM   574  O  "O4'" . G   A 1 27 ? 2.489   -15.135 6.352   1.00 51.42  ? 43  G   A "O4'" 1 
ATOM   575  C  "C3'" . G   A 1 27 ? 3.606   -15.504 4.337   1.00 45.95  ? 43  G   A "C3'" 1 
ATOM   576  O  "O3'" . G   A 1 27 ? 4.485   -16.325 3.590   1.00 61.78  ? 43  G   A "O3'" 1 
ATOM   577  C  "C2'" . G   A 1 27 ? 2.134   -15.809 4.102   1.00 52.74  ? 43  G   A "C2'" 1 
ATOM   578  O  "O2'" . G   A 1 27 ? 1.899   -17.208 4.155   1.00 47.02  ? 43  G   A "O2'" 1 
ATOM   579  C  "C1'" . G   A 1 27 ? 1.503   -15.166 5.338   1.00 50.61  ? 43  G   A "C1'" 1 
ATOM   580  N  N9    . G   A 1 27 ? 1.058   -13.790 5.054   1.00 50.77  ? 43  G   A N9    1 
ATOM   581  C  C8    . G   A 1 27 ? 1.567   -12.615 5.551   1.00 52.42  ? 43  G   A C8    1 
ATOM   582  N  N7    . G   A 1 27 ? 0.950   -11.562 5.089   1.00 48.51  ? 43  G   A N7    1 
ATOM   583  C  C5    . G   A 1 27 ? -0.018  -12.072 4.234   1.00 43.88  ? 43  G   A C5    1 
ATOM   584  C  C6    . G   A 1 27 ? -0.994  -11.411 3.441   1.00 40.47  ? 43  G   A C6    1 
ATOM   585  O  O6    . G   A 1 27 ? -1.208  -10.198 3.331   1.00 40.59  ? 43  G   A O6    1 
ATOM   586  N  N1    . G   A 1 27 ? -1.771  -12.318 2.727   1.00 38.39  ? 43  G   A N1    1 
ATOM   587  C  C2    . G   A 1 27 ? -1.631  -13.683 2.764   1.00 44.02  ? 43  G   A C2    1 
ATOM   588  N  N2    . G   A 1 27 ? -2.478  -14.388 2.001   1.00 46.91  ? 43  G   A N2    1 
ATOM   589  N  N3    . G   A 1 27 ? -0.728  -14.310 3.497   1.00 41.49  ? 43  G   A N3    1 
ATOM   590  C  C4    . G   A 1 27 ? 0.037   -13.448 4.201   1.00 43.47  ? 43  G   A C4    1 
ATOM   591  P  P     . G   A 1 28 ? 5.083   -15.795 2.195   1.00 57.25  ? 44  G   A P     1 
ATOM   592  O  OP1   . G   A 1 28 ? 6.068   -16.793 1.704   1.00 61.20  ? 44  G   A OP1   1 
ATOM   593  O  OP2   . G   A 1 28 ? 5.503   -14.383 2.390   1.00 40.00  ? 44  G   A OP2   1 
ATOM   594  O  "O5'" . G   A 1 28 ? 3.830   -15.800 1.209   1.00 47.01  ? 44  G   A "O5'" 1 
ATOM   595  C  "C5'" . G   A 1 28 ? 3.183   -17.014 0.855   1.00 35.42  ? 44  G   A "C5'" 1 
ATOM   596  C  "C4'" . G   A 1 28 ? 1.905   -16.769 0.089   1.00 43.87  ? 44  G   A "C4'" 1 
ATOM   597  O  "O4'" . G   A 1 28 ? 1.002   -15.950 0.877   1.00 46.62  ? 44  G   A "O4'" 1 
ATOM   598  C  "C3'" . G   A 1 28 ? 2.036   -16.007 -1.222  1.00 44.90  ? 44  G   A "C3'" 1 
ATOM   599  O  "O3'" . G   A 1 28 ? 2.479   -16.812 -2.299  1.00 51.44  ? 44  G   A "O3'" 1 
ATOM   600  C  "C2'" . G   A 1 28 ? 0.632   -15.449 -1.415  1.00 40.21  ? 44  G   A "C2'" 1 
ATOM   601  O  "O2'" . G   A 1 28 ? -0.245  -16.459 -1.889  1.00 37.52  ? 44  G   A "O2'" 1 
ATOM   602  C  "C1'" . G   A 1 28 ? 0.246   -15.112 0.025   1.00 40.79  ? 44  G   A "C1'" 1 
ATOM   603  N  N9    . G   A 1 28 ? 0.548   -13.706 0.350   1.00 40.43  ? 44  G   A N9    1 
ATOM   604  C  C8    . G   A 1 28 ? 1.498   -13.234 1.223   1.00 39.63  ? 44  G   A C8    1 
ATOM   605  N  N7    . G   A 1 28 ? 1.525   -11.931 1.291   1.00 41.35  ? 44  G   A N7    1 
ATOM   606  C  C5    . G   A 1 28 ? 0.534   -11.517 0.409   1.00 38.87  ? 44  G   A C5    1 
ATOM   607  C  C6    . G   A 1 28 ? 0.097   -10.213 0.057   1.00 35.01  ? 44  G   A C6    1 
ATOM   608  O  O6    . G   A 1 28 ? 0.510   -9.122  0.467   1.00 39.26  ? 44  G   A O6    1 
ATOM   609  N  N1    . G   A 1 28 ? -0.933  -10.253 -0.877  1.00 30.83  ? 44  G   A N1    1 
ATOM   610  C  C2    . G   A 1 28 ? -1.474  -11.398 -1.407  1.00 36.89  ? 44  G   A C2    1 
ATOM   611  N  N2    . G   A 1 28 ? -2.463  -11.231 -2.297  1.00 34.76  ? 44  G   A N2    1 
ATOM   612  N  N3    . G   A 1 28 ? -1.077  -12.618 -1.086  1.00 34.59  ? 44  G   A N3    1 
ATOM   613  C  C4    . G   A 1 28 ? -0.076  -12.603 -0.180  1.00 36.24  ? 44  G   A C4    1 
ATOM   614  P  P     . A   A 1 29 ? 3.272   -16.146 -3.529  1.00 48.14  ? 45  A   A P     1 
ATOM   615  O  OP1   . A   A 1 29 ? 3.728   -17.238 -4.426  1.00 52.43  ? 45  A   A OP1   1 
ATOM   616  O  OP2   . A   A 1 29 ? 4.267   -15.190 -2.979  1.00 37.46  ? 45  A   A OP2   1 
ATOM   617  O  "O5'" . A   A 1 29 ? 2.155   -15.318 -4.306  1.00 34.34  ? 45  A   A "O5'" 1 
ATOM   618  C  "C5'" . A   A 1 29 ? 1.114   -15.983 -5.006  1.00 39.61  ? 45  A   A "C5'" 1 
ATOM   619  C  "C4'" . A   A 1 29 ? 0.189   -15.005 -5.684  1.00 37.73  ? 45  A   A "C4'" 1 
ATOM   620  O  "O4'" . A   A 1 29 ? -0.414  -14.136 -4.692  1.00 48.65  ? 45  A   A "O4'" 1 
ATOM   621  C  "C3'" . A   A 1 29 ? 0.839   -14.048 -6.670  1.00 35.24  ? 45  A   A "C3'" 1 
ATOM   622  O  "O3'" . A   A 1 29 ? 1.033   -14.631 -7.946  1.00 34.31  ? 45  A   A "O3'" 1 
ATOM   623  C  "C2'" . A   A 1 29 ? -0.126  -12.870 -6.683  1.00 39.85  ? 45  A   A "C2'" 1 
ATOM   624  O  "O2'" . A   A 1 29 ? -1.243  -13.148 -7.515  1.00 38.54  ? 45  A   A "O2'" 1 
ATOM   625  C  "C1'" . A   A 1 29 ? -0.601  -12.845 -5.230  1.00 38.99  ? 45  A   A "C1'" 1 
ATOM   626  N  N9    . A   A 1 29 ? 0.148   -11.878 -4.405  1.00 34.35  ? 45  A   A N9    1 
ATOM   627  C  C8    . A   A 1 29 ? 1.089   -12.143 -3.441  1.00 33.74  ? 45  A   A C8    1 
ATOM   628  N  N7    . A   A 1 29 ? 1.576   -11.070 -2.868  1.00 31.02  ? 45  A   A N7    1 
ATOM   629  C  C5    . A   A 1 29 ? 0.907   -10.026 -3.493  1.00 34.35  ? 45  A   A C5    1 
ATOM   630  C  C6    . A   A 1 29 ? 0.974   -8.631  -3.337  1.00 34.28  ? 45  A   A C6    1 
ATOM   631  N  N6    . A   A 1 29 ? 1.778   -8.019  -2.463  1.00 32.69  ? 45  A   A N6    1 
ATOM   632  N  N1    . A   A 1 29 ? 0.174   -7.873  -4.119  1.00 36.25  ? 45  A   A N1    1 
ATOM   633  C  C2    . A   A 1 29 ? -0.634  -8.485  -4.995  1.00 38.24  ? 45  A   A C2    1 
ATOM   634  N  N3    . A   A 1 29 ? -0.786  -9.785  -5.235  1.00 36.45  ? 45  A   A N3    1 
ATOM   635  C  C4    . A   A 1 29 ? 0.023   -10.510 -4.442  1.00 37.49  ? 45  A   A C4    1 
ATOM   636  P  P     . G   A 1 30 ? 2.396   -14.372 -8.755  1.00 41.75  ? 46  G   A P     1 
ATOM   637  O  OP1   . G   A 1 30 ? 2.273   -15.044 -10.074 1.00 32.74  ? 46  G   A OP1   1 
ATOM   638  O  OP2   . G   A 1 30 ? 3.536   -14.700 -7.859  1.00 42.72  ? 46  G   A OP2   1 
ATOM   639  O  "O5'" . G   A 1 30 ? 2.408   -12.801 -9.008  1.00 33.82  ? 46  G   A "O5'" 1 
ATOM   640  C  "C5'" . G   A 1 30 ? 1.697   -12.231 -10.097 1.00 32.00  ? 46  G   A "C5'" 1 
ATOM   641  C  "C4'" . G   A 1 30 ? 1.719   -10.724 -10.040 1.00 35.18  ? 46  G   A "C4'" 1 
ATOM   642  O  "O4'" . G   A 1 30 ? 1.086   -10.274 -8.810  1.00 29.16  ? 46  G   A "O4'" 1 
ATOM   643  C  "C3'" . G   A 1 30 ? 3.096   -10.077 -9.990  1.00 37.19  ? 46  G   A "C3'" 1 
ATOM   644  O  "O3'" . G   A 1 30 ? 3.749   -9.998  -11.242 1.00 40.20  ? 46  G   A "O3'" 1 
ATOM   645  C  "C2'" . G   A 1 30 ? 2.792   -8.731  -9.355  1.00 31.58  ? 46  G   A "C2'" 1 
ATOM   646  O  "O2'" . G   A 1 30 ? 2.146   -7.873  -10.285 1.00 31.12  ? 46  G   A "O2'" 1 
ATOM   647  C  "C1'" . G   A 1 30 ? 1.776   -9.151  -8.299  1.00 28.68  ? 46  G   A "C1'" 1 
ATOM   648  N  N9    . G   A 1 30 ? 2.469   -9.564  -7.067  1.00 33.67  ? 46  G   A N9    1 
ATOM   649  C  C8    . G   A 1 30 ? 2.717   -10.845 -6.647  1.00 43.62  ? 46  G   A C8    1 
ATOM   650  N  N7    . G   A 1 30 ? 3.376   -10.897 -5.526  1.00 39.57  ? 46  G   A N7    1 
ATOM   651  C  C5    . G   A 1 30 ? 3.586   -9.570  -5.197  1.00 31.33  ? 46  G   A C5    1 
ATOM   652  C  C6    . G   A 1 30 ? 4.248   -9.001  -4.083  1.00 39.44  ? 46  G   A C6    1 
ATOM   653  O  O6    . G   A 1 30 ? 4.800   -9.563  -3.129  1.00 57.71  ? 46  G   A O6    1 
ATOM   654  N  N1    . G   A 1 30 ? 4.225   -7.616  -4.147  1.00 34.05  ? 46  G   A N1    1 
ATOM   655  C  C2    . G   A 1 30 ? 3.647   -6.866  -5.140  1.00 36.92  ? 46  G   A C2    1 
ATOM   656  N  N2    . G   A 1 30 ? 3.741   -5.533  -5.008  1.00 34.61  ? 46  G   A N2    1 
ATOM   657  N  N3    . G   A 1 30 ? 3.028   -7.389  -6.182  1.00 33.16  ? 46  G   A N3    1 
ATOM   658  C  C4    . G   A 1 30 ? 3.037   -8.734  -6.141  1.00 29.63  ? 46  G   A C4    1 
ATOM   659  P  P     . C   A 1 31 ? 5.350   -10.130 -11.300 1.00 41.85  ? 47  C   A P     1 
ATOM   660  O  OP1   . C   A 1 31 ? 5.754   -11.163 -10.311 1.00 29.51  ? 47  C   A OP1   1 
ATOM   661  O  OP2   . C   A 1 31 ? 5.937   -8.769  -11.201 1.00 37.41  ? 47  C   A OP2   1 
ATOM   662  O  "O5'" . C   A 1 31 ? 5.635   -10.709 -12.756 1.00 35.78  ? 47  C   A "O5'" 1 
ATOM   663  C  "C5'" . C   A 1 31 ? 5.196   -12.010 -13.119 1.00 32.55  ? 47  C   A "C5'" 1 
ATOM   664  C  "C4'" . C   A 1 31 ? 6.086   -12.616 -14.172 1.00 33.41  ? 47  C   A "C4'" 1 
ATOM   665  O  "O4'" . C   A 1 31 ? 5.938   -11.881 -15.413 1.00 35.57  ? 47  C   A "O4'" 1 
ATOM   666  C  "C3'" . C   A 1 31 ? 7.578   -12.564 -13.884 1.00 29.34  ? 47  C   A "C3'" 1 
ATOM   667  O  "O3'" . C   A 1 31 ? 8.008   -13.616 -13.038 1.00 29.22  ? 47  C   A "O3'" 1 
ATOM   668  C  "C2'" . C   A 1 31 ? 8.193   -12.612 -15.276 1.00 33.77  ? 47  C   A "C2'" 1 
ATOM   669  O  "O2'" . C   A 1 31 ? 8.208   -13.944 -15.771 1.00 36.97  ? 47  C   A "O2'" 1 
ATOM   670  C  "C1'" . C   A 1 31 ? 7.176   -11.811 -16.087 1.00 31.95  ? 47  C   A "C1'" 1 
ATOM   671  N  N1    . C   A 1 31 ? 7.553   -10.386 -16.225 1.00 30.86  ? 47  C   A N1    1 
ATOM   672  C  C2    . C   A 1 31 ? 8.444   -10.017 -17.236 1.00 29.60  ? 47  C   A C2    1 
ATOM   673  O  O2    . C   A 1 31 ? 8.899   -10.895 -17.985 1.00 28.78  ? 47  C   A O2    1 
ATOM   674  N  N3    . C   A 1 31 ? 8.787   -8.714  -17.371 1.00 26.95  ? 47  C   A N3    1 
ATOM   675  C  C4    . C   A 1 31 ? 8.275   -7.799  -16.547 1.00 25.91  ? 47  C   A C4    1 
ATOM   676  N  N4    . C   A 1 31 ? 8.641   -6.526  -16.716 1.00 20.42  ? 47  C   A N4    1 
ATOM   677  C  C5    . C   A 1 31 ? 7.363   -8.146  -15.509 1.00 31.06  ? 47  C   A C5    1 
ATOM   678  C  C6    . C   A 1 31 ? 7.031   -9.437  -15.388 1.00 29.49  ? 47  C   A C6    1 
ATOM   679  P  P     . C   A 1 32 ? 9.273   -13.413 -12.070 1.00 30.36  ? 48  C   A P     1 
ATOM   680  O  OP1   . C   A 1 32 ? 9.319   -14.573 -11.142 1.00 29.04  ? 48  C   A OP1   1 
ATOM   681  O  OP2   . C   A 1 32 ? 9.210   -12.039 -11.513 1.00 40.83  ? 48  C   A OP2   1 
ATOM   682  O  "O5'" . C   A 1 32 ? 10.529  -13.493 -13.048 1.00 27.00  ? 48  C   A "O5'" 1 
ATOM   683  C  "C5'" . C   A 1 32 ? 10.829  -14.686 -13.757 1.00 18.40  ? 48  C   A "C5'" 1 
ATOM   684  C  "C4'" . C   A 1 32 ? 11.817  -14.441 -14.871 1.00 26.66  ? 48  C   A "C4'" 1 
ATOM   685  O  "O4'" . C   A 1 32 ? 11.272  -13.488 -15.818 1.00 32.95  ? 48  C   A "O4'" 1 
ATOM   686  C  "C3'" . C   A 1 32 ? 13.152  -13.836 -14.468 1.00 27.35  ? 48  C   A "C3'" 1 
ATOM   687  O  "O3'" . C   A 1 32 ? 14.055  -14.798 -13.954 1.00 33.68  ? 48  C   A "O3'" 1 
ATOM   688  C  "C2'" . C   A 1 32 ? 13.633  -13.190 -15.764 1.00 26.93  ? 48  C   A "C2'" 1 
ATOM   689  O  "O2'" . C   A 1 32 ? 14.215  -14.161 -16.621 1.00 34.49  ? 48  C   A "O2'" 1 
ATOM   690  C  "C1'" . C   A 1 32 ? 12.314  -12.722 -16.386 1.00 24.34  ? 48  C   A "C1'" 1 
ATOM   691  N  N1    . C   A 1 32 ? 12.050  -11.287 -16.138 1.00 26.23  ? 48  C   A N1    1 
ATOM   692  C  C2    . C   A 1 32 ? 12.520  -10.353 -17.066 1.00 29.45  ? 48  C   A C2    1 
ATOM   693  O  O2    . C   A 1 32 ? 13.139  -10.758 -18.061 1.00 37.52  ? 48  C   A O2    1 
ATOM   694  N  N3    . C   A 1 32 ? 12.286  -9.036  -16.859 1.00 29.01  ? 48  C   A N3    1 
ATOM   695  C  C4    . C   A 1 32 ? 11.615  -8.639  -15.776 1.00 27.33  ? 48  C   A C4    1 
ATOM   696  N  N4    . C   A 1 32 ? 11.411  -7.330  -15.611 1.00 26.93  ? 48  C   A N4    1 
ATOM   697  C  C5    . C   A 1 32 ? 11.126  -9.568  -14.813 1.00 29.18  ? 48  C   A C5    1 
ATOM   698  C  C6    . C   A 1 32 ? 11.362  -10.868 -15.032 1.00 32.01  ? 48  C   A C6    1 
ATOM   699  P  P     . U   A 1 33 ? 15.193  -14.369 -12.904 1.00 36.48  ? 49  U   A P     1 
ATOM   700  O  OP1   . U   A 1 33 ? 16.051  -13.339 -13.547 1.00 29.24  ? 49  U   A OP1   1 
ATOM   701  O  OP2   . U   A 1 33 ? 15.812  -15.608 -12.365 1.00 35.82  ? 49  U   A OP2   1 
ATOM   702  O  "O5'" . U   A 1 33 ? 14.386  -13.683 -11.717 1.00 25.14  ? 49  U   A "O5'" 1 
ATOM   703  C  "C5'" . U   A 1 33 ? 15.016  -13.394 -10.472 1.00 28.47  ? 49  U   A "C5'" 1 
ATOM   704  C  "C4'" . U   A 1 33 ? 14.384  -12.210 -9.782  1.00 34.59  ? 49  U   A "C4'" 1 
ATOM   705  O  "O4'" . U   A 1 33 ? 14.809  -10.984 -10.442 1.00 34.99  ? 49  U   A "O4'" 1 
ATOM   706  C  "C3'" . U   A 1 33 ? 12.856  -12.188 -9.794  1.00 33.92  ? 49  U   A "C3'" 1 
ATOM   707  O  "O3'" . U   A 1 33 ? 12.391  -11.554 -8.604  1.00 33.87  ? 49  U   A "O3'" 1 
ATOM   708  C  "C2'" . U   A 1 33 ? 12.552  -11.289 -10.988 1.00 32.11  ? 49  U   A "C2'" 1 
ATOM   709  O  "O2'" . U   A 1 33 ? 11.276  -10.691 -10.968 1.00 26.67  ? 49  U   A "O2'" 1 
ATOM   710  C  "C1'" . U   A 1 33 ? 13.673  -10.261 -10.875 1.00 29.11  ? 49  U   A "C1'" 1 
ATOM   711  N  N1    . U   A 1 33 ? 14.004  -9.584  -12.136 1.00 27.17  ? 49  U   A N1    1 
ATOM   712  C  C2    . U   A 1 33 ? 13.823  -8.216  -12.188 1.00 29.76  ? 49  U   A C2    1 
ATOM   713  O  O2    . U   A 1 33 ? 13.409  -7.570  -11.241 1.00 31.98  ? 49  U   A O2    1 
ATOM   714  N  N3    . U   A 1 33 ? 14.147  -7.633  -13.387 1.00 20.86  ? 49  U   A N3    1 
ATOM   715  C  C4    . U   A 1 33 ? 14.620  -8.270  -14.515 1.00 24.79  ? 49  U   A C4    1 
ATOM   716  O  O4    . U   A 1 33 ? 14.865  -7.609  -15.525 1.00 31.93  ? 49  U   A O4    1 
ATOM   717  C  C5    . U   A 1 33 ? 14.778  -9.686  -14.380 1.00 25.23  ? 49  U   A C5    1 
ATOM   718  C  C6    . U   A 1 33 ? 14.472  -10.281 -13.223 1.00 27.13  ? 49  U   A C6    1 
ATOM   719  P  P     . C   A 1 34 ? 11.938  -12.430 -7.336  1.00 45.68  ? 50  C   A P     1 
ATOM   720  O  OP1   . C   A 1 34 ? 12.086  -13.867 -7.680  1.00 47.72  ? 50  C   A OP1   1 
ATOM   721  O  OP2   . C   A 1 34 ? 10.623  -11.914 -6.876  1.00 41.38  ? 50  C   A OP2   1 
ATOM   722  O  "O5'" . C   A 1 34 ? 13.019  -12.077 -6.220  1.00 47.23  ? 50  C   A "O5'" 1 
ATOM   723  C  "C5'" . C   A 1 34 ? 14.254  -12.774 -6.150  1.00 43.90  ? 50  C   A "C5'" 1 
ATOM   724  C  "C4'" . C   A 1 34 ? 15.386  -11.859 -5.752  1.00 39.41  ? 50  C   A "C4'" 1 
ATOM   725  O  "O4'" . C   A 1 34 ? 15.702  -10.970 -6.851  1.00 47.36  ? 50  C   A "O4'" 1 
ATOM   726  C  "C3'" . C   A 1 34 ? 15.104  -10.927 -4.582  1.00 43.20  ? 50  C   A "C3'" 1 
ATOM   727  O  "O3'" . C   A 1 34 ? 15.290  -11.554 -3.326  1.00 37.17  ? 50  C   A "O3'" 1 
ATOM   728  C  "C2'" . C   A 1 34 ? 16.069  -9.773  -4.828  1.00 50.75  ? 50  C   A "C2'" 1 
ATOM   729  O  "O2'" . C   A 1 34 ? 17.372  -10.101 -4.370  1.00 54.14  ? 50  C   A "O2'" 1 
ATOM   730  C  "C1'" . C   A 1 34 ? 16.093  -9.707  -6.358  1.00 48.37  ? 50  C   A "C1'" 1 
ATOM   731  N  N1    . C   A 1 34 ? 15.176  -8.680  -6.901  1.00 48.30  ? 50  C   A N1    1 
ATOM   732  C  C2    . C   A 1 34 ? 15.553  -7.333  -6.856  1.00 44.64  ? 50  C   A C2    1 
ATOM   733  O  O2    . C   A 1 34 ? 16.643  -7.028  -6.353  1.00 47.51  ? 50  C   A O2    1 
ATOM   734  N  N3    . C   A 1 34 ? 14.720  -6.394  -7.361  1.00 40.94  ? 50  C   A N3    1 
ATOM   735  C  C4    . C   A 1 34 ? 13.555  -6.756  -7.901  1.00 38.33  ? 50  C   A C4    1 
ATOM   736  N  N4    . C   A 1 34 ? 12.765  -5.794  -8.384  1.00 35.72  ? 50  C   A N4    1 
ATOM   737  C  C5    . C   A 1 34 ? 13.145  -8.119  -7.964  1.00 38.07  ? 50  C   A C5    1 
ATOM   738  C  C6    . C   A 1 34 ? 13.980  -9.038  -7.460  1.00 43.41  ? 50  C   A C6    1 
ATOM   739  P  P     . C   A 1 35 ? 14.182  -11.416 -2.171  1.00 51.70  ? 51  C   A P     1 
ATOM   740  O  OP1   . C   A 1 35 ? 14.592  -12.301 -1.048  1.00 50.57  ? 51  C   A OP1   1 
ATOM   741  O  OP2   . C   A 1 35 ? 12.841  -11.585 -2.787  1.00 58.62  ? 51  C   A OP2   1 
ATOM   742  O  "O5'" . C   A 1 35 ? 14.317  -9.907  -1.676  1.00 58.15  ? 51  C   A "O5'" 1 
ATOM   743  C  "C5'" . C   A 1 35 ? 15.446  -9.485  -0.926  1.00 51.06  ? 51  C   A "C5'" 1 
ATOM   744  C  "C4'" . C   A 1 35 ? 15.609  -7.985  -0.953  1.00 50.77  ? 51  C   A "C4'" 1 
ATOM   745  O  "O4'" . C   A 1 35 ? 15.770  -7.530  -2.325  1.00 46.42  ? 51  C   A "O4'" 1 
ATOM   746  C  "C3'" . C   A 1 35 ? 14.432  -7.168  -0.441  1.00 47.00  ? 51  C   A "C3'" 1 
ATOM   747  O  "O3'" . C   A 1 35 ? 14.343  -7.108  0.970   1.00 47.44  ? 51  C   A "O3'" 1 
ATOM   748  C  "C2'" . C   A 1 35 ? 14.663  -5.820  -1.108  1.00 55.48  ? 51  C   A "C2'" 1 
ATOM   749  O  "O2'" . C   A 1 35 ? 15.705  -5.110  -0.456  1.00 56.56  ? 51  C   A "O2'" 1 
ATOM   750  C  "C1'" . C   A 1 35 ? 15.165  -6.261  -2.482  1.00 51.37  ? 51  C   A "C1'" 1 
ATOM   751  N  N1    . C   A 1 35 ? 14.047  -6.378  -3.448  1.00 48.13  ? 51  C   A N1    1 
ATOM   752  C  C2    . C   A 1 35 ? 13.623  -5.226  -4.116  1.00 43.63  ? 51  C   A C2    1 
ATOM   753  O  O2    . C   A 1 35 ? 14.208  -4.155  -3.895  1.00 48.90  ? 51  C   A O2    1 
ATOM   754  N  N3    . C   A 1 35 ? 12.596  -5.308  -4.991  1.00 41.14  ? 51  C   A N3    1 
ATOM   755  C  C4    . C   A 1 35 ? 11.991  -6.477  -5.199  1.00 39.90  ? 51  C   A C4    1 
ATOM   756  N  N4    . C   A 1 35 ? 10.984  -6.511  -6.072  1.00 39.99  ? 51  C   A N4    1 
ATOM   757  C  C5    . C   A 1 35 ? 12.397  -7.666  -4.529  1.00 51.44  ? 51  C   A C5    1 
ATOM   758  C  C6    . C   A 1 35 ? 13.417  -7.571  -3.668  1.00 48.21  ? 51  C   A C6    1 
ATOM   759  P  P     . A   A 1 36 ? 12.912  -7.282  1.682   1.00 63.16  ? 52  A   A P     1 
ATOM   760  O  OP1   . A   A 1 36 ? 13.118  -7.309  3.153   1.00 61.23  ? 52  A   A OP1   1 
ATOM   761  O  OP2   . A   A 1 36 ? 12.211  -8.408  1.012   1.00 46.18  ? 52  A   A OP2   1 
ATOM   762  O  "O5'" . A   A 1 36 ? 12.133  -5.942  1.315   1.00 57.80  ? 52  A   A "O5'" 1 
ATOM   763  C  "C5'" . A   A 1 36 ? 12.649  -4.674  1.694   1.00 55.95  ? 52  A   A "C5'" 1 
ATOM   764  C  "C4'" . A   A 1 36 ? 11.946  -3.547  0.979   1.00 48.76  ? 52  A   A "C4'" 1 
ATOM   765  O  "O4'" . A   A 1 36 ? 12.073  -3.719  -0.455  1.00 51.67  ? 52  A   A "O4'" 1 
ATOM   766  C  "C3'" . A   A 1 36 ? 10.446  -3.437  1.206   1.00 48.96  ? 52  A   A "C3'" 1 
ATOM   767  O  "O3'" . A   A 1 36 ? 10.124  -2.781  2.421   1.00 57.20  ? 52  A   A "O3'" 1 
ATOM   768  C  "C2'" . A   A 1 36 ? 9.975   -2.681  -0.031  1.00 45.00  ? 52  A   A "C2'" 1 
ATOM   769  O  "O2'" . A   A 1 36 ? 10.209  -1.288  0.115   1.00 45.27  ? 52  A   A "O2'" 1 
ATOM   770  C  "C1'" . A   A 1 36 ? 10.923  -3.221  -1.104  1.00 55.95  ? 52  A   A "C1'" 1 
ATOM   771  N  N9    . A   A 1 36 ? 10.309  -4.304  -1.895  1.00 48.85  ? 52  A   A N9    1 
ATOM   772  C  C8    . A   A 1 36 ? 10.515  -5.657  -1.797  1.00 48.78  ? 52  A   A C8    1 
ATOM   773  N  N7    . A   A 1 36 ? 9.812   -6.360  -2.652  1.00 43.39  ? 52  A   A N7    1 
ATOM   774  C  C5    . A   A 1 36 ? 9.098   -5.404  -3.361  1.00 40.21  ? 52  A   A C5    1 
ATOM   775  C  C6    . A   A 1 36 ? 8.171   -5.499  -4.414  1.00 39.15  ? 52  A   A C6    1 
ATOM   776  N  N6    . A   A 1 36 ? 7.782   -6.655  -4.957  1.00 35.58  ? 52  A   A N6    1 
ATOM   777  N  N1    . A   A 1 36 ? 7.641   -4.353  -4.893  1.00 39.57  ? 52  A   A N1    1 
ATOM   778  C  C2    . A   A 1 36 ? 8.028   -3.192  -4.348  1.00 42.47  ? 52  A   A C2    1 
ATOM   779  N  N3    . A   A 1 36 ? 8.892   -2.975  -3.358  1.00 41.01  ? 52  A   A N3    1 
ATOM   780  C  C4    . A   A 1 36 ? 9.396   -4.134  -2.905  1.00 39.48  ? 52  A   A C4    1 
ATOM   781  P  P     . C   A 1 37 ? 9.123   -3.460  3.480   1.00 60.98  ? 53  C   A P     1 
ATOM   782  O  OP1   . C   A 1 37 ? 9.380   -2.844  4.806   1.00 82.25  ? 53  C   A OP1   1 
ATOM   783  O  OP2   . C   A 1 37 ? 9.230   -4.934  3.332   1.00 59.32  ? 53  C   A OP2   1 
ATOM   784  O  "O5'" . C   A 1 37 ? 7.675   -3.004  2.993   1.00 45.52  ? 53  C   A "O5'" 1 
ATOM   785  C  "C5'" . C   A 1 37 ? 7.420   -1.657  2.620   1.00 45.52  ? 53  C   A "C5'" 1 
ATOM   786  C  "C4'" . C   A 1 37 ? 6.350   -1.557  1.559   1.00 46.41  ? 53  C   A "C4'" 1 
ATOM   787  O  "O4'" . C   A 1 37 ? 6.821   -2.113  0.308   1.00 55.40  ? 53  C   A "O4'" 1 
ATOM   788  C  "C3'" . C   A 1 37 ? 5.052   -2.299  1.833   1.00 48.08  ? 53  C   A "C3'" 1 
ATOM   789  O  "O3'" . C   A 1 37 ? 4.183   -1.563  2.676   1.00 68.29  ? 53  C   A "O3'" 1 
ATOM   790  C  "C2'" . C   A 1 37 ? 4.471   -2.507  0.437   1.00 48.39  ? 53  C   A "C2'" 1 
ATOM   791  O  "O2'" . C   A 1 37 ? 3.741   -1.363  0.024   1.00 53.19  ? 53  C   A "O2'" 1 
ATOM   792  C  "C1'" . C   A 1 37 ? 5.731   -2.624  -0.427  1.00 53.11  ? 53  C   A "C1'" 1 
ATOM   793  N  N1    . C   A 1 37 ? 6.006   -4.013  -0.868  1.00 50.44  ? 53  C   A N1    1 
ATOM   794  C  C2    . C   A 1 37 ? 6.847   -4.906  -0.176  1.00 53.12  ? 53  C   A C2    1 
ATOM   795  O  O2    . C   A 1 37 ? 7.429   -4.562  0.861   1.00 68.47  ? 53  C   A O2    1 
ATOM   796  N  N3    . C   A 1 37 ? 7.028   -6.158  -0.662  1.00 38.11  ? 53  C   A N3    1 
ATOM   797  C  C4    . C   A 1 37 ? 6.407   -6.537  -1.778  1.00 45.23  ? 53  C   A C4    1 
ATOM   798  N  N4    . C   A 1 37 ? 6.606   -7.779  -2.229  1.00 50.34  ? 53  C   A N4    1 
ATOM   799  C  C5    . C   A 1 37 ? 5.551   -5.652  -2.487  1.00 42.68  ? 53  C   A C5    1 
ATOM   800  C  C6    . C   A 1 37 ? 5.379   -4.424  -2.006  1.00 38.39  ? 53  C   A C6    1 
ATOM   801  P  P     . C   A 1 38 ? 3.680   -2.160  4.078   1.00 71.52  ? 54  C   A P     1 
ATOM   802  O  OP1   . C   A 1 38 ? 4.547   -3.307  4.444   1.00 44.42  ? 54  C   A OP1   1 
ATOM   803  O  OP2   . C   A 1 38 ? 2.209   -2.346  3.990   1.00 64.29  ? 54  C   A OP2   1 
ATOM   804  O  "O5'" . C   A 1 38 ? 3.970   -0.978  5.105   1.00 59.20  ? 54  C   A "O5'" 1 
ATOM   805  C  "C5'" . C   A 1 38 ? 5.254   -0.832  5.691   1.00 56.95  ? 54  C   A "C5'" 1 
ATOM   806  C  "C4'" . C   A 1 38 ? 5.776   0.581   5.592   1.00 63.04  ? 54  C   A "C4'" 1 
ATOM   807  O  "O4'" . C   A 1 38 ? 6.056   0.931   4.211   1.00 50.68  ? 54  C   A "O4'" 1 
ATOM   808  C  "C3'" . C   A 1 38 ? 4.852   1.694   6.054   1.00 63.41  ? 54  C   A "C3'" 1 
ATOM   809  O  "O3'" . C   A 1 38 ? 4.760   1.809   7.462   1.00 57.68  ? 54  C   A "O3'" 1 
ATOM   810  C  "C2'" . C   A 1 38 ? 5.463   2.914   5.382   1.00 59.10  ? 54  C   A "C2'" 1 
ATOM   811  O  "O2'" . C   A 1 38 ? 6.623   3.341   6.081   1.00 52.82  ? 54  C   A "O2'" 1 
ATOM   812  C  "C1'" . C   A 1 38 ? 5.902   2.328   4.039   1.00 50.51  ? 54  C   A "C1'" 1 
ATOM   813  N  N1    . C   A 1 38 ? 4.911   2.597   2.973   1.00 41.68  ? 54  C   A N1    1 
ATOM   814  C  C2    . C   A 1 38 ? 4.872   3.891   2.441   1.00 41.13  ? 54  C   A C2    1 
ATOM   815  O  O2    . C   A 1 38 ? 5.663   4.741   2.871   1.00 44.17  ? 54  C   A O2    1 
ATOM   816  N  N3    . C   A 1 38 ? 3.982   4.193   1.470   1.00 36.88  ? 54  C   A N3    1 
ATOM   817  C  C4    . C   A 1 38 ? 3.147   3.256   1.029   1.00 44.64  ? 54  C   A C4    1 
ATOM   818  N  N4    . C   A 1 38 ? 2.285   3.599   0.068   1.00 36.55  ? 54  C   A N4    1 
ATOM   819  C  C5    . C   A 1 38 ? 3.160   1.928   1.554   1.00 48.03  ? 54  C   A C5    1 
ATOM   820  C  C6    . C   A 1 38 ? 4.047   1.642   2.517   1.00 40.38  ? 54  C   A C6    1 
ATOM   821  P  P     . A   A 1 39 ? 3.460   2.487   8.124   1.00 72.54  ? 55  A   A P     1 
ATOM   822  O  OP1   . A   A 1 39 ? 3.544   2.294   9.596   1.00 73.11  ? 55  A   A OP1   1 
ATOM   823  O  OP2   . A   A 1 39 ? 2.267   2.004   7.386   1.00 52.08  ? 55  A   A OP2   1 
ATOM   824  O  "O5'" . A   A 1 39 ? 3.620   4.040   7.809   1.00 62.89  ? 55  A   A "O5'" 1 
ATOM   825  C  "C5'" . A   A 1 39 ? 4.711   4.780   8.336   1.00 58.40  ? 55  A   A "C5'" 1 
ATOM   826  C  "C4'" . A   A 1 39 ? 4.756   6.187   7.790   1.00 65.70  ? 55  A   A "C4'" 1 
ATOM   827  O  "O4'" . A   A 1 39 ? 4.999   6.171   6.358   1.00 61.02  ? 55  A   A "O4'" 1 
ATOM   828  C  "C3'" . A   A 1 39 ? 3.484   7.005   7.924   1.00 68.49  ? 55  A   A "C3'" 1 
ATOM   829  O  "O3'" . A   A 1 39 ? 3.274   7.512   9.230   1.00 72.36  ? 55  A   A "O3'" 1 
ATOM   830  C  "C2'" . A   A 1 39 ? 3.682   8.083   6.867   1.00 63.98  ? 55  A   A "C2'" 1 
ATOM   831  O  "O2'" . A   A 1 39 ? 4.583   9.079   7.330   1.00 61.52  ? 55  A   A "O2'" 1 
ATOM   832  C  "C1'" . A   A 1 39 ? 4.365   7.284   5.756   1.00 58.22  ? 55  A   A "C1'" 1 
ATOM   833  N  N9    . A   A 1 39 ? 3.389   6.809   4.755   1.00 50.48  ? 55  A   A N9    1 
ATOM   834  C  C8    . A   A 1 39 ? 2.900   5.541   4.561   1.00 53.81  ? 55  A   A C8    1 
ATOM   835  N  N7    . A   A 1 39 ? 2.030   5.456   3.583   1.00 52.68  ? 55  A   A N7    1 
ATOM   836  C  C5    . A   A 1 39 ? 1.935   6.757   3.105   1.00 40.70  ? 55  A   A C5    1 
ATOM   837  C  C6    . A   A 1 39 ? 1.179   7.343   2.069   1.00 43.29  ? 55  A   A C6    1 
ATOM   838  N  N6    . A   A 1 39 ? 0.335   6.663   1.289   1.00 41.26  ? 55  A   A N6    1 
ATOM   839  N  N1    . A   A 1 39 ? 1.319   8.671   1.852   1.00 36.83  ? 55  A   A N1    1 
ATOM   840  C  C2    . A   A 1 39 ? 2.167   9.357   2.630   1.00 43.67  ? 55  A   A C2    1 
ATOM   841  N  N3    . A   A 1 39 ? 2.930   8.919   3.632   1.00 42.51  ? 55  A   A N3    1 
ATOM   842  C  C4    . A   A 1 39 ? 2.766   7.599   3.819   1.00 38.64  ? 55  A   A C4    1 
ATOM   843  P  P     . G   A 1 40 ? 1.776   7.745   9.765   1.00 85.16  ? 56  G   A P     1 
ATOM   844  O  OP1   . G   A 1 40 ? 1.844   7.974   11.230  1.00 69.63  ? 56  G   A OP1   1 
ATOM   845  O  OP2   . G   A 1 40 ? 0.921   6.653   9.234   1.00 80.92  ? 56  G   A OP2   1 
ATOM   846  O  "O5'" . G   A 1 40 ? 1.329   9.103   9.062   1.00 71.38  ? 56  G   A "O5'" 1 
ATOM   847  C  "C5'" . G   A 1 40 ? 2.174   10.245  9.097   1.00 66.71  ? 56  G   A "C5'" 1 
ATOM   848  C  "C4'" . G   A 1 40 ? 1.691   11.333  8.169   1.00 64.86  ? 56  G   A "C4'" 1 
ATOM   849  O  "O4'" . G   A 1 40 ? 1.842   10.922  6.786   1.00 70.80  ? 56  G   A "O4'" 1 
ATOM   850  C  "C3'" . G   A 1 40 ? 0.223   11.709  8.282   1.00 65.91  ? 56  G   A "C3'" 1 
ATOM   851  O  "O3'" . G   A 1 40 ? -0.038  12.562  9.385   1.00 81.08  ? 56  G   A "O3'" 1 
ATOM   852  C  "C2'" . G   A 1 40 ? -0.062  12.348  6.926   1.00 55.72  ? 56  G   A "C2'" 1 
ATOM   853  O  "O2'" . G   A 1 40 ? 0.386   13.695  6.905   1.00 50.84  ? 56  G   A "O2'" 1 
ATOM   854  C  "C1'" . G   A 1 40 ? 0.833   11.522  5.997   1.00 59.63  ? 56  G   A "C1'" 1 
ATOM   855  N  N9    . G   A 1 40 ? 0.083   10.474  5.278   1.00 49.95  ? 56  G   A N9    1 
ATOM   856  C  C8    . G   A 1 40 ? 0.031   9.132   5.562   1.00 51.41  ? 56  G   A C8    1 
ATOM   857  N  N7    . G   A 1 40 ? -0.732  8.476   4.733   1.00 49.33  ? 56  G   A N7    1 
ATOM   858  C  C5    . G   A 1 40 ? -1.207  9.441   3.856   1.00 42.79  ? 56  G   A C5    1 
ATOM   859  C  C6    . G   A 1 40 ? -2.077  9.323   2.742   1.00 44.73  ? 56  G   A C6    1 
ATOM   860  O  O6    . G   A 1 40 ? -2.621  8.305   2.297   1.00 47.28  ? 56  G   A O6    1 
ATOM   861  N  N1    . G   A 1 40 ? -2.298  10.551  2.129   1.00 38.16  ? 56  G   A N1    1 
ATOM   862  C  C2    . G   A 1 40 ? -1.752  11.743  2.532   1.00 43.57  ? 56  G   A C2    1 
ATOM   863  N  N2    . G   A 1 40 ? -2.089  12.818  1.805   1.00 38.63  ? 56  G   A N2    1 
ATOM   864  N  N3    . G   A 1 40 ? -0.938  11.868  3.568   1.00 41.35  ? 56  G   A N3    1 
ATOM   865  C  C4    . G   A 1 40 ? -0.712  10.683  4.177   1.00 41.52  ? 56  G   A C4    1 
ATOM   866  P  P     . U   A 1 41 ? -1.508  12.641  10.032  1.00 82.88  ? 57  U   A P     1 
ATOM   867  O  OP1   . U   A 1 41 ? -1.371  13.122  11.431  1.00 86.63  ? 57  U   A OP1   1 
ATOM   868  O  OP2   . U   A 1 41 ? -2.218  11.365  9.763   1.00 64.13  ? 57  U   A OP2   1 
ATOM   869  O  "O5'" . U   A 1 41 ? -2.230  13.781  9.189   1.00 52.74  ? 57  U   A "O5'" 1 
ATOM   870  C  "C5'" . U   A 1 41 ? -3.600  13.671  8.837   1.00 60.66  ? 57  U   A "C5'" 1 
ATOM   871  C  "C4'" . U   A 1 41 ? -3.850  14.172  7.436   1.00 55.17  ? 57  U   A "C4'" 1 
ATOM   872  O  "O4'" . U   A 1 41 ? -3.076  13.389  6.489   1.00 57.61  ? 57  U   A "O4'" 1 
ATOM   873  C  "C3'" . U   A 1 41 ? -5.282  14.045  6.942   1.00 66.77  ? 57  U   A "C3'" 1 
ATOM   874  O  "O3'" . U   A 1 41 ? -6.109  15.102  7.388   1.00 75.04  ? 57  U   A "O3'" 1 
ATOM   875  C  "C2'" . U   A 1 41 ? -5.114  13.990  5.430   1.00 57.38  ? 57  U   A "C2'" 1 
ATOM   876  O  "O2'" . U   A 1 41 ? -4.897  15.288  4.896   1.00 65.19  ? 57  U   A "O2'" 1 
ATOM   877  C  "C1'" . U   A 1 41 ? -3.818  13.190  5.304   1.00 48.96  ? 57  U   A "C1'" 1 
ATOM   878  N  N1    . U   A 1 41 ? -4.073  11.739  5.158   1.00 43.36  ? 57  U   A N1    1 
ATOM   879  C  C2    . U   A 1 41 ? -4.709  11.282  4.017   1.00 46.17  ? 57  U   A C2    1 
ATOM   880  O  O2    . U   A 1 41 ? -5.087  12.007  3.111   1.00 46.26  ? 57  U   A O2    1 
ATOM   881  N  N3    . U   A 1 41 ? -4.896  9.923   3.971   1.00 44.25  ? 57  U   A N3    1 
ATOM   882  C  C4    . U   A 1 41 ? -4.522  8.993   4.920   1.00 52.59  ? 57  U   A C4    1 
ATOM   883  O  O4    . U   A 1 41 ? -4.763  7.800   4.729   1.00 59.19  ? 57  U   A O4    1 
ATOM   884  C  C5    . U   A 1 41 ? -3.868  9.545   6.066   1.00 46.19  ? 57  U   A C5    1 
ATOM   885  C  C6    . U   A 1 41 ? -3.672  10.864  6.140   1.00 44.89  ? 57  U   A C6    1 
ATOM   886  P  P     . G   A 1 42 ? -7.553  14.781  8.013   1.00 74.58  ? 58  G   A P     1 
ATOM   887  O  OP1   . G   A 1 42 ? -7.894  15.885  8.946   1.00 75.49  ? 58  G   A OP1   1 
ATOM   888  O  OP2   . G   A 1 42 ? -7.537  13.377  8.494   1.00 57.55  ? 58  G   A OP2   1 
ATOM   889  O  "O5'" . G   A 1 42 ? -8.534  14.863  6.762   1.00 55.44  ? 58  G   A "O5'" 1 
ATOM   890  C  "C5'" . G   A 1 42 ? -8.482  15.974  5.880   1.00 61.41  ? 58  G   A "C5'" 1 
ATOM   891  C  "C4'" . G   A 1 42 ? -9.337  15.750  4.661   1.00 62.73  ? 58  G   A "C4'" 1 
ATOM   892  O  "O4'" . G   A 1 42 ? -8.660  14.858  3.739   1.00 69.11  ? 58  G   A "O4'" 1 
ATOM   893  C  "C3'" . G   A 1 42 ? -10.673 15.072  4.908   1.00 67.64  ? 58  G   A "C3'" 1 
ATOM   894  O  "O3'" . G   A 1 42 ? -11.664 15.953  5.404   1.00 79.28  ? 58  G   A "O3'" 1 
ATOM   895  C  "C2'" . G   A 1 42 ? -10.996 14.481  3.543   1.00 57.96  ? 58  G   A "C2'" 1 
ATOM   896  O  "O2'" . G   A 1 42 ? -11.474 15.486  2.661   1.00 53.33  ? 58  G   A "O2'" 1 
ATOM   897  C  "C1'" . G   A 1 42 ? -9.608  14.049  3.071   1.00 50.62  ? 58  G   A "C1'" 1 
ATOM   898  N  N9    . G   A 1 42 ? -9.335  12.636  3.393   1.00 44.10  ? 58  G   A N9    1 
ATOM   899  C  C8    . G   A 1 42 ? -8.539  12.143  4.400   1.00 45.86  ? 58  G   A C8    1 
ATOM   900  N  N7    . G   A 1 42 ? -8.500  10.839  4.429   1.00 41.91  ? 58  G   A N7    1 
ATOM   901  C  C5    . G   A 1 42 ? -9.320  10.446  3.377   1.00 42.53  ? 58  G   A C5    1 
ATOM   902  C  C6    . G   A 1 42 ? -9.669  9.151   2.913   1.00 40.61  ? 58  G   A C6    1 
ATOM   903  O  O6    . G   A 1 42 ? -9.310  8.050   3.349   1.00 44.82  ? 58  G   A O6    1 
ATOM   904  N  N1    . G   A 1 42 ? -10.527 9.213   1.820   1.00 38.25  ? 58  G   A N1    1 
ATOM   905  C  C2    . G   A 1 42 ? -10.993 10.370  1.247   1.00 42.11  ? 58  G   A C2    1 
ATOM   906  N  N2    . G   A 1 42 ? -11.815 10.222  0.198   1.00 41.34  ? 58  G   A N2    1 
ATOM   907  N  N3    . G   A 1 42 ? -10.676 11.582  1.670   1.00 41.55  ? 58  G   A N3    1 
ATOM   908  C  C4    . G   A 1 42 ? -9.843  11.545  2.731   1.00 38.86  ? 58  G   A C4    1 
ATOM   909  P  P     . A   A 1 43 ? -12.805 15.398  6.391   1.00 73.79  ? 59  A   A P     1 
ATOM   910  O  OP1   . A   A 1 43 ? -13.490 16.562  7.008   1.00 73.54  ? 59  A   A OP1   1 
ATOM   911  O  OP2   . A   A 1 43 ? -12.193 14.359  7.259   1.00 58.94  ? 59  A   A OP2   1 
ATOM   912  O  "O5'" . A   A 1 43 ? -13.836 14.684  5.410   1.00 57.85  ? 59  A   A "O5'" 1 
ATOM   913  C  "C5'" . A   A 1 43 ? -14.449 15.408  4.356   1.00 59.83  ? 59  A   A "C5'" 1 
ATOM   914  C  "C4'" . A   A 1 43 ? -15.022 14.489  3.307   1.00 59.06  ? 59  A   A "C4'" 1 
ATOM   915  O  "O4'" . A   A 1 43 ? -13.972 13.659  2.748   1.00 56.96  ? 59  A   A "O4'" 1 
ATOM   916  C  "C3'" . A   A 1 43 ? -16.057 13.489  3.792   1.00 62.42  ? 59  A   A "C3'" 1 
ATOM   917  O  "O3'" . A   A 1 43 ? -17.347 14.057  3.939   1.00 69.06  ? 59  A   A "O3'" 1 
ATOM   918  C  "C2'" . A   A 1 43 ? -15.984 12.400  2.731   1.00 56.34  ? 59  A   A "C2'" 1 
ATOM   919  O  "O2'" . A   A 1 43 ? -16.683 12.793  1.559   1.00 61.41  ? 59  A   A "O2'" 1 
ATOM   920  C  "C1'" . A   A 1 43 ? -14.489 12.387  2.417   1.00 51.55  ? 59  A   A "C1'" 1 
ATOM   921  N  N9    . A   A 1 43 ? -13.770 11.366  3.201   1.00 51.21  ? 59  A   A N9    1 
ATOM   922  C  C8    . A   A 1 43 ? -12.913 11.557  4.257   1.00 48.58  ? 59  A   A C8    1 
ATOM   923  N  N7    . A   A 1 43 ? -12.426 10.443  4.747   1.00 41.90  ? 59  A   A N7    1 
ATOM   924  C  C5    . A   A 1 43 ? -13.001 9.454   3.961   1.00 38.42  ? 59  A   A C5    1 
ATOM   925  C  C6    . A   A 1 43 ? -12.890 8.052   3.971   1.00 42.42  ? 59  A   A C6    1 
ATOM   926  N  N6    . A   A 1 43 ? -12.126 7.380   4.835   1.00 42.81  ? 59  A   A N6    1 
ATOM   927  N  N1    . A   A 1 43 ? -13.596 7.358   3.050   1.00 43.38  ? 59  A   A N1    1 
ATOM   928  C  C2    . A   A 1 43 ? -14.361 8.035   2.184   1.00 41.02  ? 59  A   A C2    1 
ATOM   929  N  N3    . A   A 1 43 ? -14.546 9.348   2.077   1.00 41.72  ? 59  A   A N3    1 
ATOM   930  C  C4    . A   A 1 43 ? -13.830 10.008  3.005   1.00 43.48  ? 59  A   A C4    1 
ATOM   931  P  P     . A   A 1 44 ? -18.297 13.594  5.150   1.00 67.27  ? 60  A   A P     1 
ATOM   932  O  OP1   . A   A 1 44 ? -19.404 14.576  5.270   1.00 68.88  ? 60  A   A OP1   1 
ATOM   933  O  OP2   . A   A 1 44 ? -17.435 13.315  6.327   1.00 51.70  ? 60  A   A OP2   1 
ATOM   934  O  "O5'" . A   A 1 44 ? -18.909 12.213  4.645   1.00 55.60  ? 60  A   A "O5'" 1 
ATOM   935  C  "C5'" . A   A 1 44 ? -19.559 12.122  3.385   1.00 48.85  ? 60  A   A "C5'" 1 
ATOM   936  C  "C4'" . A   A 1 44 ? -19.611 10.698  2.893   1.00 49.82  ? 60  A   A "C4'" 1 
ATOM   937  O  "O4'" . A   A 1 44 ? -18.265 10.212  2.654   1.00 49.22  ? 60  A   A "O4'" 1 
ATOM   938  C  "C3'" . A   A 1 44 ? -20.202 9.685   3.860   1.00 47.85  ? 60  A   A "C3'" 1 
ATOM   939  O  "O3'" . A   A 1 44 ? -21.618 9.672   3.855   1.00 47.74  ? 60  A   A "O3'" 1 
ATOM   940  C  "C2'" . A   A 1 44 ? -19.573 8.379   3.397   1.00 47.45  ? 60  A   A "C2'" 1 
ATOM   941  O  "O2'" . A   A 1 44 ? -20.224 7.896   2.231   1.00 51.59  ? 60  A   A "O2'" 1 
ATOM   942  C  "C1'" . A   A 1 44 ? -18.173 8.849   3.010   1.00 45.69  ? 60  A   A "C1'" 1 
ATOM   943  N  N9    . A   A 1 44 ? -17.226 8.726   4.133   1.00 40.26  ? 60  A   A N9    1 
ATOM   944  C  C8    . A   A 1 44 ? -16.714 9.731   4.911   1.00 43.41  ? 60  A   A C8    1 
ATOM   945  N  N7    . A   A 1 44 ? -15.895 9.313   5.839   1.00 39.36  ? 60  A   A N7    1 
ATOM   946  C  C5    . A   A 1 44 ? -15.868 7.941   5.663   1.00 35.97  ? 60  A   A C5    1 
ATOM   947  C  C6    . A   A 1 44 ? -15.183 6.916   6.337   1.00 42.01  ? 60  A   A C6    1 
ATOM   948  N  N6    . A   A 1 44 ? -14.360 7.124   7.369   1.00 46.54  ? 60  A   A N6    1 
ATOM   949  N  N1    . A   A 1 44 ? -15.379 5.650   5.908   1.00 42.58  ? 60  A   A N1    1 
ATOM   950  C  C2    . A   A 1 44 ? -16.205 5.433   4.877   1.00 37.21  ? 60  A   A C2    1 
ATOM   951  N  N3    . A   A 1 44 ? -16.903 6.315   4.164   1.00 46.65  ? 60  A   A N3    1 
ATOM   952  C  C4    . A   A 1 44 ? -16.686 7.562   4.616   1.00 43.28  ? 60  A   A C4    1 
ATOM   953  P  P     . C   A 1 45 ? -22.424 9.618   5.242   1.00 59.17  ? 61  C   A P     1 
ATOM   954  O  OP1   . C   A 1 45 ? -23.871 9.785   4.943   1.00 60.05  ? 61  C   A OP1   1 
ATOM   955  O  OP2   . C   A 1 45 ? -21.755 10.541  6.193   1.00 49.78  ? 61  C   A OP2   1 
ATOM   956  O  "O5'" . C   A 1 45 ? -22.192 8.131   5.760   1.00 40.70  ? 61  C   A "O5'" 1 
ATOM   957  C  "C5'" . C   A 1 45 ? -22.515 7.018   4.942   1.00 35.32  ? 61  C   A "C5'" 1 
ATOM   958  C  "C4'" . C   A 1 45 ? -21.837 5.762   5.425   1.00 43.89  ? 61  C   A "C4'" 1 
ATOM   959  O  "O4'" . C   A 1 45 ? -20.397 5.914   5.346   1.00 36.84  ? 61  C   A "O4'" 1 
ATOM   960  C  "C3'" . C   A 1 45 ? -22.085 5.388   6.877   1.00 41.05  ? 61  C   A "C3'" 1 
ATOM   961  O  "O3'" . C   A 1 45 ? -23.334 4.749   7.079   1.00 38.56  ? 61  C   A "O3'" 1 
ATOM   962  C  "C2'" . C   A 1 45 ? -20.885 4.507   7.197   1.00 39.93  ? 61  C   A "C2'" 1 
ATOM   963  O  "O2'" . C   A 1 45 ? -21.066 3.203   6.666   1.00 38.22  ? 61  C   A "O2'" 1 
ATOM   964  C  "C1'" . C   A 1 45 ? -19.780 5.203   6.401   1.00 43.30  ? 61  C   A "C1'" 1 
ATOM   965  N  N1    . C   A 1 45 ? -19.005 6.152   7.233   1.00 40.13  ? 61  C   A N1    1 
ATOM   966  C  C2    . C   A 1 45 ? -17.979 5.649   8.041   1.00 33.96  ? 61  C   A C2    1 
ATOM   967  O  O2    . C   A 1 45 ? -17.751 4.430   8.034   1.00 32.41  ? 61  C   A O2    1 
ATOM   968  N  N3    . C   A 1 45 ? -17.262 6.501   8.809   1.00 32.55  ? 61  C   A N3    1 
ATOM   969  C  C4    . C   A 1 45 ? -17.535 7.806   8.792   1.00 33.14  ? 61  C   A C4    1 
ATOM   970  N  N4    . C   A 1 45 ? -16.802 8.609   9.565   1.00 29.56  ? 61  C   A N4    1 
ATOM   971  C  C5    . C   A 1 45 ? -18.572 8.347   7.980   1.00 31.53  ? 61  C   A C5    1 
ATOM   972  C  C6    . C   A 1 45 ? -19.275 7.494   7.224   1.00 36.63  ? 61  C   A C6    1 
ATOM   973  P  P     . C   A 1 46 ? -24.138 4.964   8.453   1.00 50.61  ? 62  C   A P     1 
ATOM   974  O  OP1   . C   A 1 46 ? -25.566 4.634   8.210   1.00 60.29  ? 62  C   A OP1   1 
ATOM   975  O  OP2   . C   A 1 46 ? -23.778 6.297   8.996   1.00 43.45  ? 62  C   A OP2   1 
ATOM   976  O  "O5'" . C   A 1 46 ? -23.525 3.865   9.430   1.00 41.82  ? 62  C   A "O5'" 1 
ATOM   977  C  "C5'" . C   A 1 46 ? -23.340 2.525   8.997   1.00 46.74  ? 62  C   A "C5'" 1 
ATOM   978  C  "C4'" . C   A 1 46 ? -22.345 1.798   9.866   1.00 44.77  ? 62  C   A "C4'" 1 
ATOM   979  O  "O4'" . C   A 1 46 ? -21.025 2.370   9.692   1.00 44.32  ? 62  C   A "O4'" 1 
ATOM   980  C  "C3'" . C   A 1 46 ? -22.592 1.883   11.364  1.00 49.10  ? 62  C   A "C3'" 1 
ATOM   981  O  "O3'" . C   A 1 46 ? -23.561 0.948   11.803  1.00 55.56  ? 62  C   A "O3'" 1 
ATOM   982  C  "C2'" . C   A 1 46 ? -21.206 1.637   11.948  1.00 45.52  ? 62  C   A "C2'" 1 
ATOM   983  O  "O2'" . C   A 1 46 ? -20.913 0.248   11.974  1.00 47.04  ? 62  C   A "O2'" 1 
ATOM   984  C  "C1'" . C   A 1 46 ? -20.305 2.303   10.904  1.00 43.03  ? 62  C   A "C1'" 1 
ATOM   985  N  N1    . C   A 1 46 ? -19.897 3.672   11.292  1.00 38.99  ? 62  C   A N1    1 
ATOM   986  C  C2    . C   A 1 46 ? -18.801 3.830   12.147  1.00 41.66  ? 62  C   A C2    1 
ATOM   987  O  O2    . C   A 1 46 ? -18.211 2.821   12.560  1.00 44.34  ? 62  C   A O2    1 
ATOM   988  N  N3    . C   A 1 46 ? -18.413 5.075   12.505  1.00 40.41  ? 62  C   A N3    1 
ATOM   989  C  C4    . C   A 1 46 ? -19.073 6.136   12.039  1.00 39.92  ? 62  C   A C4    1 
ATOM   990  N  N4    . C   A 1 46 ? -18.657 7.346   12.417  1.00 37.45  ? 62  C   A N4    1 
ATOM   991  C  C5    . C   A 1 46 ? -20.189 6.006   11.164  1.00 35.26  ? 62  C   A C5    1 
ATOM   992  C  C6    . C   A 1 46 ? -20.562 4.769   10.818  1.00 35.88  ? 62  C   A C6    1 
ATOM   993  P  P     . G   A 1 47 ? -25.003 1.444   12.307  1.00 55.22  ? 63  G   A P     1 
ATOM   994  O  OP1   . G   A 1 47 ? -25.866 0.245   12.435  1.00 47.78  ? 63  G   A OP1   1 
ATOM   995  O  OP2   . G   A 1 47 ? -25.443 2.572   11.452  1.00 62.22  ? 63  G   A OP2   1 
ATOM   996  O  "O5'" . G   A 1 47 ? -24.722 2.022   13.762  1.00 32.64  ? 63  G   A "O5'" 1 
ATOM   997  C  "C5'" . G   A 1 47 ? -25.751 2.057   14.743  1.00 37.21  ? 63  G   A "C5'" 1 
ATOM   998  C  "C4'" . G   A 1 47 ? -25.257 2.638   16.043  1.00 48.17  ? 63  G   A "C4'" 1 
ATOM   999  O  "O4'" . G   A 1 47 ? -24.828 4.013   15.825  1.00 52.51  ? 63  G   A "O4'" 1 
ATOM   1000 C  "C3'" . G   A 1 47 ? -26.297 2.696   17.160  1.00 52.99  ? 63  G   A "C3'" 1 
ATOM   1001 O  "O3'" . G   A 1 47 ? -25.628 2.579   18.415  1.00 70.01  ? 63  G   A "O3'" 1 
ATOM   1002 C  "C2'" . G   A 1 47 ? -26.836 4.113   17.022  1.00 46.28  ? 63  G   A "C2'" 1 
ATOM   1003 O  "O2'" . G   A 1 47 ? -27.469 4.613   18.179  1.00 47.41  ? 63  G   A "O2'" 1 
ATOM   1004 C  "C1'" . G   A 1 47 ? -25.556 4.872   16.683  1.00 52.38  ? 63  G   A "C1'" 1 
ATOM   1005 N  N9    . G   A 1 47 ? -25.754 6.155   16.003  1.00 49.32  ? 63  G   A N9    1 
ATOM   1006 C  C8    . G   A 1 47 ? -26.702 6.484   15.066  1.00 50.98  ? 63  G   A C8    1 
ATOM   1007 N  N7    . G   A 1 47 ? -26.604 7.722   14.657  1.00 56.87  ? 63  G   A N7    1 
ATOM   1008 C  C5    . G   A 1 47 ? -25.530 8.239   15.368  1.00 44.69  ? 63  G   A C5    1 
ATOM   1009 C  C6    . G   A 1 47 ? -24.946 9.534   15.351  1.00 50.42  ? 63  G   A C6    1 
ATOM   1010 O  O6    . G   A 1 47 ? -25.271 10.521  14.682  1.00 46.06  ? 63  G   A O6    1 
ATOM   1011 N  N1    . G   A 1 47 ? -23.872 9.624   16.230  1.00 49.49  ? 63  G   A N1    1 
ATOM   1012 C  C2    . G   A 1 47 ? -23.413 8.604   17.023  1.00 47.57  ? 63  G   A C2    1 
ATOM   1013 N  N2    . G   A 1 47 ? -22.363 8.889   17.805  1.00 43.11  ? 63  G   A N2    1 
ATOM   1014 N  N3    . G   A 1 47 ? -23.947 7.394   17.050  1.00 47.53  ? 63  G   A N3    1 
ATOM   1015 C  C4    . G   A 1 47 ? -24.995 7.283   16.204  1.00 43.19  ? 63  G   A C4    1 
ATOM   1016 P  P     . U   A 1 48 ? -25.994 1.390   19.430  1.00 65.49  ? 64  U   A P     1 
ATOM   1017 O  OP1   . U   A 1 48 ? -26.692 0.330   18.655  1.00 38.62  ? 64  U   A OP1   1 
ATOM   1018 O  OP2   . U   A 1 48 ? -26.643 2.000   20.622  1.00 40.53  ? 64  U   A OP2   1 
ATOM   1019 O  "O5'" . U   A 1 48 ? -24.578 0.815   19.882  1.00 67.13  ? 64  U   A "O5'" 1 
ATOM   1020 C  "C5'" . U   A 1 48 ? -23.910 -0.182  19.112  1.00 63.08  ? 64  U   A "C5'" 1 
ATOM   1021 C  "C4'" . U   A 1 48 ? -22.471 -0.357  19.535  1.00 58.45  ? 64  U   A "C4'" 1 
ATOM   1022 O  "O4'" . U   A 1 48 ? -21.674 0.739   19.006  1.00 58.50  ? 64  U   A "O4'" 1 
ATOM   1023 C  "C3'" . U   A 1 48 ? -22.228 -0.372  21.045  1.00 64.04  ? 64  U   A "C3'" 1 
ATOM   1024 O  "O3'" . U   A 1 48 ? -21.154 -1.263  21.339  1.00 67.19  ? 64  U   A "O3'" 1 
ATOM   1025 C  "C2'" . U   A 1 48 ? -21.784 1.060   21.328  1.00 60.45  ? 64  U   A "C2'" 1 
ATOM   1026 O  "O2'" . U   A 1 48 ? -21.001 1.214   22.492  1.00 58.11  ? 64  U   A "O2'" 1 
ATOM   1027 C  "C1'" . U   A 1 48 ? -20.995 1.386   20.064  1.00 61.00  ? 64  U   A "C1'" 1 
ATOM   1028 N  N1    . U   A 1 48 ? -20.915 2.821   19.757  1.00 56.12  ? 64  U   A N1    1 
ATOM   1029 C  C2    . U   A 1 48 ? -19.805 3.500   20.218  1.00 58.23  ? 64  U   A C2    1 
ATOM   1030 O  O2    . U   A 1 48 ? -18.923 2.959   20.861  1.00 57.03  ? 64  U   A O2    1 
ATOM   1031 N  N3    . U   A 1 48 ? -19.771 4.836   19.907  1.00 59.19  ? 64  U   A N3    1 
ATOM   1032 C  C4    . U   A 1 48 ? -20.714 5.542   19.191  1.00 54.13  ? 64  U   A C4    1 
ATOM   1033 O  O4    . U   A 1 48 ? -20.539 6.745   18.992  1.00 53.69  ? 64  U   A O4    1 
ATOM   1034 C  C5    . U   A 1 48 ? -21.831 4.767   18.742  1.00 47.86  ? 64  U   A C5    1 
ATOM   1035 C  C6    . U   A 1 48 ? -21.890 3.463   19.033  1.00 47.61  ? 64  U   A C6    1 
ATOM   1036 P  P     . A   A 1 49 ? -21.431 -2.835  21.523  1.00 59.94  ? 65  A   A P     1 
ATOM   1037 O  OP1   . A   A 1 49 ? -22.897 -3.068  21.525  1.00 40.51  ? 65  A   A OP1   1 
ATOM   1038 O  OP2   . A   A 1 49 ? -20.606 -3.309  22.663  1.00 68.98  ? 65  A   A OP2   1 
ATOM   1039 O  "O5'" . A   A 1 49 ? -20.847 -3.483  20.191  1.00 53.48  ? 65  A   A "O5'" 1 
ATOM   1040 C  "C5'" . A   A 1 49 ? -21.228 -4.792  19.800  1.00 58.74  ? 65  A   A "C5'" 1 
ATOM   1041 C  "C4'" . A   A 1 49 ? -21.340 -4.910  18.303  1.00 55.11  ? 65  A   A "C4'" 1 
ATOM   1042 O  "O4'" . A   A 1 49 ? -21.737 -3.629  17.752  1.00 59.50  ? 65  A   A "O4'" 1 
ATOM   1043 C  "C3'" . A   A 1 49 ? -20.047 -5.258  17.579  1.00 59.50  ? 65  A   A "C3'" 1 
ATOM   1044 O  "O3'" . A   A 1 49 ? -19.823 -6.656  17.533  1.00 58.76  ? 65  A   A "O3'" 1 
ATOM   1045 C  "C2'" . A   A 1 49 ? -20.237 -4.625  16.206  1.00 61.06  ? 65  A   A "C2'" 1 
ATOM   1046 O  "O2'" . A   A 1 49 ? -21.032 -5.456  15.373  1.00 60.00  ? 65  A   A "O2'" 1 
ATOM   1047 C  "C1'" . A   A 1 49 ? -21.044 -3.374  16.552  1.00 63.00  ? 65  A   A "C1'" 1 
ATOM   1048 N  N9    . A   A 1 49 ? -20.200 -2.183  16.767  1.00 66.74  ? 65  A   A N9    1 
ATOM   1049 C  C8    . A   A 1 49 ? -18.990 -2.085  17.410  1.00 58.59  ? 65  A   A C8    1 
ATOM   1050 N  N7    . A   A 1 49 ? -18.510 -0.865  17.449  1.00 56.01  ? 65  A   A N7    1 
ATOM   1051 C  C5    . A   A 1 49 ? -19.477 -0.109  16.798  1.00 61.38  ? 65  A   A C5    1 
ATOM   1052 C  C6    . A   A 1 49 ? -19.565 1.263   16.503  1.00 57.10  ? 65  A   A C6    1 
ATOM   1053 N  N6    . A   A 1 49 ? -18.633 2.155   16.841  1.00 55.14  ? 65  A   A N6    1 
ATOM   1054 N  N1    . A   A 1 49 ? -20.661 1.693   15.839  1.00 60.09  ? 65  A   A N1    1 
ATOM   1055 C  C2    . A   A 1 49 ? -21.597 0.799   15.497  1.00 57.72  ? 65  A   A C2    1 
ATOM   1056 N  N3    . A   A 1 49 ? -21.626 -0.514  15.717  1.00 54.62  ? 65  A   A N3    1 
ATOM   1057 C  C4    . A   A 1 49 ? -20.523 -0.907  16.379  1.00 61.36  ? 65  A   A C4    1 
ATOM   1058 P  P     . A   A 1 50 ? -18.383 -7.268  17.894  1.00 63.13  ? 66  A   A P     1 
ATOM   1059 O  OP1   . A   A 1 50 ? -18.600 -8.599  18.514  1.00 59.93  ? 66  A   A OP1   1 
ATOM   1060 O  OP2   . A   A 1 50 ? -17.605 -6.233  18.622  1.00 69.62  ? 66  A   A OP2   1 
ATOM   1061 O  "O5'" . A   A 1 50 ? -17.709 -7.502  16.472  1.00 52.45  ? 66  A   A "O5'" 1 
ATOM   1062 C  "C5'" . A   A 1 50 ? -18.400 -8.219  15.456  1.00 59.53  ? 66  A   A "C5'" 1 
ATOM   1063 C  "C4'" . A   A 1 50 ? -17.928 -7.837  14.075  1.00 55.93  ? 66  A   A "C4'" 1 
ATOM   1064 O  "O4'" . A   A 1 50 ? -18.159 -6.414  13.862  1.00 61.58  ? 66  A   A "O4'" 1 
ATOM   1065 C  "C3'" . A   A 1 50 ? -16.443 -8.073  13.795  1.00 54.54  ? 66  A   A "C3'" 1 
ATOM   1066 O  "O3'" . A   A 1 50 ? -16.280 -8.454  12.431  1.00 61.25  ? 66  A   A "O3'" 1 
ATOM   1067 C  "C2'" . A   A 1 50 ? -15.840 -6.687  14.006  1.00 58.37  ? 66  A   A "C2'" 1 
ATOM   1068 O  "O2'" . A   A 1 50 ? -14.616 -6.470  13.335  1.00 57.57  ? 66  A   A "O2'" 1 
ATOM   1069 C  "C1'" . A   A 1 50 ? -16.951 -5.798  13.463  1.00 60.07  ? 66  A   A "C1'" 1 
ATOM   1070 N  N9    . A   A 1 50 ? -16.923 -4.417  13.954  1.00 54.45  ? 66  A   A N9    1 
ATOM   1071 C  C8    . A   A 1 50 ? -16.236 -3.906  15.028  1.00 52.58  ? 66  A   A C8    1 
ATOM   1072 N  N7    . A   A 1 50 ? -16.407 -2.616  15.196  1.00 48.76  ? 66  A   A N7    1 
ATOM   1073 C  C5    . A   A 1 50 ? -17.258 -2.253  14.160  1.00 53.83  ? 66  A   A C5    1 
ATOM   1074 C  C6    . A   A 1 50 ? -17.823 -1.023  13.777  1.00 52.39  ? 66  A   A C6    1 
ATOM   1075 N  N6    . A   A 1 50 ? -17.607 0.127   14.420  1.00 46.25  ? 66  A   A N6    1 
ATOM   1076 N  N1    . A   A 1 50 ? -18.629 -1.009  12.693  1.00 46.98  ? 66  A   A N1    1 
ATOM   1077 C  C2    . A   A 1 50 ? -18.849 -2.157  12.043  1.00 46.72  ? 66  A   A C2    1 
ATOM   1078 N  N3    . A   A 1 50 ? -18.376 -3.373  12.303  1.00 51.20  ? 66  A   A N3    1 
ATOM   1079 C  C4    . A   A 1 50 ? -17.579 -3.353  13.385  1.00 55.36  ? 66  A   A C4    1 
ATOM   1080 P  P     . A   A 1 51 ? -15.036 -9.365  11.980  1.00 73.83  ? 67  A   A P     1 
ATOM   1081 O  OP1   . A   A 1 51 ? -15.498 -10.775 11.911  1.00 60.54  ? 67  A   A OP1   1 
ATOM   1082 O  OP2   . A   A 1 51 ? -13.873 -9.008  12.832  1.00 59.29  ? 67  A   A OP2   1 
ATOM   1083 O  "O5'" . A   A 1 51 ? -14.725 -8.879  10.496  1.00 70.08  ? 67  A   A "O5'" 1 
ATOM   1084 C  "C5'" . A   A 1 51 ? -14.260 -7.561  10.239  1.00 67.44  ? 67  A   A "C5'" 1 
ATOM   1085 C  "C4'" . A   A 1 51 ? -15.276 -6.756  9.467   1.00 71.43  ? 67  A   A "C4'" 1 
ATOM   1086 O  "O4'" . A   A 1 51 ? -16.065 -5.955  10.387  1.00 63.84  ? 67  A   A "O4'" 1 
ATOM   1087 C  "C3'" . A   A 1 51 ? -14.715 -5.740  8.483   1.00 67.11  ? 67  A   A "C3'" 1 
ATOM   1088 O  "O3'" . A   A 1 51 ? -14.337 -6.315  7.243   1.00 69.91  ? 67  A   A "O3'" 1 
ATOM   1089 C  "C2'" . A   A 1 51 ? -15.854 -4.735  8.364   1.00 67.17  ? 67  A   A "C2'" 1 
ATOM   1090 O  "O2'" . A   A 1 51 ? -16.876 -5.234  7.513   1.00 78.40  ? 67  A   A "O2'" 1 
ATOM   1091 C  "C1'" . A   A 1 51 ? -16.386 -4.714  9.795   1.00 53.95  ? 67  A   A "C1'" 1 
ATOM   1092 N  N9    . A   A 1 51 ? -15.774 -3.636  10.597  1.00 51.81  ? 67  A   A N9    1 
ATOM   1093 C  C8    . A   A 1 51 ? -14.882 -3.760  11.633  1.00 56.37  ? 67  A   A C8    1 
ATOM   1094 N  N7    . A   A 1 51 ? -14.515 -2.615  12.158  1.00 47.94  ? 67  A   A N7    1 
ATOM   1095 C  C5    . A   A 1 51 ? -15.213 -1.671  11.420  1.00 48.71  ? 67  A   A C5    1 
ATOM   1096 C  C6    . A   A 1 51 ? -15.258 -0.266  11.482  1.00 48.14  ? 67  A   A C6    1 
ATOM   1097 N  N6    . A   A 1 51 ? -14.563 0.464   12.357  1.00 40.25  ? 67  A   A N6    1 
ATOM   1098 N  N1    . A   A 1 51 ? -16.055 0.374   10.599  1.00 53.03  ? 67  A   A N1    1 
ATOM   1099 C  C2    . A   A 1 51 ? -16.753 -0.356  9.720   1.00 55.88  ? 67  A   A C2    1 
ATOM   1100 N  N3    . A   A 1 51 ? -16.793 -1.677  9.563   1.00 50.34  ? 67  A   A N3    1 
ATOM   1101 C  C4    . A   A 1 51 ? -15.991 -2.286  10.454  1.00 51.00  ? 67  A   A C4    1 
ATOM   1102 P  P     . A   A 1 52 ? -12.784 -6.499  6.863   1.00 103.05 ? 68  A   A P     1 
ATOM   1103 O  OP1   . A   A 1 52 ? -12.710 -6.902  5.435   1.00 88.86  ? 68  A   A OP1   1 
ATOM   1104 O  OP2   . A   A 1 52 ? -12.137 -7.344  7.897   1.00 95.03  ? 68  A   A OP2   1 
ATOM   1105 O  "O5'" . A   A 1 52 ? -12.174 -5.033  6.985   1.00 97.35  ? 68  A   A "O5'" 1 
ATOM   1106 C  "C5'" . A   A 1 52 ? -12.314 -4.096  5.929   1.00 99.44  ? 68  A   A "C5'" 1 
ATOM   1107 C  "C4'" . A   A 1 52 ? -13.622 -3.354  6.028   1.00 97.13  ? 68  A   A "C4'" 1 
ATOM   1108 O  "O4'" . A   A 1 52 ? -13.687 -2.638  7.286   1.00 88.82  ? 68  A   A "O4'" 1 
ATOM   1109 C  "C3'" . A   A 1 52 ? -13.878 -2.288  4.976   1.00 98.11  ? 68  A   A "C3'" 1 
ATOM   1110 O  "O3'" . A   A 1 52 ? -14.369 -2.839  3.766   1.00 113.01 ? 68  A   A "O3'" 1 
ATOM   1111 C  "C2'" . A   A 1 52 ? -14.878 -1.367  5.666   1.00 88.62  ? 68  A   A "C2'" 1 
ATOM   1112 O  "O2'" . A   A 1 52 ? -16.193 -1.898  5.581   1.00 74.87  ? 68  A   A "O2'" 1 
ATOM   1113 C  "C1'" . A   A 1 52 ? -14.419 -1.444  7.126   1.00 76.79  ? 68  A   A "C1'" 1 
ATOM   1114 N  N9    . A   A 1 52 ? -13.557 -0.314  7.516   1.00 72.46  ? 68  A   A N9    1 
ATOM   1115 C  C8    . A   A 1 52 ? -12.285 -0.380  8.023   1.00 68.68  ? 68  A   A C8    1 
ATOM   1116 N  N7    . A   A 1 52 ? -11.760 0.788   8.294   1.00 67.13  ? 68  A   A N7    1 
ATOM   1117 C  C5    . A   A 1 52 ? -12.758 1.686   7.949   1.00 68.49  ? 68  A   A C5    1 
ATOM   1118 C  C6    . A   A 1 52 ? -12.822 3.089   8.001   1.00 65.77  ? 68  A   A C6    1 
ATOM   1119 N  N6    . A   A 1 52 ? -11.827 3.863   8.437   1.00 61.57  ? 68  A   A N6    1 
ATOM   1120 N  N1    . A   A 1 52 ? -13.964 3.676   7.582   1.00 58.93  ? 68  A   A N1    1 
ATOM   1121 C  C2    . A   A 1 52 ? -14.965 2.898   7.142   1.00 62.09  ? 68  A   A C2    1 
ATOM   1122 N  N3    . A   A 1 52 ? -15.025 1.572   7.048   1.00 64.40  ? 68  A   A N3    1 
ATOM   1123 C  C4    . A   A 1 52 ? -13.874 1.021   7.472   1.00 72.24  ? 68  A   A C4    1 
ATOM   1124 P  P     . U   A 1 53 ? -13.433 -2.925  2.464   1.00 117.03 ? 69  U   A P     1 
ATOM   1125 O  OP1   . U   A 1 53 ? -14.291 -3.343  1.326   1.00 96.27  ? 69  U   A OP1   1 
ATOM   1126 O  OP2   . U   A 1 53 ? -12.206 -3.698  2.790   1.00 108.27 ? 69  U   A OP2   1 
ATOM   1127 O  "O5'" . U   A 1 53 ? -13.008 -1.417  2.197   1.00 78.81  ? 69  U   A "O5'" 1 
ATOM   1128 C  "C5'" . U   A 1 53 ? -12.982 -0.906  0.876   1.00 87.75  ? 69  U   A "C5'" 1 
ATOM   1129 C  "C4'" . U   A 1 53 ? -14.246 -0.154  0.553   1.00 79.16  ? 69  U   A "C4'" 1 
ATOM   1130 O  "O4'" . U   A 1 53 ? -14.800 0.424   1.766   1.00 75.64  ? 69  U   A "O4'" 1 
ATOM   1131 C  "C3'" . U   A 1 53 ? -14.070 1.027   -0.388  1.00 74.25  ? 69  U   A "C3'" 1 
ATOM   1132 O  "O3'" . U   A 1 53 ? -14.076 0.640   -1.749  1.00 69.64  ? 69  U   A "O3'" 1 
ATOM   1133 C  "C2'" . U   A 1 53 ? -15.221 1.944   -0.005  1.00 61.59  ? 69  U   A "C2'" 1 
ATOM   1134 O  "O2'" . U   A 1 53 ? -16.435 1.489   -0.584  1.00 59.39  ? 69  U   A "O2'" 1 
ATOM   1135 C  "C1'" . U   A 1 53 ? -15.295 1.719   1.505   1.00 55.51  ? 69  U   A "C1'" 1 
ATOM   1136 N  N1    . U   A 1 53 ? -14.468 2.673   2.281   1.00 51.17  ? 69  U   A N1    1 
ATOM   1137 C  C2    . U   A 1 53 ? -14.629 4.047   2.164   1.00 51.99  ? 69  U   A C2    1 
ATOM   1138 O  O2    . U   A 1 53 ? -15.425 4.591   1.415   1.00 53.84  ? 69  U   A O2    1 
ATOM   1139 N  N3    . U   A 1 53 ? -13.790 4.787   2.964   1.00 44.78  ? 69  U   A N3    1 
ATOM   1140 C  C4    . U   A 1 53 ? -12.845 4.316   3.856   1.00 53.51  ? 69  U   A C4    1 
ATOM   1141 O  O4    . U   A 1 53 ? -12.167 5.110   4.509   1.00 46.26  ? 69  U   A O4    1 
ATOM   1142 C  C5    . U   A 1 53 ? -12.750 2.893   3.927   1.00 55.57  ? 69  U   A C5    1 
ATOM   1143 C  C6    . U   A 1 53 ? -13.549 2.150   3.161   1.00 55.44  ? 69  U   A C6    1 
ATOM   1144 P  P     . C   A 1 54 ? -12.722 0.697   -2.608  1.00 71.33  ? 70  C   A P     1 
ATOM   1145 O  OP1   . C   A 1 54 ? -12.869 -0.241  -3.750  1.00 53.23  ? 70  C   A OP1   1 
ATOM   1146 O  OP2   . C   A 1 54 ? -11.573 0.547   -1.679  1.00 50.12  ? 70  C   A OP2   1 
ATOM   1147 O  "O5'" . C   A 1 54 ? -12.706 2.183   -3.181  1.00 71.29  ? 70  C   A "O5'" 1 
ATOM   1148 C  "C5'" . C   A 1 54 ? -13.843 2.709   -3.850  1.00 63.96  ? 70  C   A "C5'" 1 
ATOM   1149 C  "C4'" . C   A 1 54 ? -13.883 4.215   -3.779  1.00 66.33  ? 70  C   A "C4'" 1 
ATOM   1150 O  "O4'" . C   A 1 54 ? -14.189 4.644   -2.425  1.00 68.54  ? 70  C   A "O4'" 1 
ATOM   1151 C  "C3'" . C   A 1 54 ? -12.585 4.934   -4.101  1.00 57.36  ? 70  C   A "C3'" 1 
ATOM   1152 O  "O3'" . C   A 1 54 ? -12.327 5.029   -5.489  1.00 64.63  ? 70  C   A "O3'" 1 
ATOM   1153 C  "C2'" . C   A 1 54 ? -12.779 6.280   -3.417  1.00 59.88  ? 70  C   A "C2'" 1 
ATOM   1154 O  "O2'" . C   A 1 54 ? -13.624 7.120   -4.189  1.00 67.11  ? 70  C   A "O2'" 1 
ATOM   1155 C  "C1'" . C   A 1 54 ? -13.535 5.867   -2.152  1.00 57.51  ? 70  C   A "C1'" 1 
ATOM   1156 N  N1    . C   A 1 54 ? -12.626 5.679   -0.998  1.00 49.27  ? 70  C   A N1    1 
ATOM   1157 C  C2    . C   A 1 54 ? -12.196 6.807   -0.292  1.00 44.13  ? 70  C   A C2    1 
ATOM   1158 O  O2    . C   A 1 54 ? -12.588 7.927   -0.651  1.00 47.43  ? 70  C   A O2    1 
ATOM   1159 N  N3    . C   A 1 54 ? -11.367 6.658   0.765   1.00 39.59  ? 70  C   A N3    1 
ATOM   1160 C  C4    . C   A 1 54 ? -10.964 5.439   1.125   1.00 45.68  ? 70  C   A C4    1 
ATOM   1161 N  N4    . C   A 1 54 ? -10.143 5.340   2.173   1.00 41.68  ? 70  C   A N4    1 
ATOM   1162 C  C5    . C   A 1 54 ? -11.384 4.270   0.426   1.00 54.21  ? 70  C   A C5    1 
ATOM   1163 C  C6    . C   A 1 54 ? -12.207 4.433   -0.618  1.00 51.60  ? 70  C   A C6    1 
ATOM   1164 P  P     . G   A 1 55 ? -10.811 5.001   -6.021  1.00 86.87  ? 71  G   A P     1 
ATOM   1165 O  OP1   . G   A 1 55 ? -10.706 5.945   -7.163  1.00 74.05  ? 71  G   A OP1   1 
ATOM   1166 O  OP2   . G   A 1 55 ? -10.405 3.583   -6.195  1.00 76.07  ? 71  G   A OP2   1 
ATOM   1167 O  "O5'" . G   A 1 55 ? -9.975  5.602   -4.805  1.00 70.24  ? 71  G   A "O5'" 1 
ATOM   1168 C  "C5'" . G   A 1 55 ? -8.983  6.593   -5.020  1.00 62.36  ? 71  G   A "C5'" 1 
ATOM   1169 C  "C4'" . G   A 1 55 ? -9.470  7.958   -4.606  1.00 69.15  ? 71  G   A "C4'" 1 
ATOM   1170 O  "O4'" . G   A 1 55 ? -9.988  7.911   -3.249  1.00 67.26  ? 71  G   A "O4'" 1 
ATOM   1171 C  "C3'" . G   A 1 55 ? -8.413  9.051   -4.561  1.00 72.36  ? 71  G   A "C3'" 1 
ATOM   1172 O  "O3'" . G   A 1 55 ? -8.146  9.603   -5.839  1.00 84.05  ? 71  G   A "O3'" 1 
ATOM   1173 C  "C2'" . G   A 1 55 ? -9.002  10.048  -3.574  1.00 61.83  ? 71  G   A "C2'" 1 
ATOM   1174 O  "O2'" . G   A 1 55 ? -9.997  10.845  -4.200  1.00 51.01  ? 71  G   A "O2'" 1 
ATOM   1175 C  "C1'" . G   A 1 55 ? -9.688  9.115   -2.575  1.00 57.88  ? 71  G   A "C1'" 1 
ATOM   1176 N  N9    . G   A 1 55 ? -8.826  8.794   -1.420  1.00 48.82  ? 71  G   A N9    1 
ATOM   1177 C  C8    . G   A 1 55 ? -8.483  7.530   -1.002  1.00 46.78  ? 71  G   A C8    1 
ATOM   1178 N  N7    . G   A 1 55 ? -7.711  7.526   0.050   1.00 39.45  ? 71  G   A N7    1 
ATOM   1179 C  C5    . G   A 1 55 ? -7.537  8.870   0.349   1.00 39.01  ? 71  G   A C5    1 
ATOM   1180 C  C6    . G   A 1 55 ? -6.793  9.481   1.388   1.00 38.88  ? 71  G   A C6    1 
ATOM   1181 O  O6    . G   A 1 55 ? -6.127  8.935   2.276   1.00 39.93  ? 71  G   A O6    1 
ATOM   1182 N  N1    . G   A 1 55 ? -6.877  10.868  1.334   1.00 31.36  ? 71  G   A N1    1 
ATOM   1183 C  C2    . G   A 1 55 ? -7.587  11.577  0.395   1.00 43.83  ? 71  G   A C2    1 
ATOM   1184 N  N2    . G   A 1 55 ? -7.546  12.913  0.511   1.00 49.33  ? 71  G   A N2    1 
ATOM   1185 N  N3    . G   A 1 55 ? -8.286  11.018  -0.580  1.00 44.33  ? 71  G   A N3    1 
ATOM   1186 C  C4    . G   A 1 55 ? -8.220  9.669   -0.545  1.00 45.57  ? 71  G   A C4    1 
ATOM   1187 P  P     . C   A 1 56 ? -6.646  9.631   -6.412  1.00 84.17  ? 72  C   A P     1 
ATOM   1188 O  OP1   . C   A 1 56 ? -6.724  10.015  -7.845  1.00 67.34  ? 72  C   A OP1   1 
ATOM   1189 O  OP2   . C   A 1 56 ? -5.966  8.370   -6.023  1.00 56.66  ? 72  C   A OP2   1 
ATOM   1190 O  "O5'" . C   A 1 56 ? -5.956  10.825  -5.617  1.00 68.89  ? 72  C   A "O5'" 1 
ATOM   1191 C  "C5'" . C   A 1 56 ? -6.499  12.134  -5.661  1.00 65.97  ? 72  C   A "C5'" 1 
ATOM   1192 C  "C4'" . C   A 1 56 ? -5.918  13.014  -4.584  1.00 58.66  ? 72  C   A "C4'" 1 
ATOM   1193 O  "O4'" . C   A 1 56 ? -6.365  12.566  -3.278  1.00 63.08  ? 72  C   A "O4'" 1 
ATOM   1194 C  "C3'" . C   A 1 56 ? -4.404  13.016  -4.466  1.00 57.82  ? 72  C   A "C3'" 1 
ATOM   1195 O  "O3'" . C   A 1 56 ? -3.764  13.824  -5.436  1.00 55.15  ? 72  C   A "O3'" 1 
ATOM   1196 C  "C2'" . C   A 1 56 ? -4.190  13.490  -3.035  1.00 51.78  ? 72  C   A "C2'" 1 
ATOM   1197 O  "O2'" . C   A 1 56 ? -4.370  14.895  -2.943  1.00 59.51  ? 72  C   A "O2'" 1 
ATOM   1198 C  "C1'" . C   A 1 56 ? -5.355  12.806  -2.318  1.00 53.49  ? 72  C   A "C1'" 1 
ATOM   1199 N  N1    . C   A 1 56 ? -4.948  11.517  -1.712  1.00 43.14  ? 72  C   A N1    1 
ATOM   1200 C  C2    . C   A 1 56 ? -4.212  11.542  -0.522  1.00 41.75  ? 72  C   A C2    1 
ATOM   1201 O  O2    . C   A 1 56 ? -3.928  12.634  -0.010  1.00 42.40  ? 72  C   A O2    1 
ATOM   1202 N  N3    . C   A 1 56 ? -3.828  10.377  0.045   1.00 34.80  ? 72  C   A N3    1 
ATOM   1203 C  C4    . C   A 1 56 ? -4.151  9.219   -0.532  1.00 40.32  ? 72  C   A C4    1 
ATOM   1204 N  N4    . C   A 1 56 ? -3.751  8.093   0.065   1.00 42.70  ? 72  C   A N4    1 
ATOM   1205 C  C5    . C   A 1 56 ? -4.899  9.164   -1.745  1.00 36.30  ? 72  C   A C5    1 
ATOM   1206 C  C6    . C   A 1 56 ? -5.274  10.325  -2.296  1.00 39.06  ? 72  C   A C6    1 
ATOM   1207 P  P     . U   A 1 57 ? -2.325  13.397  -6.013  1.00 56.70  ? 73  U   A P     1 
ATOM   1208 O  OP1   . U   A 1 57 ? -1.976  14.345  -7.102  1.00 58.28  ? 73  U   A OP1   1 
ATOM   1209 O  OP2   . U   A 1 57 ? -2.349  11.938  -6.294  1.00 62.33  ? 73  U   A OP2   1 
ATOM   1210 O  "O5'" . U   A 1 57 ? -1.330  13.652  -4.794  1.00 38.67  ? 73  U   A "O5'" 1 
ATOM   1211 C  "C5'" . U   A 1 57 ? -1.152  14.958  -4.270  1.00 36.74  ? 73  U   A "C5'" 1 
ATOM   1212 C  "C4'" . U   A 1 57 ? -0.284  14.960  -3.037  1.00 41.99  ? 73  U   A "C4'" 1 
ATOM   1213 O  "O4'" . U   A 1 57 ? -0.959  14.285  -1.943  1.00 48.61  ? 73  U   A "O4'" 1 
ATOM   1214 C  "C3'" . U   A 1 57 ? 1.045   14.231  -3.142  1.00 49.43  ? 73  U   A "C3'" 1 
ATOM   1215 O  "O3'" . U   A 1 57 ? 2.040   14.970  -3.826  1.00 59.54  ? 73  U   A "O3'" 1 
ATOM   1216 C  "C2'" . U   A 1 57 ? 1.381   13.958  -1.683  1.00 50.21  ? 73  U   A "C2'" 1 
ATOM   1217 O  "O2'" . U   A 1 57 ? 1.878   15.131  -1.057  1.00 46.23  ? 73  U   A "O2'" 1 
ATOM   1218 C  "C1'" . U   A 1 57 ? -0.005  13.656  -1.109  1.00 47.70  ? 73  U   A "C1'" 1 
ATOM   1219 N  N1    . U   A 1 57 ? -0.278  12.201  -1.068  1.00 39.40  ? 73  U   A N1    1 
ATOM   1220 C  C2    . U   A 1 57 ? 0.313   11.480  -0.047  1.00 41.16  ? 73  U   A C2    1 
ATOM   1221 O  O2    . U   A 1 57 ? 1.027   11.987  0.801   1.00 43.69  ? 73  U   A O2    1 
ATOM   1222 N  N3    . U   A 1 57 ? 0.039   10.136  -0.049  1.00 37.80  ? 73  U   A N3    1 
ATOM   1223 C  C4    . U   A 1 57 ? -0.749  9.455   -0.953  1.00 41.59  ? 73  U   A C4    1 
ATOM   1224 O  O4    . U   A 1 57 ? -0.901  8.239   -0.822  1.00 46.04  ? 73  U   A O4    1 
ATOM   1225 C  C5    . U   A 1 57 ? -1.324  10.272  -1.980  1.00 38.12  ? 73  U   A C5    1 
ATOM   1226 C  C6    . U   A 1 57 ? -1.075  11.585  -2.003  1.00 36.65  ? 73  U   A C6    1 
ATOM   1227 P  P     . G   A 1 58 ? 3.209   14.196  -4.611  1.00 61.30  ? 74  G   A P     1 
ATOM   1228 O  OP1   . G   A 1 58 ? 3.880   15.157  -5.527  1.00 69.51  ? 74  G   A OP1   1 
ATOM   1229 O  OP2   . G   A 1 58 ? 2.631   12.944  -5.162  1.00 45.79  ? 74  G   A OP2   1 
ATOM   1230 O  "O5'" . G   A 1 58 ? 4.239   13.790  -3.466  1.00 38.12  ? 74  G   A "O5'" 1 
ATOM   1231 C  "C5'" . G   A 1 58 ? 4.899   14.778  -2.689  1.00 39.38  ? 74  G   A "C5'" 1 
ATOM   1232 C  "C4'" . G   A 1 58 ? 5.526   14.179  -1.456  1.00 43.34  ? 74  G   A "C4'" 1 
ATOM   1233 O  "O4'" . G   A 1 58 ? 4.509   13.495  -0.678  1.00 48.15  ? 74  G   A "O4'" 1 
ATOM   1234 C  "C3'" . G   A 1 58 ? 6.585   13.113  -1.694  1.00 50.76  ? 74  G   A "C3'" 1 
ATOM   1235 O  "O3'" . G   A 1 58 ? 7.862   13.652  -1.991  1.00 52.80  ? 74  G   A "O3'" 1 
ATOM   1236 C  "C2'" . G   A 1 58 ? 6.554   12.323  -0.391  1.00 47.75  ? 74  G   A "C2'" 1 
ATOM   1237 O  "O2'" . G   A 1 58 ? 7.253   13.019  0.631   1.00 39.93  ? 74  G   A "O2'" 1 
ATOM   1238 C  "C1'" . G   A 1 58 ? 5.064   12.353  -0.057  1.00 40.57  ? 74  G   A "C1'" 1 
ATOM   1239 N  N9    . G   A 1 58 ? 4.363   11.153  -0.556  1.00 44.75  ? 74  G   A N9    1 
ATOM   1240 C  C8    . G   A 1 58 ? 3.465   11.081  -1.594  1.00 48.53  ? 74  G   A C8    1 
ATOM   1241 N  N7    . G   A 1 58 ? 3.011   9.872   -1.798  1.00 40.88  ? 74  G   A N7    1 
ATOM   1242 C  C5    . G   A 1 58 ? 3.645   9.101   -0.834  1.00 39.92  ? 74  G   A C5    1 
ATOM   1243 C  C6    . G   A 1 58 ? 3.554   7.710   -0.558  1.00 40.77  ? 74  G   A C6    1 
ATOM   1244 O  O6    . G   A 1 58 ? 2.870   6.853   -1.129  1.00 45.15  ? 74  G   A O6    1 
ATOM   1245 N  N1    . G   A 1 58 ? 4.368   7.343   0.508   1.00 37.99  ? 74  G   A N1    1 
ATOM   1246 C  C2    . G   A 1 58 ? 5.168   8.203   1.219   1.00 40.97  ? 74  G   A C2    1 
ATOM   1247 N  N2    . G   A 1 58 ? 5.883   7.659   2.214   1.00 41.13  ? 74  G   A N2    1 
ATOM   1248 N  N3    . G   A 1 58 ? 5.265   9.498   0.971   1.00 37.15  ? 74  G   A N3    1 
ATOM   1249 C  C4    . G   A 1 58 ? 4.482   9.876   -0.060  1.00 36.10  ? 74  G   A C4    1 
ATOM   1250 P  P     . U   A 1 59 ? 8.338   13.867  -3.512  1.00 62.38  ? 75  U   A P     1 
ATOM   1251 O  OP1   . U   A 1 59 ? 9.782   13.524  -3.582  1.00 49.08  ? 75  U   A OP1   1 
ATOM   1252 O  OP2   . U   A 1 59 ? 7.880   15.209  -3.951  1.00 63.94  ? 75  U   A OP2   1 
ATOM   1253 O  "O5'" . U   A 1 59 ? 7.540   12.778  -4.359  1.00 50.23  ? 75  U   A "O5'" 1 
ATOM   1254 C  "C5'" . U   A 1 59 ? 7.718   12.695  -5.772  1.00 48.93  ? 75  U   A "C5'" 1 
ATOM   1255 C  "C4'" . U   A 1 59 ? 7.105   11.446  -6.363  1.00 49.58  ? 75  U   A "C4'" 1 
ATOM   1256 O  "O4'" . U   A 1 59 ? 7.547   10.288  -5.604  1.00 51.66  ? 75  U   A "O4'" 1 
ATOM   1257 C  "C3'" . U   A 1 59 ? 5.579   11.398  -6.363  1.00 47.20  ? 75  U   A "C3'" 1 
ATOM   1258 O  "O3'" . U   A 1 59 ? 5.132   10.666  -7.505  1.00 47.13  ? 75  U   A "O3'" 1 
ATOM   1259 C  "C2'" . U   A 1 59 ? 5.275   10.594  -5.103  1.00 50.37  ? 75  U   A "C2'" 1 
ATOM   1260 O  "O2'" . U   A 1 59 ? 4.020   9.947   -5.109  1.00 63.67  ? 75  U   A "O2'" 1 
ATOM   1261 C  "C1'" . U   A 1 59 ? 6.425   9.592   -5.099  1.00 45.75  ? 75  U   A "C1'" 1 
ATOM   1262 N  N1    . U   A 1 59 ? 6.776   9.075   -3.768  1.00 46.10  ? 75  U   A N1    1 
ATOM   1263 C  C2    . U   A 1 59 ? 6.219   7.875   -3.375  1.00 45.90  ? 75  U   A C2    1 
ATOM   1264 O  O2    . U   A 1 59 ? 5.441   7.245   -4.074  1.00 49.10  ? 75  U   A O2    1 
ATOM   1265 N  N3    . U   A 1 59 ? 6.597   7.444   -2.128  1.00 38.84  ? 75  U   A N3    1 
ATOM   1266 C  C4    . U   A 1 59 ? 7.463   8.077   -1.259  1.00 42.70  ? 75  U   A C4    1 
ATOM   1267 O  O4    . U   A 1 59 ? 7.711   7.563   -0.166  1.00 48.83  ? 75  U   A O4    1 
ATOM   1268 C  C5    . U   A 1 59 ? 8.004   9.309   -1.745  1.00 44.37  ? 75  U   A C5    1 
ATOM   1269 C  C6    . U   A 1 59 ? 7.652   9.752   -2.955  1.00 47.29  ? 75  U   A C6    1 
ATOM   1270 P  P     . C   A 1 60 ? 5.312   11.261  -8.988  1.00 53.93  ? 76  C   A P     1 
ATOM   1271 O  OP1   . C   A 1 60 ? 5.785   12.665  -8.898  1.00 59.89  ? 76  C   A OP1   1 
ATOM   1272 O  OP2   . C   A 1 60 ? 4.074   10.959  -9.750  1.00 46.28  ? 76  C   A OP2   1 
ATOM   1273 O  "O5'" . C   A 1 60 ? 6.474   10.372  -9.618  1.00 61.92  ? 76  C   A "O5'" 1 
ATOM   1274 C  "C5'" . C   A 1 60 ? 6.339   8.957   -9.715  1.00 53.64  ? 76  C   A "C5'" 1 
ATOM   1275 C  "C4'" . C   A 1 60 ? 7.676   8.253   -9.698  1.00 46.17  ? 76  C   A "C4'" 1 
ATOM   1276 O  "O4'" . C   A 1 60 ? 8.410   8.575   -10.911 1.00 48.51  ? 76  C   A "O4'" 1 
ATOM   1277 C  "C3'" . C   A 1 60 ? 8.596   8.617   -8.533  1.00 36.78  ? 76  C   A "C3'" 1 
ATOM   1278 O  "O3'" . C   A 1 60 ? 9.356   7.469   -8.158  1.00 45.22  ? 76  C   A "O3'" 1 
ATOM   1279 C  "C2'" . C   A 1 60 ? 9.529   9.651   -9.155  1.00 46.46  ? 76  C   A "C2'" 1 
ATOM   1280 O  "O2'" . C   A 1 60 ? 10.778  9.778   -8.510  1.00 47.94  ? 76  C   A "O2'" 1 
ATOM   1281 C  "C1'" . C   A 1 60 ? 9.675   9.107   -10.573 1.00 51.56  ? 76  C   A "C1'" 1 
ATOM   1282 N  N1    . C   A 1 60 ? 10.040  10.119  -11.574 1.00 61.44  ? 76  C   A N1    1 
ATOM   1283 C  C2    . C   A 1 60 ? 11.380  10.225  -11.949 1.00 58.83  ? 76  C   A C2    1 
ATOM   1284 O  O2    . C   A 1 60 ? 12.207  9.469   -11.418 1.00 56.01  ? 76  C   A O2    1 
ATOM   1285 N  N3    . C   A 1 60 ? 11.740  11.147  -12.871 1.00 66.69  ? 76  C   A N3    1 
ATOM   1286 C  C4    . C   A 1 60 ? 10.816  11.940  -13.415 1.00 67.65  ? 76  C   A C4    1 
ATOM   1287 N  N4    . C   A 1 60 ? 11.216  12.834  -14.321 1.00 65.79  ? 76  C   A N4    1 
ATOM   1288 C  C5    . C   A 1 60 ? 9.440   11.850  -13.054 1.00 72.49  ? 76  C   A C5    1 
ATOM   1289 C  C6    . C   A 1 60 ? 9.098   10.934  -12.139 1.00 66.02  ? 76  C   A C6    1 
ATOM   1290 P  P     . A   A 1 61 ? 8.757   6.404   -7.116  1.00 41.95  ? 77  A   A P     1 
ATOM   1291 O  OP1   . A   A 1 61 ? 8.819   5.061   -7.748  1.00 50.76  ? 77  A   A OP1   1 
ATOM   1292 O  OP2   . A   A 1 61 ? 7.453   6.916   -6.628  1.00 55.75  ? 77  A   A OP2   1 
ATOM   1293 O  "O5'" . A   A 1 61 ? 9.788   6.431   -5.902  1.00 37.40  ? 77  A   A "O5'" 1 
ATOM   1294 C  "C5'" . A   A 1 61 ? 10.176  7.654   -5.293  1.00 41.50  ? 77  A   A "C5'" 1 
ATOM   1295 C  "C4'" . A   A 1 61 ? 10.579  7.442   -3.857  1.00 42.89  ? 77  A   A "C4'" 1 
ATOM   1296 O  "O4'" . A   A 1 61 ? 9.486   6.801   -3.147  1.00 44.59  ? 77  A   A "O4'" 1 
ATOM   1297 C  "C3'" . A   A 1 61 ? 11.769  6.517   -3.639  1.00 37.64  ? 77  A   A "C3'" 1 
ATOM   1298 O  "O3'" . A   A 1 61 ? 13.010  7.195   -3.743  1.00 48.89  ? 77  A   A "O3'" 1 
ATOM   1299 C  "C2'" . A   A 1 61 ? 11.512  5.949   -2.250  1.00 46.23  ? 77  A   A "C2'" 1 
ATOM   1300 O  "O2'" . A   A 1 61 ? 11.905  6.874   -1.248  1.00 58.52  ? 77  A   A "O2'" 1 
ATOM   1301 C  "C1'" . A   A 1 61 ? 9.987   5.846   -2.240  1.00 47.63  ? 77  A   A "C1'" 1 
ATOM   1302 N  N9    . A   A 1 61 ? 9.511   4.518   -2.671  1.00 46.83  ? 77  A   A N9    1 
ATOM   1303 C  C8    . A   A 1 61 ? 8.680   4.248   -3.730  1.00 42.08  ? 77  A   A C8    1 
ATOM   1304 N  N7    . A   A 1 61 ? 8.415   2.975   -3.884  1.00 44.20  ? 77  A   A N7    1 
ATOM   1305 C  C5    . A   A 1 61 ? 9.116   2.365   -2.852  1.00 42.85  ? 77  A   A C5    1 
ATOM   1306 C  C6    . A   A 1 61 ? 9.244   1.020   -2.466  1.00 44.14  ? 77  A   A C6    1 
ATOM   1307 N  N6    . A   A 1 61 ? 8.647   0.011   -3.104  1.00 43.22  ? 77  A   A N6    1 
ATOM   1308 N  N1    . A   A 1 61 ? 10.017  0.745   -1.393  1.00 46.40  ? 77  A   A N1    1 
ATOM   1309 C  C2    . A   A 1 61 ? 10.616  1.759   -0.756  1.00 46.72  ? 77  A   A C2    1 
ATOM   1310 N  N3    . A   A 1 61 ? 10.569  3.062   -1.022  1.00 51.78  ? 77  A   A N3    1 
ATOM   1311 C  C4    . A   A 1 61 ? 9.793   3.302   -2.094  1.00 43.45  ? 77  A   A C4    1 
ATOM   1312 P  P     . C   A 1 62 ? 14.152  6.669   -4.745  1.00 53.90  ? 78  C   A P     1 
ATOM   1313 O  OP1   . C   A 1 62 ? 15.388  7.444   -4.468  1.00 40.76  ? 78  C   A OP1   1 
ATOM   1314 O  OP2   . C   A 1 62 ? 13.590  6.652   -6.120  1.00 40.38  ? 78  C   A OP2   1 
ATOM   1315 O  "O5'" . C   A 1 62 ? 14.415  5.167   -4.284  1.00 42.57  ? 78  C   A "O5'" 1 
ATOM   1316 C  "C5'" . C   A 1 62 ? 15.065  4.881   -3.054  1.00 34.93  ? 78  C   A "C5'" 1 
ATOM   1317 C  "C4'" . C   A 1 62 ? 14.984  3.413   -2.722  1.00 41.24  ? 78  C   A "C4'" 1 
ATOM   1318 O  "O4'" . C   A 1 62 ? 13.597  3.040   -2.505  1.00 48.22  ? 78  C   A "O4'" 1 
ATOM   1319 C  "C3'" . C   A 1 62 ? 15.456  2.462   -3.813  1.00 41.24  ? 78  C   A "C3'" 1 
ATOM   1320 O  "O3'" . C   A 1 62 ? 16.863  2.301   -3.842  1.00 46.78  ? 78  C   A "O3'" 1 
ATOM   1321 C  "C2'" . C   A 1 62 ? 14.698  1.184   -3.487  1.00 40.06  ? 78  C   A "C2'" 1 
ATOM   1322 O  "O2'" . C   A 1 62 ? 15.308  0.503   -2.401  1.00 46.86  ? 78  C   A "O2'" 1 
ATOM   1323 C  "C1'" . C   A 1 62 ? 13.359  1.745   -3.013  1.00 43.48  ? 78  C   A "C1'" 1 
ATOM   1324 N  N1    . C   A 1 62 ? 12.384  1.849   -4.122  1.00 43.03  ? 78  C   A N1    1 
ATOM   1325 C  C2    . C   A 1 62 ? 11.753  0.691   -4.583  1.00 40.39  ? 78  C   A C2    1 
ATOM   1326 O  O2    . C   A 1 62 ? 12.020  -0.399  -4.053  1.00 41.25  ? 78  C   A O2    1 
ATOM   1327 N  N3    . C   A 1 62 ? 10.864  0.788   -5.596  1.00 36.31  ? 78  C   A N3    1 
ATOM   1328 C  C4    . C   A 1 62 ? 10.597  1.972   -6.147  1.00 36.20  ? 78  C   A C4    1 
ATOM   1329 N  N4    . C   A 1 62 ? 9.712   2.014   -7.145  1.00 36.21  ? 78  C   A N4    1 
ATOM   1330 C  C5    . C   A 1 62 ? 11.225  3.168   -5.698  1.00 40.43  ? 78  C   A C5    1 
ATOM   1331 C  C6    . C   A 1 62 ? 12.101  3.060   -4.692  1.00 39.39  ? 78  C   A C6    1 
ATOM   1332 P  P     . C   A 1 63 ? 17.622  2.096   -5.243  1.00 46.51  ? 79  C   A P     1 
ATOM   1333 O  OP1   . C   A 1 63 ? 19.085  2.104   -4.978  1.00 43.59  ? 79  C   A OP1   1 
ATOM   1334 O  OP2   . C   A 1 63 ? 17.047  3.051   -6.223  1.00 30.60  ? 79  C   A OP2   1 
ATOM   1335 O  "O5'" . C   A 1 63 ? 17.210  0.625   -5.694  1.00 42.13  ? 79  C   A "O5'" 1 
ATOM   1336 C  "C5'" . C   A 1 63 ? 17.506  -0.498  -4.877  1.00 44.28  ? 79  C   A "C5'" 1 
ATOM   1337 C  "C4'" . C   A 1 63 ? 16.848  -1.748  -5.403  1.00 42.89  ? 79  C   A "C4'" 1 
ATOM   1338 O  "O4'" . C   A 1 63 ? 15.406  -1.579  -5.415  1.00 39.48  ? 79  C   A "O4'" 1 
ATOM   1339 C  "C3'" . C   A 1 63 ? 17.189  -2.117  -6.836  1.00 36.38  ? 79  C   A "C3'" 1 
ATOM   1340 O  "O3'" . C   A 1 63 ? 18.428  -2.794  -6.944  1.00 35.36  ? 79  C   A "O3'" 1 
ATOM   1341 C  "C2'" . C   A 1 63 ? 15.992  -2.957  -7.261  1.00 38.45  ? 79  C   A "C2'" 1 
ATOM   1342 O  "O2'" . C   A 1 63 ? 16.101  -4.277  -6.752  1.00 44.40  ? 79  C   A "O2'" 1 
ATOM   1343 C  "C1'" . C   A 1 63 ? 14.851  -2.248  -6.528  1.00 40.59  ? 79  C   A "C1'" 1 
ATOM   1344 N  N1    . C   A 1 63 ? 14.169  -1.252  -7.385  1.00 39.18  ? 79  C   A N1    1 
ATOM   1345 C  C2    . C   A 1 63 ? 13.300  -1.694  -8.390  1.00 32.22  ? 79  C   A C2    1 
ATOM   1346 O  O2    . C   A 1 63 ? 13.121  -2.910  -8.547  1.00 32.89  ? 79  C   A O2    1 
ATOM   1347 N  N3    . C   A 1 63 ? 12.676  -0.783  -9.172  1.00 36.82  ? 79  C   A N3    1 
ATOM   1348 C  C4    . C   A 1 63 ? 12.888  0.520   -8.980  1.00 37.73  ? 79  C   A C4    1 
ATOM   1349 N  N4    . C   A 1 63 ? 12.251  1.382   -9.775  1.00 39.81  ? 79  C   A N4    1 
ATOM   1350 C  C5    . C   A 1 63 ? 13.766  0.997   -7.964  1.00 40.09  ? 79  C   A C5    1 
ATOM   1351 C  C6    . C   A 1 63 ? 14.376  0.087   -7.197  1.00 40.91  ? 79  C   A C6    1 
ATOM   1352 P  P     . A   A 1 64 ? 19.371  -2.553  -8.221  1.00 47.87  ? 80  A   A P     1 
ATOM   1353 O  OP1   . A   A 1 64 ? 20.772  -2.827  -7.813  1.00 44.75  ? 80  A   A OP1   1 
ATOM   1354 O  OP2   . A   A 1 64 ? 19.020  -1.237  -8.812  1.00 38.58  ? 80  A   A OP2   1 
ATOM   1355 O  "O5'" . A   A 1 64 ? 18.916  -3.684  -9.243  1.00 41.99  ? 80  A   A "O5'" 1 
ATOM   1356 C  "C5'" . A   A 1 64 ? 18.680  -5.012  -8.800  1.00 36.26  ? 80  A   A "C5'" 1 
ATOM   1357 C  "C4'" . A   A 1 64 ? 17.884  -5.792  -9.814  1.00 37.46  ? 80  A   A "C4'" 1 
ATOM   1358 O  "O4'" . A   A 1 64 ? 16.489  -5.392  -9.760  1.00 37.08  ? 80  A   A "O4'" 1 
ATOM   1359 C  "C3'" . A   A 1 64 ? 18.278  -5.571  -11.265 1.00 33.71  ? 80  A   A "C3'" 1 
ATOM   1360 O  "O3'" . A   A 1 64 ? 19.403  -6.342  -11.650 1.00 28.98  ? 80  A   A "O3'" 1 
ATOM   1361 C  "C2'" . A   A 1 64 ? 17.002  -5.924  -12.017 1.00 34.86  ? 80  A   A "C2'" 1 
ATOM   1362 O  "O2'" . A   A 1 64 ? 16.856  -7.332  -12.127 1.00 34.19  ? 80  A   A "O2'" 1 
ATOM   1363 C  "C1'" . A   A 1 64 ? 15.933  -5.400  -11.057 1.00 34.54  ? 80  A   A "C1'" 1 
ATOM   1364 N  N9    . A   A 1 64 ? 15.511  -4.026  -11.388 1.00 34.24  ? 80  A   A N9    1 
ATOM   1365 C  C8    . A   A 1 64 ? 15.965  -2.860  -10.823 1.00 36.18  ? 80  A   A C8    1 
ATOM   1366 N  N7    . A   A 1 64 ? 15.407  -1.780  -11.313 1.00 39.33  ? 80  A   A N7    1 
ATOM   1367 C  C5    . A   A 1 64 ? 14.524  -2.266  -12.266 1.00 31.30  ? 80  A   A C5    1 
ATOM   1368 C  C6    . A   A 1 64 ? 13.630  -1.621  -13.139 1.00 28.61  ? 80  A   A C6    1 
ATOM   1369 N  N6    . A   A 1 64 ? 13.474  -0.295  -13.193 1.00 24.48  ? 80  A   A N6    1 
ATOM   1370 N  N1    . A   A 1 64 ? 12.890  -2.394  -13.965 1.00 28.65  ? 80  A   A N1    1 
ATOM   1371 C  C2    . A   A 1 64 ? 13.050  -3.722  -13.908 1.00 29.56  ? 80  A   A C2    1 
ATOM   1372 N  N3    . A   A 1 64 ? 13.856  -4.443  -13.130 1.00 24.52  ? 80  A   A N3    1 
ATOM   1373 C  C4    . A   A 1 64 ? 14.576  -3.647  -12.323 1.00 29.85  ? 80  A   A C4    1 
ATOM   1374 P  P     . C   A 1 65 ? 20.597  -5.664  -12.486 1.00 44.51  ? 81  C   A P     1 
ATOM   1375 O  OP1   . C   A 1 65 ? 21.754  -6.594  -12.451 1.00 47.14  ? 81  C   A OP1   1 
ATOM   1376 O  OP2   . C   A 1 65 ? 20.763  -4.266  -12.009 1.00 46.90  ? 81  C   A OP2   1 
ATOM   1377 O  "O5'" . C   A 1 65 ? 20.045  -5.630  -13.980 1.00 26.28  ? 81  C   A "O5'" 1 
ATOM   1378 C  "C5'" . C   A 1 65 ? 19.661  -6.830  -14.632 1.00 28.78  ? 81  C   A "C5'" 1 
ATOM   1379 C  "C4'" . C   A 1 65 ? 18.637  -6.583  -15.711 1.00 28.84  ? 81  C   A "C4'" 1 
ATOM   1380 O  "O4'" . C   A 1 65 ? 17.462  -5.944  -15.150 1.00 31.98  ? 81  C   A "O4'" 1 
ATOM   1381 C  "C3'" . C   A 1 65 ? 19.056  -5.648  -16.833 1.00 32.50  ? 81  C   A "C3'" 1 
ATOM   1382 O  "O3'" . C   A 1 65 ? 19.884  -6.276  -17.795 1.00 26.85  ? 81  C   A "O3'" 1 
ATOM   1383 C  "C2'" . C   A 1 65 ? 17.717  -5.179  -17.388 1.00 32.40  ? 81  C   A "C2'" 1 
ATOM   1384 O  "O2'" . C   A 1 65 ? 17.152  -6.165  -18.242 1.00 30.92  ? 81  C   A "O2'" 1 
ATOM   1385 C  "C1'" . C   A 1 65 ? 16.871  -5.095  -16.115 1.00 32.78  ? 81  C   A "C1'" 1 
ATOM   1386 N  N1    . C   A 1 65 ? 16.805  -3.715  -15.580 1.00 32.62  ? 81  C   A N1    1 
ATOM   1387 C  C2    . C   A 1 65 ? 15.853  -2.844  -16.119 1.00 33.48  ? 81  C   A C2    1 
ATOM   1388 O  O2    . C   A 1 65 ? 15.102  -3.256  -17.016 1.00 29.84  ? 81  C   A O2    1 
ATOM   1389 N  N3    . C   A 1 65 ? 15.771  -1.577  -15.653 1.00 32.69  ? 81  C   A N3    1 
ATOM   1390 C  C4    . C   A 1 65 ? 16.594  -1.167  -14.689 1.00 35.56  ? 81  C   A C4    1 
ATOM   1391 N  N4    . C   A 1 65 ? 16.477  0.093   -14.260 1.00 33.02  ? 81  C   A N4    1 
ATOM   1392 C  C5    . C   A 1 65 ? 17.575  -2.034  -14.122 1.00 36.40  ? 81  C   A C5    1 
ATOM   1393 C  C6    . C   A 1 65 ? 17.645  -3.287  -14.593 1.00 32.91  ? 81  C   A C6    1 
ATOM   1394 P  P     . C   A 1 66 ? 20.904  -5.398  -18.672 1.00 33.54  ? 82  C   A P     1 
ATOM   1395 O  OP1   . C   A 1 66 ? 21.735  -6.328  -19.479 1.00 39.60  ? 82  C   A OP1   1 
ATOM   1396 O  OP2   . C   A 1 66 ? 21.561  -4.422  -17.762 1.00 31.61  ? 82  C   A OP2   1 
ATOM   1397 O  "O5'" . C   A 1 66 ? 19.959  -4.588  -19.668 1.00 27.15  ? 82  C   A "O5'" 1 
ATOM   1398 C  "C5'" . C   A 1 66 ? 19.143  -5.267  -20.613 1.00 29.16  ? 82  C   A "C5'" 1 
ATOM   1399 C  "C4'" . C   A 1 66 ? 18.169  -4.332  -21.285 1.00 28.39  ? 82  C   A "C4'" 1 
ATOM   1400 O  "O4'" . C   A 1 66 ? 17.272  -3.758  -20.301 1.00 29.64  ? 82  C   A "O4'" 1 
ATOM   1401 C  "C3'" . C   A 1 66 ? 18.774  -3.124  -21.984 1.00 25.89  ? 82  C   A "C3'" 1 
ATOM   1402 O  "O3'" . C   A 1 66 ? 19.277  -3.432  -23.274 1.00 26.31  ? 82  C   A "O3'" 1 
ATOM   1403 C  "C2'" . C   A 1 66 ? 17.619  -2.131  -22.003 1.00 23.25  ? 82  C   A "C2'" 1 
ATOM   1404 O  "O2'" . C   A 1 66 ? 16.724  -2.423  -23.066 1.00 29.88  ? 82  C   A "O2'" 1 
ATOM   1405 C  "C1'" . C   A 1 66 ? 16.918  -2.445  -20.678 1.00 24.35  ? 82  C   A "C1'" 1 
ATOM   1406 N  N1    . C   A 1 66 ? 17.305  -1.513  -19.594 1.00 33.26  ? 82  C   A N1    1 
ATOM   1407 C  C2    . C   A 1 66 ? 16.751  -0.230  -19.580 1.00 29.53  ? 82  C   A C2    1 
ATOM   1408 O  O2    . C   A 1 66 ? 15.959  0.100   -20.475 1.00 32.38  ? 82  C   A O2    1 
ATOM   1409 N  N3    . C   A 1 66 ? 17.095  0.626   -18.593 1.00 28.70  ? 82  C   A N3    1 
ATOM   1410 C  C4    . C   A 1 66 ? 17.950  0.240   -17.645 1.00 27.09  ? 82  C   A C4    1 
ATOM   1411 N  N4    . C   A 1 66 ? 18.260  1.120   -16.689 1.00 37.66  ? 82  C   A N4    1 
ATOM   1412 C  C5    . C   A 1 66 ? 18.524  -1.063  -17.631 1.00 25.83  ? 82  C   A C5    1 
ATOM   1413 C  C6    . C   A 1 66 ? 18.177  -1.900  -18.615 1.00 31.20  ? 82  C   A C6    1 
ATOM   1414 P  P     . C   A 1 67 ? 20.568  -2.667  -23.844 1.00 28.30  ? 83  C   A P     1 
ATOM   1415 O  OP1   . C   A 1 67 ? 21.020  -3.354  -25.081 1.00 26.70  ? 83  C   A OP1   1 
ATOM   1416 O  OP2   . C   A 1 67 ? 21.519  -2.485  -22.717 1.00 28.77  ? 83  C   A OP2   1 
ATOM   1417 O  "O5'" . C   A 1 67 ? 20.018  -1.231  -24.258 1.00 27.48  ? 83  C   A "O5'" 1 
ATOM   1418 C  "C5'" . C   A 1 67 ? 19.189  -1.062  -25.397 1.00 26.78  ? 83  C   A "C5'" 1 
ATOM   1419 C  "C4'" . C   A 1 67 ? 18.748  0.372   -25.541 1.00 30.69  ? 83  C   A "C4'" 1 
ATOM   1420 O  "O4'" . C   A 1 67 ? 17.925  0.745   -24.403 1.00 39.78  ? 83  C   A "O4'" 1 
ATOM   1421 C  "C3'" . C   A 1 67 ? 19.861  1.408   -25.541 1.00 25.47  ? 83  C   A "C3'" 1 
ATOM   1422 O  "O3'" . C   A 1 67 ? 20.501  1.546   -26.797 1.00 24.73  ? 83  C   A "O3'" 1 
ATOM   1423 C  "C2'" . C   A 1 67 ? 19.143  2.666   -25.076 1.00 30.89  ? 83  C   A "C2'" 1 
ATOM   1424 O  "O2'" . C   A 1 67 ? 18.388  3.232   -26.137 1.00 31.27  ? 83  C   A "O2'" 1 
ATOM   1425 C  "C1'" . C   A 1 67 ? 18.172  2.090   -24.048 1.00 29.57  ? 83  C   A "C1'" 1 
ATOM   1426 N  N1    . C   A 1 67 ? 18.727  2.122   -22.675 1.00 26.06  ? 83  C   A N1    1 
ATOM   1427 C  C2    . C   A 1 67 ? 18.733  3.330   -21.967 1.00 30.98  ? 83  C   A C2    1 
ATOM   1428 O  O2    . C   A 1 67 ? 18.273  4.348   -22.506 1.00 37.15  ? 83  C   A O2    1 
ATOM   1429 N  N3    . C   A 1 67 ? 19.238  3.360   -20.711 1.00 28.36  ? 83  C   A N3    1 
ATOM   1430 C  C4    . C   A 1 67 ? 19.724  2.248   -20.158 1.00 30.50  ? 83  C   A C4    1 
ATOM   1431 N  N4    . C   A 1 67 ? 20.210  2.325   -18.917 1.00 28.28  ? 83  C   A N4    1 
ATOM   1432 C  C5    . C   A 1 67 ? 19.730  1.005   -20.853 1.00 30.12  ? 83  C   A C5    1 
ATOM   1433 C  C6    . C   A 1 67 ? 19.227  0.991   -22.094 1.00 27.09  ? 83  C   A C6    1 
ATOM   1434 P  P     . A   A 1 68 ? 22.083  1.816   -26.868 1.00 32.13  ? 84  A   A P     1 
ATOM   1435 O  OP1   . A   A 1 68 ? 22.507  1.734   -28.290 1.00 31.52  ? 84  A   A OP1   1 
ATOM   1436 O  OP2   . A   A 1 68 ? 22.738  0.958   -25.848 1.00 23.67  ? 84  A   A OP2   1 
ATOM   1437 O  "O5'" . A   A 1 68 ? 22.236  3.331   -26.403 1.00 38.66  ? 84  A   A "O5'" 1 
ATOM   1438 C  "C5'" . A   A 1 68 ? 21.579  4.376   -27.104 1.00 26.46  ? 84  A   A "C5'" 1 
ATOM   1439 C  "C4'" . A   A 1 68 ? 21.558  5.651   -26.299 1.00 30.78  ? 84  A   A "C4'" 1 
ATOM   1440 O  "O4'" . A   A 1 68 ? 20.807  5.447   -25.074 1.00 29.80  ? 84  A   A "O4'" 1 
ATOM   1441 C  "C3'" . A   A 1 68 ? 22.908  6.159   -25.820 1.00 39.58  ? 84  A   A "C3'" 1 
ATOM   1442 O  "O3'" . A   A 1 68 ? 23.620  6.862   -26.824 1.00 30.70  ? 84  A   A "O3'" 1 
ATOM   1443 C  "C2'" . A   A 1 68 ? 22.533  7.017   -24.619 1.00 31.76  ? 84  A   A "C2'" 1 
ATOM   1444 O  "O2'" . A   A 1 68 ? 22.051  8.286   -25.038 1.00 37.22  ? 84  A   A "O2'" 1 
ATOM   1445 C  "C1'" . A   A 1 68 ? 21.361  6.228   -24.036 1.00 29.30  ? 84  A   A "C1'" 1 
ATOM   1446 N  N9    . A   A 1 68 ? 21.785  5.337   -22.940 1.00 29.85  ? 84  A   A N9    1 
ATOM   1447 C  C8    . A   A 1 68 ? 21.977  3.979   -22.975 1.00 29.90  ? 84  A   A C8    1 
ATOM   1448 N  N7    . A   A 1 68 ? 22.356  3.474   -21.826 1.00 33.72  ? 84  A   A N7    1 
ATOM   1449 C  C5    . A   A 1 68 ? 22.420  4.571   -20.980 1.00 30.02  ? 84  A   A C5    1 
ATOM   1450 C  C6    . A   A 1 68 ? 22.762  4.704   -19.623 1.00 32.70  ? 84  A   A C6    1 
ATOM   1451 N  N6    . A   A 1 68 ? 23.120  3.679   -18.846 1.00 40.87  ? 84  A   A N6    1 
ATOM   1452 N  N1    . A   A 1 68 ? 22.723  5.942   -19.082 1.00 29.37  ? 84  A   A N1    1 
ATOM   1453 C  C2    . A   A 1 68 ? 22.365  6.970   -19.862 1.00 27.50  ? 84  A   A C2    1 
ATOM   1454 N  N3    . A   A 1 68 ? 22.021  6.970   -21.147 1.00 31.23  ? 84  A   A N3    1 
ATOM   1455 C  C4    . A   A 1 68 ? 22.070  5.726   -21.653 1.00 32.78  ? 84  A   A C4    1 
ATOM   1456 P  P     . G   A 1 69 ? 25.219  6.733   -26.918 1.00 38.91  ? 85  G   A P     1 
ATOM   1457 O  OP1   . G   A 1 69 ? 25.657  7.368   -28.186 1.00 44.89  ? 85  G   A OP1   1 
ATOM   1458 O  OP2   . G   A 1 69 ? 25.585  5.321   -26.639 1.00 33.30  ? 85  G   A OP2   1 
ATOM   1459 O  "O5'" . G   A 1 69 ? 25.747  7.625   -25.709 1.00 42.56  ? 85  G   A "O5'" 1 
ATOM   1460 C  "C5'" . G   A 1 69 ? 25.430  9.007   -25.630 1.00 31.47  ? 85  G   A "C5'" 1 
ATOM   1461 C  "C4'" . G   A 1 69 ? 25.719  9.559   -24.258 1.00 29.25  ? 85  G   A "C4'" 1 
ATOM   1462 O  "O4'" . G   A 1 69 ? 24.930  8.848   -23.270 1.00 28.43  ? 85  G   A "O4'" 1 
ATOM   1463 C  "C3'" . G   A 1 69 ? 27.150  9.403   -23.767 1.00 31.06  ? 85  G   A "C3'" 1 
ATOM   1464 O  "O3'" . G   A 1 69 ? 28.018  10.399  -24.279 1.00 31.70  ? 85  G   A "O3'" 1 
ATOM   1465 C  "C2'" . G   A 1 69 ? 26.993  9.449   -22.254 1.00 25.89  ? 85  G   A "C2'" 1 
ATOM   1466 O  "O2'" . G   A 1 69 ? 26.852  10.787  -21.804 1.00 28.91  ? 85  G   A "O2'" 1 
ATOM   1467 C  "C1'" . G   A 1 69 ? 25.656  8.729   -22.065 1.00 29.44  ? 85  G   A "C1'" 1 
ATOM   1468 N  N9    . G   A 1 69 ? 25.839  7.298   -21.762 1.00 33.13  ? 85  G   A N9    1 
ATOM   1469 C  C8    . G   A 1 69 ? 26.055  6.282   -22.660 1.00 33.85  ? 85  G   A C8    1 
ATOM   1470 N  N7    . G   A 1 69 ? 26.186  5.115   -22.090 1.00 36.89  ? 85  G   A N7    1 
ATOM   1471 C  C5    . G   A 1 69 ? 26.052  5.378   -20.734 1.00 31.99  ? 85  G   A C5    1 
ATOM   1472 C  C6    . G   A 1 69 ? 26.104  4.503   -19.619 1.00 37.93  ? 85  G   A C6    1 
ATOM   1473 O  O6    . G   A 1 69 ? 26.282  3.279   -19.608 1.00 58.67  ? 85  G   A O6    1 
ATOM   1474 N  N1    . G   A 1 69 ? 25.919  5.185   -18.422 1.00 38.20  ? 85  G   A N1    1 
ATOM   1475 C  C2    . G   A 1 69 ? 25.712  6.537   -18.309 1.00 39.82  ? 85  G   A C2    1 
ATOM   1476 N  N2    . G   A 1 69 ? 25.554  7.007   -17.063 1.00 37.10  ? 85  G   A N2    1 
ATOM   1477 N  N3    . G   A 1 69 ? 25.662  7.364   -19.340 1.00 36.79  ? 85  G   A N3    1 
ATOM   1478 C  C4    . G   A 1 69 ? 25.841  6.722   -20.513 1.00 30.57  ? 85  G   A C4    1 
HETATM 1479 O  "O5'" . GNG B 2 .  ? 9.879   -6.132  -12.682 1.00 31.57  ? 101 GNG A "O5'" 1 
HETATM 1480 C  "C5'" . GNG B 2 .  ? 9.302   -7.420  -12.206 1.00 34.45  ? 101 GNG A "C5'" 1 
HETATM 1481 C  "C4'" . GNG B 2 .  ? 9.974   -7.832  -10.883 1.00 32.63  ? 101 GNG A "C4'" 1 
HETATM 1482 O  "O4'" . GNG B 2 .  ? 10.426  -6.569  -10.088 1.00 30.83  ? 101 GNG A "O4'" 1 
HETATM 1483 C  "C1'" . GNG B 2 .  ? 9.315   -6.333  -9.087  1.00 33.00  ? 101 GNG A "C1'" 1 
HETATM 1484 N  N9    . GNG B 2 .  ? 8.838   -4.942  -9.194  1.00 32.16  ? 101 GNG A N9    1 
HETATM 1485 C  C8    . GNG B 2 .  ? 7.924   -4.471  -10.083 1.00 31.57  ? 101 GNG A C8    1 
HETATM 1486 N  N7    . GNG B 2 .  ? 7.775   -3.150  -9.849  1.00 25.89  ? 101 GNG A N7    1 
HETATM 1487 C  C5    . GNG B 2 .  ? 8.585   -2.802  -8.823  1.00 26.03  ? 101 GNG A C5    1 
HETATM 1488 C  C4    . GNG B 2 .  ? 9.247   -3.921  -8.417  1.00 29.47  ? 101 GNG A C4    1 
HETATM 1489 N  N3    . GNG B 2 .  ? 10.208  -3.855  -7.310  1.00 29.50  ? 101 GNG A N3    1 
HETATM 1490 C  C2    . GNG B 2 .  ? 10.454  -2.590  -6.647  1.00 30.41  ? 101 GNG A C2    1 
HETATM 1491 N  N1    . GNG B 2 .  ? 9.757   -1.412  -7.072  1.00 31.31  ? 101 GNG A N1    1 
HETATM 1492 C  C6    . GNG B 2 .  ? 8.839   -1.478  -8.129  1.00 28.45  ? 101 GNG A C6    1 
HETATM 1493 O  O6    . GNG B 2 .  ? 8.233   -0.454  -8.496  1.00 35.69  ? 101 GNG A O6    1 
HETATM 1494 N  N2    . GNG B 2 .  ? 11.373  -2.521  -5.588  1.00 39.08  ? 101 GNG A N2    1 
HETATM 1495 C  "C2'" . GNG B 2 .  ? 8.357   -7.166  -9.423  1.00 34.08  ? 101 GNG A "C2'" 1 
HETATM 1496 C  "C3'" . GNG B 2 .  ? 9.128   -8.397  -10.105 1.00 31.37  ? 101 GNG A "C3'" 1 
HETATM 1497 O  "O3'" . GNG B 2 .  ? 9.833   -9.179  -9.062  1.00 34.37  ? 101 GNG A "O3'" 1 
HETATM 1498 CO CO    . NCO C 3 .  ? 1.857   -7.285  4.669   1.00 75.01  ? 102 NCO A CO    1 
HETATM 1499 N  N1    . NCO C 3 .  ? 2.368   -7.784  2.823   1.00 52.83  ? 102 NCO A N1    1 
HETATM 1500 N  N2    . NCO C 3 .  ? 1.344   -6.788  6.517   1.00 73.92  ? 102 NCO A N2    1 
HETATM 1501 N  N3    . NCO C 3 .  ? 0.180   -6.484  3.988   1.00 59.38  ? 102 NCO A N3    1 
HETATM 1502 N  N4    . NCO C 3 .  ? 2.779   -5.545  4.460   1.00 58.14  ? 102 NCO A N4    1 
HETATM 1503 N  N5    . NCO C 3 .  ? 3.534   -8.088  5.349   1.00 74.08  ? 102 NCO A N5    1 
HETATM 1504 N  N6    . NCO C 3 .  ? 0.938   -9.026  4.879   1.00 53.66  ? 102 NCO A N6    1 
HETATM 1505 CO CO    . NCO D 3 .  ? 7.250   -13.504 -7.906  1.00 49.70  ? 103 NCO A CO    1 
HETATM 1506 N  N1    . NCO D 3 .  ? 6.772   -14.544 -9.522  1.00 45.94  ? 103 NCO A N1    1 
HETATM 1507 N  N2    . NCO D 3 .  ? 7.723   -12.460 -6.293  1.00 25.76  ? 103 NCO A N2    1 
HETATM 1508 N  N3    . NCO D 3 .  ? 6.284   -14.814 -6.778  1.00 45.41  ? 103 NCO A N3    1 
HETATM 1509 N  N4    . NCO D 3 .  ? 5.588   -12.446 -8.099  1.00 47.29  ? 103 NCO A N4    1 
HETATM 1510 N  N5    . NCO D 3 .  ? 8.218   -12.195 -9.034  1.00 35.70  ? 103 NCO A N5    1 
HETATM 1511 N  N6    . NCO D 3 .  ? 8.912   -14.564 -7.714  1.00 43.09  ? 103 NCO A N6    1 
HETATM 1512 CO CO    . NCO E 3 .  ? 7.330   3.307   -13.591 1.00 97.54  ? 104 NCO A CO    1 
HETATM 1513 N  N1    . NCO E 3 .  ? 6.948   1.766   -12.409 1.00 40.78  ? 104 NCO A N1    1 
HETATM 1514 N  N2    . NCO E 3 .  ? 7.713   4.849   -14.774 1.00 74.07  ? 104 NCO A N2    1 
HETATM 1515 N  N3    . NCO E 3 .  ? 6.002   4.397   -12.606 1.00 67.49  ? 104 NCO A N3    1 
HETATM 1516 N  N4    . NCO E 3 .  ? 5.913   2.708   -14.838 1.00 52.57  ? 104 NCO A N4    1 
HETATM 1517 N  N5    . NCO E 3 .  ? 8.661   2.219   -14.572 1.00 47.92  ? 104 NCO A N5    1 
HETATM 1518 N  N6    . NCO E 3 .  ? 8.746   3.909   -12.344 1.00 60.62  ? 104 NCO A N6    1 
HETATM 1519 CO CO    . NCO F 3 .  ? 14.828  7.134   -13.638 1.00 71.67  ? 105 NCO A CO    1 
HETATM 1520 N  N1    . NCO F 3 .  ? 14.061  6.220   -15.220 1.00 44.05  ? 105 NCO A N1    1 
HETATM 1521 N  N2    . NCO F 3 .  ? 15.591  8.044   -12.054 1.00 46.93  ? 105 NCO A N2    1 
HETATM 1522 N  N3    . NCO F 3 .  ? 13.037  7.162   -12.794 1.00 62.54  ? 105 NCO A N3    1 
HETATM 1523 N  N4    . NCO F 3 .  ? 14.467  8.893   -14.479 1.00 64.38  ? 105 NCO A N4    1 
HETATM 1524 N  N5    . NCO F 3 .  ? 16.621  7.100   -14.480 1.00 53.95  ? 105 NCO A N5    1 
HETATM 1525 N  N6    . NCO F 3 .  ? 15.194  5.376   -12.802 1.00 34.05  ? 105 NCO A N6    1 
HETATM 1526 CO CO    . NCO G 3 .  ? -0.621  4.321   8.080   0.50 75.03  ? 106 NCO A CO    1 
HETATM 1527 N  N1    . NCO G 3 .  ? -1.049  2.590   7.217   0.50 48.28  ? 106 NCO A N1    1 
HETATM 1528 N  N2    . NCO G 3 .  ? -0.191  6.053   8.944   0.50 72.22  ? 106 NCO A N2    1 
HETATM 1529 N  N3    . NCO G 3 .  ? -2.285  4.203   9.145   0.50 56.99  ? 106 NCO A N3    1 
HETATM 1530 N  N4    . NCO G 3 .  ? -1.600  5.277   6.649   0.50 51.36  ? 106 NCO A N4    1 
HETATM 1531 N  N5    . NCO G 3 .  ? 1.045   4.438   7.015   0.50 63.79  ? 106 NCO A N5    1 
HETATM 1532 N  N6    . NCO G 3 .  ? 0.361   3.364   9.509   0.50 59.74  ? 106 NCO A N6    1 
HETATM 1533 MG MG    . MG  H 4 .  ? 0.499   7.430   -5.618  1.00 39.29  ? 107 MG  A MG    1 
HETATM 1534 MG MG    . MG  I 4 .  ? 4.641   3.976   -8.378  1.00 57.61  ? 108 MG  A MG    1 
HETATM 1535 MG MG    . MG  J 4 .  ? -5.198  4.189   4.131   1.00 67.94  ? 109 MG  A MG    1 
HETATM 1536 MG MG    . MG  K 4 .  ? 6.538   1.281   -9.339  1.00 35.73  ? 110 MG  A MG    1 
HETATM 1537 MG MG    . MG  L 4 .  ? -11.266 10.481  11.022  1.00 36.77  ? 111 MG  A MG    1 
HETATM 1538 O  O     . HOH M 5 .  ? 5.935   16.215  -6.492  1.00 55.81  ? 201 HOH A O     1 
HETATM 1539 O  O     . HOH M 5 .  ? -0.288  -18.112 3.180   1.00 41.07  ? 202 HOH A O     1 
HETATM 1540 O  O     . HOH M 5 .  ? 3.949   -11.468 2.319   1.00 41.22  ? 203 HOH A O     1 
HETATM 1541 O  O     . HOH M 5 .  ? 23.252  7.573   -29.381 1.00 37.66  ? 204 HOH A O     1 
HETATM 1542 O  O     . HOH M 5 .  ? 2.381   7.364   -4.180  1.00 40.99  ? 205 HOH A O     1 
HETATM 1543 O  O     . HOH M 5 .  ? -13.218 3.041   -7.701  1.00 54.06  ? 206 HOH A O     1 
HETATM 1544 O  O     . HOH M 5 .  ? -19.265 11.458  20.150  0.50 21.10  ? 207 HOH A O     1 
HETATM 1545 O  O     . HOH M 5 .  ? 0.613   -1.263  -17.118 1.00 22.94  ? 208 HOH A O     1 
HETATM 1546 O  O     . HOH M 5 .  ? 0.302   10.099  -5.180  1.00 47.79  ? 209 HOH A O     1 
HETATM 1547 O  O     . HOH M 5 .  ? 2.518   -8.122  -14.386 1.00 15.85  ? 210 HOH A O     1 
HETATM 1548 O  O     . HOH M 5 .  ? 0.387   -9.632  -14.205 1.00 18.31  ? 211 HOH A O     1 
HETATM 1549 O  O     . HOH M 5 .  ? -0.993  -3.660  -18.579 0.50 32.23  ? 212 HOH A O     1 
# 
loop_
_pdbx_poly_seq_scheme.asym_id 
_pdbx_poly_seq_scheme.entity_id 
_pdbx_poly_seq_scheme.seq_id 
_pdbx_poly_seq_scheme.mon_id 
_pdbx_poly_seq_scheme.ndb_seq_num 
_pdbx_poly_seq_scheme.pdb_seq_num 
_pdbx_poly_seq_scheme.auth_seq_num 
_pdbx_poly_seq_scheme.pdb_mon_id 
_pdbx_poly_seq_scheme.auth_mon_id 
_pdbx_poly_seq_scheme.pdb_strand_id 
_pdbx_poly_seq_scheme.pdb_ins_code 
_pdbx_poly_seq_scheme.hetero 
A 1 1  GTP 1  17 17 GTP GTP A . n 
A 1 2  G   2  18 18 G   G   A . n 
A 1 3  G   3  19 19 G   G   A . n 
A 1 4  U   4  20 20 U   U   A . n 
A 1 5  G   5  21 21 G   G   A . n 
A 1 6  U   6  22 22 U   U   A . n 
A 1 7  A   7  23 23 A   A   A . n 
A 1 8  A   8  24 24 A   A   A . n 
A 1 9  U   9  25 25 U   U   A . n 
A 1 10 C   10 26 26 C   C   A . n 
A 1 11 U   11 27 27 U   U   A . n 
A 1 12 C   12 28 28 C   C   A . n 
A 1 13 C   13 29 29 C   C   A . n 
A 1 14 A   14 30 30 A   A   A . n 
A 1 15 A   15 31 31 A   A   A . n 
A 1 16 A   16 32 32 A   A   A . n 
A 1 17 A   17 33 33 A   A   A . n 
A 1 18 U   18 34 34 U   U   A . n 
A 1 19 A   19 35 35 A   A   A . n 
A 1 20 U   20 36 36 U   U   A . n 
A 1 21 G   21 37 37 G   G   A . n 
A 1 22 G   22 38 38 G   G   A . n 
A 1 23 U   23 39 39 U   U   A . n 
A 1 24 U   24 40 40 U   U   A . n 
A 1 25 G   25 41 41 G   G   A . n 
A 1 26 G   26 42 42 G   G   A . n 
A 1 27 G   27 43 43 G   G   A . n 
A 1 28 G   28 44 44 G   G   A . n 
A 1 29 A   29 45 45 A   A   A . n 
A 1 30 G   30 46 46 G   G   A . n 
A 1 31 C   31 47 47 C   C   A . n 
A 1 32 C   32 48 48 C   C   A . n 
A 1 33 U   33 49 49 U   U   A . n 
A 1 34 C   34 50 50 C   C   A . n 
A 1 35 C   35 51 51 C   C   A . n 
A 1 36 A   36 52 52 A   A   A . n 
A 1 37 C   37 53 53 C   C   A . n 
A 1 38 C   38 54 54 C   C   A . n 
A 1 39 A   39 55 55 A   A   A . n 
A 1 40 G   40 56 56 G   G   A . n 
A 1 41 U   41 57 57 U   U   A . n 
A 1 42 G   42 58 58 G   G   A . n 
A 1 43 A   43 59 59 A   A   A . n 
A 1 44 A   44 60 60 A   A   A . n 
A 1 45 C   45 61 61 C   C   A . n 
A 1 46 C   46 62 62 C   C   A . n 
A 1 47 G   47 63 63 G   G   A . n 
A 1 48 U   48 64 64 U   U   A . n 
A 1 49 A   49 65 65 A   A   A . n 
A 1 50 A   50 66 66 A   A   A . n 
A 1 51 A   51 67 67 A   A   A . n 
A 1 52 A   52 68 68 A   A   A . n 
A 1 53 U   53 69 69 U   U   A . n 
A 1 54 C   54 70 70 C   C   A . n 
A 1 55 G   55 71 71 G   G   A . n 
A 1 56 C   56 72 72 C   C   A . n 
A 1 57 U   57 73 73 U   U   A . n 
A 1 58 G   58 74 74 G   G   A . n 
A 1 59 U   59 75 75 U   U   A . n 
A 1 60 C   60 76 76 C   C   A . n 
A 1 61 A   61 77 77 A   A   A . n 
A 1 62 C   62 78 78 C   C   A . n 
A 1 63 C   63 79 79 C   C   A . n 
A 1 64 A   64 80 80 A   A   A . n 
A 1 65 C   65 81 81 C   C   A . n 
A 1 66 C   66 82 82 C   C   A . n 
A 1 67 C   67 83 83 C   C   A . n 
A 1 68 A   68 84 84 A   A   A . n 
A 1 69 G   69 85 85 G   G   A . n 
# 
loop_
_pdbx_nonpoly_scheme.asym_id 
_pdbx_nonpoly_scheme.entity_id 
_pdbx_nonpoly_scheme.mon_id 
_pdbx_nonpoly_scheme.ndb_seq_num 
_pdbx_nonpoly_scheme.pdb_seq_num 
_pdbx_nonpoly_scheme.auth_seq_num 
_pdbx_nonpoly_scheme.pdb_mon_id 
_pdbx_nonpoly_scheme.auth_mon_id 
_pdbx_nonpoly_scheme.pdb_strand_id 
_pdbx_nonpoly_scheme.pdb_ins_code 
B 2 GNG 1  101 1  GNG GNG A . 
C 3 NCO 1  102 1  NCO NCO A . 
D 3 NCO 1  103 3  NCO NCO A . 
E 3 NCO 1  104 5  NCO NCO A . 
F 3 NCO 1  105 6  NCO NCO A . 
G 3 NCO 1  106 7  NCO NCO A . 
H 4 MG  1  107 1  MG  MG  A . 
I 4 MG  1  108 2  MG  MG  A . 
J 4 MG  1  109 3  MG  MG  A . 
K 4 MG  1  110 4  MG  MG  A . 
L 4 MG  1  111 5  MG  MG  A . 
M 5 HOH 1  201 12 HOH HOH A . 
M 5 HOH 2  202 7  HOH HOH A . 
M 5 HOH 3  203 9  HOH HOH A . 
M 5 HOH 4  204 10 HOH HOH A . 
M 5 HOH 5  205 5  HOH HOH A . 
M 5 HOH 6  206 11 HOH HOH A . 
M 5 HOH 7  207 6  HOH HOH A . 
M 5 HOH 8  208 2  HOH HOH A . 
M 5 HOH 9  209 13 HOH HOH A . 
M 5 HOH 10 210 1  HOH HOH A . 
M 5 HOH 11 211 4  HOH HOH A . 
M 5 HOH 12 212 3  HOH HOH A . 
# 
_pdbx_struct_assembly.id                   1 
_pdbx_struct_assembly.details              author_and_software_defined_assembly 
_pdbx_struct_assembly.method_details       PISA 
_pdbx_struct_assembly.oligomeric_details   monomeric 
_pdbx_struct_assembly.oligomeric_count     1 
# 
_pdbx_struct_assembly_gen.assembly_id       1 
_pdbx_struct_assembly_gen.oper_expression   1 
_pdbx_struct_assembly_gen.asym_id_list      A,B,C,D,E,F,G,H,I,J,K,L,M 
# 
_pdbx_struct_oper_list.id                   1 
_pdbx_struct_oper_list.type                 'identity operation' 
_pdbx_struct_oper_list.name                 1_555 
_pdbx_struct_oper_list.symmetry_operation   x,y,z 
_pdbx_struct_oper_list.matrix[1][1]         1.0000000000 
_pdbx_struct_oper_list.matrix[1][2]         0.0000000000 
_pdbx_struct_oper_list.matrix[1][3]         0.0000000000 
_pdbx_struct_oper_list.vector[1]            0.0000000000 
_pdbx_struct_oper_list.matrix[2][1]         0.0000000000 
_pdbx_struct_oper_list.matrix[2][2]         1.0000000000 
_pdbx_struct_oper_list.matrix[2][3]         0.0000000000 
_pdbx_struct_oper_list.vector[2]            0.0000000000 
_pdbx_struct_oper_list.matrix[3][1]         0.0000000000 
_pdbx_struct_oper_list.matrix[3][2]         0.0000000000 
_pdbx_struct_oper_list.matrix[3][3]         1.0000000000 
_pdbx_struct_oper_list.vector[3]            0.0000000000 
# 
loop_
_pdbx_struct_special_symmetry.id 
_pdbx_struct_special_symmetry.PDB_model_num 
_pdbx_struct_special_symmetry.auth_asym_id 
_pdbx_struct_special_symmetry.auth_comp_id 
_pdbx_struct_special_symmetry.auth_seq_id 
_pdbx_struct_special_symmetry.PDB_ins_code 
_pdbx_struct_special_symmetry.label_asym_id 
_pdbx_struct_special_symmetry.label_comp_id 
_pdbx_struct_special_symmetry.label_seq_id 
1 1 A HOH 207 ? M HOH . 
2 1 A HOH 212 ? M HOH . 
# 
loop_
_pdbx_struct_conn_angle.id 
_pdbx_struct_conn_angle.ptnr1_label_atom_id 
_pdbx_struct_conn_angle.ptnr1_label_alt_id 
_pdbx_struct_conn_angle.ptnr1_label_asym_id 
_pdbx_struct_conn_angle.ptnr1_label_comp_id 
_pdbx_struct_conn_angle.ptnr1_label_seq_id 
_pdbx_struct_conn_angle.ptnr1_auth_atom_id 
_pdbx_struct_conn_angle.ptnr1_auth_asym_id 
_pdbx_struct_conn_angle.ptnr1_auth_comp_id 
_pdbx_struct_conn_angle.ptnr1_auth_seq_id 
_pdbx_struct_conn_angle.ptnr1_PDB_ins_code 
_pdbx_struct_conn_angle.ptnr1_symmetry 
_pdbx_struct_conn_angle.ptnr2_label_atom_id 
_pdbx_struct_conn_angle.ptnr2_label_alt_id 
_pdbx_struct_conn_angle.ptnr2_label_asym_id 
_pdbx_struct_conn_angle.ptnr2_label_comp_id 
_pdbx_struct_conn_angle.ptnr2_label_seq_id 
_pdbx_struct_conn_angle.ptnr2_auth_atom_id 
_pdbx_struct_conn_angle.ptnr2_auth_asym_id 
_pdbx_struct_conn_angle.ptnr2_auth_comp_id 
_pdbx_struct_conn_angle.ptnr2_auth_seq_id 
_pdbx_struct_conn_angle.ptnr2_PDB_ins_code 
_pdbx_struct_conn_angle.ptnr2_symmetry 
_pdbx_struct_conn_angle.ptnr3_label_atom_id 
_pdbx_struct_conn_angle.ptnr3_label_alt_id 
_pdbx_struct_conn_angle.ptnr3_label_asym_id 
_pdbx_struct_conn_angle.ptnr3_label_comp_id 
_pdbx_struct_conn_angle.ptnr3_label_seq_id 
_pdbx_struct_conn_angle.ptnr3_auth_atom_id 
_pdbx_struct_conn_angle.ptnr3_auth_asym_id 
_pdbx_struct_conn_angle.ptnr3_auth_comp_id 
_pdbx_struct_conn_angle.ptnr3_auth_seq_id 
_pdbx_struct_conn_angle.ptnr3_PDB_ins_code 
_pdbx_struct_conn_angle.ptnr3_symmetry 
_pdbx_struct_conn_angle.value 
_pdbx_struct_conn_angle.value_esd 
1 "O3'" ? A U   6 ? A U   22  ? 1_555 MG ? K MG . ? A MG 110 ? 1_555 "O2'" ? A U   6 ? A U   22  ? 1_555 63.2  ? 
2 "O3'" ? A U   6 ? A U   22  ? 1_555 MG ? K MG . ? A MG 110 ? 1_555 O6    ? B GNG . ? A GNG 101 ? 1_555 126.6 ? 
3 "O2'" ? A U   6 ? A U   22  ? 1_555 MG ? K MG . ? A MG 110 ? 1_555 O6    ? B GNG . ? A GNG 101 ? 1_555 66.2  ? 
4 OP2   ? A A   7 ? A A   23  ? 1_555 MG ? I MG . ? A MG 108 ? 1_555 OP2   ? A A   8 ? A A   24  ? 1_555 85.3  ? 
5 OP1   ? A A   8 ? A A   24  ? 1_555 MG ? H MG . ? A MG 107 ? 1_555 O     ? M HOH . ? A HOH 205 ? 1_555 78.5  ? 
6 OP1   ? A A   8 ? A A   24  ? 1_555 MG ? H MG . ? A MG 107 ? 1_555 O     ? M HOH . ? A HOH 209 ? 1_555 162.1 ? 
7 O     ? M HOH . ? A HOH 205 ? 1_555 MG ? H MG . ? A MG 107 ? 1_555 O     ? M HOH . ? A HOH 209 ? 1_555 89.3  ? 
# 
loop_
_pdbx_audit_revision_history.ordinal 
_pdbx_audit_revision_history.data_content_type 
_pdbx_audit_revision_history.major_revision 
_pdbx_audit_revision_history.minor_revision 
_pdbx_audit_revision_history.revision_date 
1 'Structure model' 1 0 2019-10-23 
2 'Structure model' 1 1 2019-11-27 
3 'Structure model' 1 2 2020-01-01 
4 'Structure model' 1 3 2023-10-11 
# 
_pdbx_audit_revision_details.ordinal             1 
_pdbx_audit_revision_details.revision_ordinal    1 
_pdbx_audit_revision_details.data_content_type   'Structure model' 
_pdbx_audit_revision_details.provider            repository 
_pdbx_audit_revision_details.type                'Initial release' 
_pdbx_audit_revision_details.description         ? 
_pdbx_audit_revision_details.details             ? 
# 
loop_
_pdbx_audit_revision_group.ordinal 
_pdbx_audit_revision_group.revision_ordinal 
_pdbx_audit_revision_group.data_content_type 
_pdbx_audit_revision_group.group 
1 2 'Structure model' 'Database references'        
2 3 'Structure model' 'Author supporting evidence' 
3 4 'Structure model' 'Data collection'            
4 4 'Structure model' 'Database references'        
5 4 'Structure model' 'Derived calculations'       
6 4 'Structure model' 'Refinement description'     
# 
loop_
_pdbx_audit_revision_category.ordinal 
_pdbx_audit_revision_category.revision_ordinal 
_pdbx_audit_revision_category.data_content_type 
_pdbx_audit_revision_category.category 
1 2 'Structure model' citation                      
2 3 'Structure model' pdbx_audit_support            
3 4 'Structure model' chem_comp_atom                
4 4 'Structure model' chem_comp_bond                
5 4 'Structure model' database_2                    
6 4 'Structure model' pdbx_initial_refinement_model 
7 4 'Structure model' pdbx_struct_conn_angle        
8 4 'Structure model' struct_conn                   
# 
loop_
_pdbx_audit_revision_item.ordinal 
_pdbx_audit_revision_item.revision_ordinal 
_pdbx_audit_revision_item.data_content_type 
_pdbx_audit_revision_item.item 
1  2 'Structure model' '_citation.journal_volume'                  
2  2 'Structure model' '_citation.page_first'                      
3  2 'Structure model' '_citation.page_last'                       
4  3 'Structure model' '_pdbx_audit_support.funding_organization'  
5  4 'Structure model' '_database_2.pdbx_DOI'                      
6  4 'Structure model' '_database_2.pdbx_database_accession'       
7  4 'Structure model' '_pdbx_struct_conn_angle.ptnr1_auth_seq_id' 
8  4 'Structure model' '_pdbx_struct_conn_angle.ptnr3_auth_seq_id' 
9  4 'Structure model' '_pdbx_struct_conn_angle.value'             
10 4 'Structure model' '_struct_conn.conn_type_id'                 
11 4 'Structure model' '_struct_conn.id'                           
12 4 'Structure model' '_struct_conn.pdbx_dist_value'              
13 4 'Structure model' '_struct_conn.pdbx_leaving_atom_flag'       
14 4 'Structure model' '_struct_conn.ptnr1_auth_comp_id'           
15 4 'Structure model' '_struct_conn.ptnr1_auth_seq_id'            
16 4 'Structure model' '_struct_conn.ptnr1_label_atom_id'          
17 4 'Structure model' '_struct_conn.ptnr1_label_comp_id'          
18 4 'Structure model' '_struct_conn.ptnr1_label_seq_id'           
19 4 'Structure model' '_struct_conn.ptnr2_auth_comp_id'           
20 4 'Structure model' '_struct_conn.ptnr2_auth_seq_id'            
21 4 'Structure model' '_struct_conn.ptnr2_label_asym_id'          
22 4 'Structure model' '_struct_conn.ptnr2_label_atom_id'          
23 4 'Structure model' '_struct_conn.ptnr2_label_comp_id'          
# 
loop_
_space_group_symop.id 
_space_group_symop.operation_xyz 
1 x,y,z        
2 -y,x,z+1/4   
3 y,-x,z+3/4   
4 x,-y,-z+1/2  
5 -x,y,-z      
6 -x,-y,z+1/2  
7 y,x,-z+3/4   
8 -y,-x,-z+1/4 
# 
loop_
_software.citation_id 
_software.classification 
_software.compiler_name 
_software.compiler_version 
_software.contact_author 
_software.contact_author_email 
_software.date 
_software.description 
_software.dependencies 
_software.hardware 
_software.language 
_software.location 
_software.mods 
_software.name 
_software.os 
_software.os_version 
_software.type 
_software.version 
_software.pdbx_ordinal 
? refinement       ? ? ? ? ? ? ? ? ? ? ? PHENIX   ? ? ? 1.14-3260 1 
? 'data reduction' ? ? ? ? ? ? ? ? ? ? ? HKL-3000 ? ? ? .         2 
? 'data scaling'   ? ? ? ? ? ? ? ? ? ? ? HKL-3000 ? ? ? .         3 
? phasing          ? ? ? ? ? ? ? ? ? ? ? PHASER   ? ? ? .         4 
# 
loop_
_pdbx_validate_rmsd_angle.id 
_pdbx_validate_rmsd_angle.PDB_model_num 
_pdbx_validate_rmsd_angle.auth_atom_id_1 
_pdbx_validate_rmsd_angle.auth_asym_id_1 
_pdbx_validate_rmsd_angle.auth_comp_id_1 
_pdbx_validate_rmsd_angle.auth_seq_id_1 
_pdbx_validate_rmsd_angle.PDB_ins_code_1 
_pdbx_validate_rmsd_angle.label_alt_id_1 
_pdbx_validate_rmsd_angle.auth_atom_id_2 
_pdbx_validate_rmsd_angle.auth_asym_id_2 
_pdbx_validate_rmsd_angle.auth_comp_id_2 
_pdbx_validate_rmsd_angle.auth_seq_id_2 
_pdbx_validate_rmsd_angle.PDB_ins_code_2 
_pdbx_validate_rmsd_angle.label_alt_id_2 
_pdbx_validate_rmsd_angle.auth_atom_id_3 
_pdbx_validate_rmsd_angle.auth_asym_id_3 
_pdbx_validate_rmsd_angle.auth_comp_id_3 
_pdbx_validate_rmsd_angle.auth_seq_id_3 
_pdbx_validate_rmsd_angle.PDB_ins_code_3 
_pdbx_validate_rmsd_angle.label_alt_id_3 
_pdbx_validate_rmsd_angle.angle_value 
_pdbx_validate_rmsd_angle.angle_target_value 
_pdbx_validate_rmsd_angle.angle_deviation 
_pdbx_validate_rmsd_angle.angle_standard_deviation 
_pdbx_validate_rmsd_angle.linker_flag 
1 1 "C3'" A GTP 17 ? ? "O3'" A GTP 17 ? ? P   A G 18 ? ? 95.78  119.70 -23.92 1.20 Y 
2 1 "O3'" A GTP 17 ? ? P     A G   18 ? ? OP2 A G 18 ? ? 134.65 110.50 24.15  1.10 Y 
3 1 "O3'" A GTP 17 ? ? P     A G   18 ? ? OP1 A G 18 ? ? 76.74  105.20 -28.46 2.20 Y 
# 
loop_
_chem_comp_atom.comp_id 
_chem_comp_atom.atom_id 
_chem_comp_atom.type_symbol 
_chem_comp_atom.pdbx_aromatic_flag 
_chem_comp_atom.pdbx_stereo_config 
_chem_comp_atom.pdbx_ordinal 
A   OP3    O  N N 1   
A   P      P  N N 2   
A   OP1    O  N N 3   
A   OP2    O  N N 4   
A   "O5'"  O  N N 5   
A   "C5'"  C  N N 6   
A   "C4'"  C  N R 7   
A   "O4'"  O  N N 8   
A   "C3'"  C  N S 9   
A   "O3'"  O  N N 10  
A   "C2'"  C  N R 11  
A   "O2'"  O  N N 12  
A   "C1'"  C  N R 13  
A   N9     N  Y N 14  
A   C8     C  Y N 15  
A   N7     N  Y N 16  
A   C5     C  Y N 17  
A   C6     C  Y N 18  
A   N6     N  N N 19  
A   N1     N  Y N 20  
A   C2     C  Y N 21  
A   N3     N  Y N 22  
A   C4     C  Y N 23  
A   HOP3   H  N N 24  
A   HOP2   H  N N 25  
A   "H5'"  H  N N 26  
A   "H5''" H  N N 27  
A   "H4'"  H  N N 28  
A   "H3'"  H  N N 29  
A   "HO3'" H  N N 30  
A   "H2'"  H  N N 31  
A   "HO2'" H  N N 32  
A   "H1'"  H  N N 33  
A   H8     H  N N 34  
A   H61    H  N N 35  
A   H62    H  N N 36  
A   H2     H  N N 37  
C   OP3    O  N N 38  
C   P      P  N N 39  
C   OP1    O  N N 40  
C   OP2    O  N N 41  
C   "O5'"  O  N N 42  
C   "C5'"  C  N N 43  
C   "C4'"  C  N R 44  
C   "O4'"  O  N N 45  
C   "C3'"  C  N S 46  
C   "O3'"  O  N N 47  
C   "C2'"  C  N R 48  
C   "O2'"  O  N N 49  
C   "C1'"  C  N R 50  
C   N1     N  N N 51  
C   C2     C  N N 52  
C   O2     O  N N 53  
C   N3     N  N N 54  
C   C4     C  N N 55  
C   N4     N  N N 56  
C   C5     C  N N 57  
C   C6     C  N N 58  
C   HOP3   H  N N 59  
C   HOP2   H  N N 60  
C   "H5'"  H  N N 61  
C   "H5''" H  N N 62  
C   "H4'"  H  N N 63  
C   "H3'"  H  N N 64  
C   "HO3'" H  N N 65  
C   "H2'"  H  N N 66  
C   "HO2'" H  N N 67  
C   "H1'"  H  N N 68  
C   H41    H  N N 69  
C   H42    H  N N 70  
C   H5     H  N N 71  
C   H6     H  N N 72  
G   OP3    O  N N 73  
G   P      P  N N 74  
G   OP1    O  N N 75  
G   OP2    O  N N 76  
G   "O5'"  O  N N 77  
G   "C5'"  C  N N 78  
G   "C4'"  C  N R 79  
G   "O4'"  O  N N 80  
G   "C3'"  C  N S 81  
G   "O3'"  O  N N 82  
G   "C2'"  C  N R 83  
G   "O2'"  O  N N 84  
G   "C1'"  C  N R 85  
G   N9     N  Y N 86  
G   C8     C  Y N 87  
G   N7     N  Y N 88  
G   C5     C  Y N 89  
G   C6     C  N N 90  
G   O6     O  N N 91  
G   N1     N  N N 92  
G   C2     C  N N 93  
G   N2     N  N N 94  
G   N3     N  N N 95  
G   C4     C  Y N 96  
G   HOP3   H  N N 97  
G   HOP2   H  N N 98  
G   "H5'"  H  N N 99  
G   "H5''" H  N N 100 
G   "H4'"  H  N N 101 
G   "H3'"  H  N N 102 
G   "HO3'" H  N N 103 
G   "H2'"  H  N N 104 
G   "HO2'" H  N N 105 
G   "H1'"  H  N N 106 
G   H8     H  N N 107 
G   H1     H  N N 108 
G   H21    H  N N 109 
G   H22    H  N N 110 
GNG "O5'"  O  N N 111 
GNG "C5'"  C  N N 112 
GNG "C4'"  C  N R 113 
GNG "O4'"  O  N N 114 
GNG "C1'"  C  N R 115 
GNG N9     N  Y N 116 
GNG C8     C  Y N 117 
GNG N7     N  Y N 118 
GNG C5     C  Y N 119 
GNG C4     C  Y N 120 
GNG N3     N  N N 121 
GNG C2     C  N N 122 
GNG N1     N  N N 123 
GNG C6     C  N N 124 
GNG O6     O  N N 125 
GNG N2     N  N N 126 
GNG "C2'"  C  N N 127 
GNG "C3'"  C  N S 128 
GNG "O3'"  O  N N 129 
GNG "H5'"  H  N N 130 
GNG "H5'1" H  N N 131 
GNG "H5'2" H  N N 132 
GNG "H4'"  H  N N 133 
GNG "H1'"  H  N N 134 
GNG H8     H  N N 135 
GNG HN3    H  N N 136 
GNG HN21   H  N N 137 
GNG HN22   H  N N 138 
GNG "H2'1" H  N N 139 
GNG "H2'2" H  N N 140 
GNG "H3'"  H  N N 141 
GNG H1     H  N N 142 
GTP PG     P  N N 143 
GTP O1G    O  N N 144 
GTP O2G    O  N N 145 
GTP O3G    O  N N 146 
GTP O3B    O  N N 147 
GTP PB     P  N N 148 
GTP O1B    O  N N 149 
GTP O2B    O  N N 150 
GTP O3A    O  N N 151 
GTP PA     P  N N 152 
GTP O1A    O  N N 153 
GTP O2A    O  N N 154 
GTP "O5'"  O  N N 155 
GTP "C5'"  C  N N 156 
GTP "C4'"  C  N R 157 
GTP "O4'"  O  N N 158 
GTP "C3'"  C  N S 159 
GTP "O3'"  O  N N 160 
GTP "C2'"  C  N R 161 
GTP "O2'"  O  N N 162 
GTP "C1'"  C  N R 163 
GTP N9     N  Y N 164 
GTP C8     C  Y N 165 
GTP N7     N  Y N 166 
GTP C5     C  Y N 167 
GTP C6     C  N N 168 
GTP O6     O  N N 169 
GTP N1     N  N N 170 
GTP C2     C  N N 171 
GTP N2     N  N N 172 
GTP N3     N  N N 173 
GTP C4     C  Y N 174 
GTP HOG2   H  N N 175 
GTP HOG3   H  N N 176 
GTP HOB2   H  N N 177 
GTP HOA2   H  N N 178 
GTP "H5'"  H  N N 179 
GTP "H5''" H  N N 180 
GTP "H4'"  H  N N 181 
GTP "H3'"  H  N N 182 
GTP "HO3'" H  N N 183 
GTP "H2'"  H  N N 184 
GTP "HO2'" H  N N 185 
GTP "H1'"  H  N N 186 
GTP H8     H  N N 187 
GTP HN1    H  N N 188 
GTP HN21   H  N N 189 
GTP HN22   H  N N 190 
HOH O      O  N N 191 
HOH H1     H  N N 192 
HOH H2     H  N N 193 
MG  MG     MG N N 194 
NCO CO     CO N N 195 
NCO N1     N  N N 196 
NCO N2     N  N N 197 
NCO N3     N  N N 198 
NCO N4     N  N N 199 
NCO N5     N  N N 200 
NCO N6     N  N N 201 
NCO HN11   H  N N 202 
NCO HN12   H  N N 203 
NCO HN13   H  N N 204 
NCO HN21   H  N N 205 
NCO HN22   H  N N 206 
NCO HN23   H  N N 207 
NCO HN31   H  N N 208 
NCO HN32   H  N N 209 
NCO HN33   H  N N 210 
NCO HN41   H  N N 211 
NCO HN42   H  N N 212 
NCO HN43   H  N N 213 
NCO HN51   H  N N 214 
NCO HN52   H  N N 215 
NCO HN53   H  N N 216 
NCO HN61   H  N N 217 
NCO HN62   H  N N 218 
NCO HN63   H  N N 219 
U   OP3    O  N N 220 
U   P      P  N N 221 
U   OP1    O  N N 222 
U   OP2    O  N N 223 
U   "O5'"  O  N N 224 
U   "C5'"  C  N N 225 
U   "C4'"  C  N R 226 
U   "O4'"  O  N N 227 
U   "C3'"  C  N S 228 
U   "O3'"  O  N N 229 
U   "C2'"  C  N R 230 
U   "O2'"  O  N N 231 
U   "C1'"  C  N R 232 
U   N1     N  N N 233 
U   C2     C  N N 234 
U   O2     O  N N 235 
U   N3     N  N N 236 
U   C4     C  N N 237 
U   O4     O  N N 238 
U   C5     C  N N 239 
U   C6     C  N N 240 
U   HOP3   H  N N 241 
U   HOP2   H  N N 242 
U   "H5'"  H  N N 243 
U   "H5''" H  N N 244 
U   "H4'"  H  N N 245 
U   "H3'"  H  N N 246 
U   "HO3'" H  N N 247 
U   "H2'"  H  N N 248 
U   "HO2'" H  N N 249 
U   "H1'"  H  N N 250 
U   H3     H  N N 251 
U   H5     H  N N 252 
U   H6     H  N N 253 
# 
loop_
_chem_comp_bond.comp_id 
_chem_comp_bond.atom_id_1 
_chem_comp_bond.atom_id_2 
_chem_comp_bond.value_order 
_chem_comp_bond.pdbx_aromatic_flag 
_chem_comp_bond.pdbx_stereo_config 
_chem_comp_bond.pdbx_ordinal 
A   OP3   P      sing N N 1   
A   OP3   HOP3   sing N N 2   
A   P     OP1    doub N N 3   
A   P     OP2    sing N N 4   
A   P     "O5'"  sing N N 5   
A   OP2   HOP2   sing N N 6   
A   "O5'" "C5'"  sing N N 7   
A   "C5'" "C4'"  sing N N 8   
A   "C5'" "H5'"  sing N N 9   
A   "C5'" "H5''" sing N N 10  
A   "C4'" "O4'"  sing N N 11  
A   "C4'" "C3'"  sing N N 12  
A   "C4'" "H4'"  sing N N 13  
A   "O4'" "C1'"  sing N N 14  
A   "C3'" "O3'"  sing N N 15  
A   "C3'" "C2'"  sing N N 16  
A   "C3'" "H3'"  sing N N 17  
A   "O3'" "HO3'" sing N N 18  
A   "C2'" "O2'"  sing N N 19  
A   "C2'" "C1'"  sing N N 20  
A   "C2'" "H2'"  sing N N 21  
A   "O2'" "HO2'" sing N N 22  
A   "C1'" N9     sing N N 23  
A   "C1'" "H1'"  sing N N 24  
A   N9    C8     sing Y N 25  
A   N9    C4     sing Y N 26  
A   C8    N7     doub Y N 27  
A   C8    H8     sing N N 28  
A   N7    C5     sing Y N 29  
A   C5    C6     sing Y N 30  
A   C5    C4     doub Y N 31  
A   C6    N6     sing N N 32  
A   C6    N1     doub Y N 33  
A   N6    H61    sing N N 34  
A   N6    H62    sing N N 35  
A   N1    C2     sing Y N 36  
A   C2    N3     doub Y N 37  
A   C2    H2     sing N N 38  
A   N3    C4     sing Y N 39  
C   OP3   P      sing N N 40  
C   OP3   HOP3   sing N N 41  
C   P     OP1    doub N N 42  
C   P     OP2    sing N N 43  
C   P     "O5'"  sing N N 44  
C   OP2   HOP2   sing N N 45  
C   "O5'" "C5'"  sing N N 46  
C   "C5'" "C4'"  sing N N 47  
C   "C5'" "H5'"  sing N N 48  
C   "C5'" "H5''" sing N N 49  
C   "C4'" "O4'"  sing N N 50  
C   "C4'" "C3'"  sing N N 51  
C   "C4'" "H4'"  sing N N 52  
C   "O4'" "C1'"  sing N N 53  
C   "C3'" "O3'"  sing N N 54  
C   "C3'" "C2'"  sing N N 55  
C   "C3'" "H3'"  sing N N 56  
C   "O3'" "HO3'" sing N N 57  
C   "C2'" "O2'"  sing N N 58  
C   "C2'" "C1'"  sing N N 59  
C   "C2'" "H2'"  sing N N 60  
C   "O2'" "HO2'" sing N N 61  
C   "C1'" N1     sing N N 62  
C   "C1'" "H1'"  sing N N 63  
C   N1    C2     sing N N 64  
C   N1    C6     sing N N 65  
C   C2    O2     doub N N 66  
C   C2    N3     sing N N 67  
C   N3    C4     doub N N 68  
C   C4    N4     sing N N 69  
C   C4    C5     sing N N 70  
C   N4    H41    sing N N 71  
C   N4    H42    sing N N 72  
C   C5    C6     doub N N 73  
C   C5    H5     sing N N 74  
C   C6    H6     sing N N 75  
G   OP3   P      sing N N 76  
G   OP3   HOP3   sing N N 77  
G   P     OP1    doub N N 78  
G   P     OP2    sing N N 79  
G   P     "O5'"  sing N N 80  
G   OP2   HOP2   sing N N 81  
G   "O5'" "C5'"  sing N N 82  
G   "C5'" "C4'"  sing N N 83  
G   "C5'" "H5'"  sing N N 84  
G   "C5'" "H5''" sing N N 85  
G   "C4'" "O4'"  sing N N 86  
G   "C4'" "C3'"  sing N N 87  
G   "C4'" "H4'"  sing N N 88  
G   "O4'" "C1'"  sing N N 89  
G   "C3'" "O3'"  sing N N 90  
G   "C3'" "C2'"  sing N N 91  
G   "C3'" "H3'"  sing N N 92  
G   "O3'" "HO3'" sing N N 93  
G   "C2'" "O2'"  sing N N 94  
G   "C2'" "C1'"  sing N N 95  
G   "C2'" "H2'"  sing N N 96  
G   "O2'" "HO2'" sing N N 97  
G   "C1'" N9     sing N N 98  
G   "C1'" "H1'"  sing N N 99  
G   N9    C8     sing Y N 100 
G   N9    C4     sing Y N 101 
G   C8    N7     doub Y N 102 
G   C8    H8     sing N N 103 
G   N7    C5     sing Y N 104 
G   C5    C6     sing N N 105 
G   C5    C4     doub Y N 106 
G   C6    O6     doub N N 107 
G   C6    N1     sing N N 108 
G   N1    C2     sing N N 109 
G   N1    H1     sing N N 110 
G   C2    N2     sing N N 111 
G   C2    N3     doub N N 112 
G   N2    H21    sing N N 113 
G   N2    H22    sing N N 114 
G   N3    C4     sing N N 115 
GNG "O5'" "C5'"  sing N N 116 
GNG "O5'" "H5'"  sing N N 117 
GNG "C5'" "C4'"  sing N N 118 
GNG "C5'" "H5'1" sing N N 119 
GNG "C5'" "H5'2" sing N N 120 
GNG "C4'" "O4'"  sing N N 121 
GNG "C4'" "C3'"  sing N N 122 
GNG "C4'" "H4'"  sing N N 123 
GNG "O4'" "C1'"  sing N N 124 
GNG "C1'" N9     sing N N 125 
GNG "C1'" "C2'"  sing N N 126 
GNG "C1'" "H1'"  sing N N 127 
GNG N9    C8     sing Y N 128 
GNG N9    C4     sing Y N 129 
GNG C8    N7     doub Y N 130 
GNG C8    H8     sing N N 131 
GNG N7    C5     sing Y N 132 
GNG C5    C4     doub Y N 133 
GNG C5    C6     sing N N 134 
GNG C4    N3     sing N N 135 
GNG N3    C2     sing N N 136 
GNG N3    HN3    sing N N 137 
GNG C2    N1     doub N N 138 
GNG C2    N2     sing N N 139 
GNG N1    C6     sing N N 140 
GNG C6    O6     doub N N 141 
GNG N2    HN21   sing N N 142 
GNG N2    HN22   sing N N 143 
GNG "C2'" "C3'"  sing N N 144 
GNG "C2'" "H2'1" sing N N 145 
GNG "C2'" "H2'2" sing N N 146 
GNG "C3'" "O3'"  sing N N 147 
GNG "C3'" "H3'"  sing N N 148 
GNG "O3'" H1     sing N N 149 
GTP PG    O1G    doub N N 150 
GTP PG    O2G    sing N N 151 
GTP PG    O3G    sing N N 152 
GTP PG    O3B    sing N N 153 
GTP O2G   HOG2   sing N N 154 
GTP O3G   HOG3   sing N N 155 
GTP O3B   PB     sing N N 156 
GTP PB    O1B    doub N N 157 
GTP PB    O2B    sing N N 158 
GTP PB    O3A    sing N N 159 
GTP O2B   HOB2   sing N N 160 
GTP O3A   PA     sing N N 161 
GTP PA    O1A    doub N N 162 
GTP PA    O2A    sing N N 163 
GTP PA    "O5'"  sing N N 164 
GTP O2A   HOA2   sing N N 165 
GTP "O5'" "C5'"  sing N N 166 
GTP "C5'" "C4'"  sing N N 167 
GTP "C5'" "H5'"  sing N N 168 
GTP "C5'" "H5''" sing N N 169 
GTP "C4'" "O4'"  sing N N 170 
GTP "C4'" "C3'"  sing N N 171 
GTP "C4'" "H4'"  sing N N 172 
GTP "O4'" "C1'"  sing N N 173 
GTP "C3'" "O3'"  sing N N 174 
GTP "C3'" "C2'"  sing N N 175 
GTP "C3'" "H3'"  sing N N 176 
GTP "O3'" "HO3'" sing N N 177 
GTP "C2'" "O2'"  sing N N 178 
GTP "C2'" "C1'"  sing N N 179 
GTP "C2'" "H2'"  sing N N 180 
GTP "O2'" "HO2'" sing N N 181 
GTP "C1'" N9     sing N N 182 
GTP "C1'" "H1'"  sing N N 183 
GTP N9    C8     sing Y N 184 
GTP N9    C4     sing Y N 185 
GTP C8    N7     doub Y N 186 
GTP C8    H8     sing N N 187 
GTP N7    C5     sing Y N 188 
GTP C5    C6     sing N N 189 
GTP C5    C4     doub Y N 190 
GTP C6    O6     doub N N 191 
GTP C6    N1     sing N N 192 
GTP N1    C2     sing N N 193 
GTP N1    HN1    sing N N 194 
GTP C2    N2     sing N N 195 
GTP C2    N3     doub N N 196 
GTP N2    HN21   sing N N 197 
GTP N2    HN22   sing N N 198 
GTP N3    C4     sing N N 199 
HOH O     H1     sing N N 200 
HOH O     H2     sing N N 201 
NCO CO    N1     sing N N 202 
NCO CO    N2     sing N N 203 
NCO CO    N3     sing N N 204 
NCO CO    N4     sing N N 205 
NCO CO    N5     sing N N 206 
NCO CO    N6     sing N N 207 
NCO N1    HN11   sing N N 208 
NCO N1    HN12   sing N N 209 
NCO N1    HN13   sing N N 210 
NCO N2    HN21   sing N N 211 
NCO N2    HN22   sing N N 212 
NCO N2    HN23   sing N N 213 
NCO N3    HN31   sing N N 214 
NCO N3    HN32   sing N N 215 
NCO N3    HN33   sing N N 216 
NCO N4    HN41   sing N N 217 
NCO N4    HN42   sing N N 218 
NCO N4    HN43   sing N N 219 
NCO N5    HN51   sing N N 220 
NCO N5    HN52   sing N N 221 
NCO N5    HN53   sing N N 222 
NCO N6    HN61   sing N N 223 
NCO N6    HN62   sing N N 224 
NCO N6    HN63   sing N N 225 
U   OP3   P      sing N N 226 
U   OP3   HOP3   sing N N 227 
U   P     OP1    doub N N 228 
U   P     OP2    sing N N 229 
U   P     "O5'"  sing N N 230 
U   OP2   HOP2   sing N N 231 
U   "O5'" "C5'"  sing N N 232 
U   "C5'" "C4'"  sing N N 233 
U   "C5'" "H5'"  sing N N 234 
U   "C5'" "H5''" sing N N 235 
U   "C4'" "O4'"  sing N N 236 
U   "C4'" "C3'"  sing N N 237 
U   "C4'" "H4'"  sing N N 238 
U   "O4'" "C1'"  sing N N 239 
U   "C3'" "O3'"  sing N N 240 
U   "C3'" "C2'"  sing N N 241 
U   "C3'" "H3'"  sing N N 242 
U   "O3'" "HO3'" sing N N 243 
U   "C2'" "O2'"  sing N N 244 
U   "C2'" "C1'"  sing N N 245 
U   "C2'" "H2'"  sing N N 246 
U   "O2'" "HO2'" sing N N 247 
U   "C1'" N1     sing N N 248 
U   "C1'" "H1'"  sing N N 249 
U   N1    C2     sing N N 250 
U   N1    C6     sing N N 251 
U   C2    O2     doub N N 252 
U   C2    N3     sing N N 253 
U   N3    C4     sing N N 254 
U   N3    H3     sing N N 255 
U   C4    O4     doub N N 256 
U   C4    C5     sing N N 257 
U   C5    C6     doub N N 258 
U   C5    H5     sing N N 259 
U   C6    H6     sing N N 260 
# 
loop_
_ndb_struct_conf_na.entry_id 
_ndb_struct_conf_na.feature 
6P2H 'double helix'         
6P2H 'a-form double helix'  
6P2H 'mismatched base pair' 
6P2H 'internal loop'        
6P2H 'triple helix'         
6P2H 'three-way junction'   
# 
loop_
_ndb_struct_na_base_pair.model_number 
_ndb_struct_na_base_pair.i_label_asym_id 
_ndb_struct_na_base_pair.i_label_comp_id 
_ndb_struct_na_base_pair.i_label_seq_id 
_ndb_struct_na_base_pair.i_symmetry 
_ndb_struct_na_base_pair.j_label_asym_id 
_ndb_struct_na_base_pair.j_label_comp_id 
_ndb_struct_na_base_pair.j_label_seq_id 
_ndb_struct_na_base_pair.j_symmetry 
_ndb_struct_na_base_pair.shear 
_ndb_struct_na_base_pair.stretch 
_ndb_struct_na_base_pair.stagger 
_ndb_struct_na_base_pair.buckle 
_ndb_struct_na_base_pair.propeller 
_ndb_struct_na_base_pair.opening 
_ndb_struct_na_base_pair.pair_number 
_ndb_struct_na_base_pair.pair_name 
_ndb_struct_na_base_pair.i_auth_asym_id 
_ndb_struct_na_base_pair.i_auth_seq_id 
_ndb_struct_na_base_pair.i_PDB_ins_code 
_ndb_struct_na_base_pair.j_auth_asym_id 
_ndb_struct_na_base_pair.j_auth_seq_id 
_ndb_struct_na_base_pair.j_PDB_ins_code 
_ndb_struct_na_base_pair.hbond_type_28 
_ndb_struct_na_base_pair.hbond_type_12 
1 A GTP 1  1_555 A C 67 1_555 -0.434 -0.172 -0.058 3.216   -2.150  -1.615   1  A_GTP17:C83_A A 17 ? A 83 ? 19 1 
1 A G   2  1_555 A C 66 1_555 -0.102 -0.226 -0.281 -7.994  -16.133 1.410    2  A_G18:C82_A   A 18 ? A 82 ? 19 1 
1 A G   3  1_555 A C 65 1_555 -0.529 -0.112 -0.143 -22.637 -10.111 -0.332   3  A_G19:C81_A   A 19 ? A 81 ? 19 1 
1 A U   4  1_555 A A 64 1_555 0.012  -0.127 0.366  -13.797 -4.036  -7.350   4  A_U20:A80_A   A 20 ? A 80 ? 20 1 
1 A G   5  1_555 A C 63 1_555 0.050  -0.041 -0.262 6.545   3.401   -1.990   5  A_G21:C79_A   A 21 ? A 79 ? 19 1 
1 A U   6  1_555 A A 36 1_555 0.231  0.047  -0.069 8.108   0.791   0.356    6  A_U22:A52_A   A 22 ? A 52 ? 20 1 
1 A A   7  1_555 A G 30 1_555 -4.619 3.228  1.012  -21.952 -12.585 60.308   7  A_A23:G46_A   A 23 ? A 46 ? 10 6 
1 A U   9  1_555 A A 29 1_555 0.217  -0.226 -0.301 6.663   -1.902  -6.542   8  A_U25:A45_A   A 25 ? A 45 ? 20 1 
1 A C   10 1_555 A G 28 1_555 0.499  -0.128 -0.054 3.045   -5.617  1.508    9  A_C26:G44_A   A 26 ? A 44 ? 19 1 
1 A U   11 1_555 A G 27 1_555 2.462  -0.569 -0.353 2.467   -3.907  0.183    10 A_U27:G43_A   A 27 ? A 43 ? 28 1 
1 A C   12 1_555 A G 26 1_555 0.184  -0.515 -0.258 0.939   -3.618  2.520    11 A_C28:G42_A   A 28 ? A 42 ? 19 1 
1 A C   13 1_555 A G 25 1_555 0.597  -0.347 -0.034 -1.256  -4.812  1.942    12 A_C29:G41_A   A 29 ? A 41 ? 19 1 
1 A A   14 1_555 A U 24 1_555 0.129  -0.206 -0.023 1.535   -3.153  0.799    13 A_A30:U40_A   A 30 ? A 40 ? 20 1 
1 A A   15 1_555 A U 23 1_555 0.319  -0.309 0.286  11.898  -2.336  5.225    14 A_A31:U39_A   A 31 ? A 39 ? 20 1 
1 A A   8  1_555 A U 59 1_555 1.032  -3.762 -1.127 28.970  -14.701 72.827   15 A_A24:U75_A   A 24 ? A 75 ? 23 3 
1 A C   38 1_555 A G 58 1_555 0.596  0.270  0.252  2.796   -7.456  4.692    16 A_C54:G74_A   A 54 ? A 74 ? 19 1 
1 A A   39 1_555 A U 57 1_555 0.065  -0.182 -0.092 -3.306  -4.229  3.199    17 A_A55:U73_A   A 55 ? A 73 ? 20 1 
1 A G   40 1_555 A C 56 1_555 -0.193 -0.473 -0.029 -4.018  -11.179 -2.637   18 A_G56:C72_A   A 56 ? A 72 ? 19 1 
1 A U   41 1_555 A G 55 1_555 1.989  -0.904 -0.327 3.442   -11.305 -13.719  19 A_U57:G71_A   A 57 ? A 71 ? 28 1 
1 A G   42 1_555 A C 54 1_555 -0.418 -0.123 -0.156 -3.386  -2.266  4.906    20 A_G58:C70_A   A 58 ? A 70 ? 19 1 
1 A A   43 1_555 A U 53 1_555 0.532  -0.428 -0.078 3.157   -6.711  -9.416   21 A_A59:U69_A   A 59 ? A 69 ? 20 1 
1 A A   44 1_555 A A 52 1_555 -1.236 1.756  -0.316 -8.634  -27.579 18.712   22 A_A60:A68_A   A 60 ? A 68 ? ?  1 
1 A C   45 1_555 A G 22 1_555 -0.159 -0.020 0.242  -12.405 -13.383 -1.659   23 A_C61:G38_A   A 61 ? A 38 ? 19 1 
1 A C   46 1_555 A G 21 1_555 -0.068 -0.144 0.847  -1.897  -16.064 -4.598   24 A_C62:G37_A   A 62 ? A 37 ? 19 1 
1 A A   49 1_555 A A 19 1_555 4.662  1.231  -0.129 -1.499  1.920   -107.284 25 A_A65:A35_A   A 65 ? A 35 ? 5  4 
1 A A   17 1_555 A A 51 1_555 4.155  1.827  0.049  -5.163  -8.484  -114.360 26 A_A33:A67_A   A 33 ? A 67 ? 5  4 
1 A U   18 1_555 A A 50 1_555 3.776  -1.676 -0.683 -0.546  -6.553  -99.731  27 A_U34:A66_A   A 34 ? A 66 ? 24 4 
# 
loop_
_ndb_struct_na_base_pair_step.model_number 
_ndb_struct_na_base_pair_step.i_label_asym_id_1 
_ndb_struct_na_base_pair_step.i_label_comp_id_1 
_ndb_struct_na_base_pair_step.i_label_seq_id_1 
_ndb_struct_na_base_pair_step.i_symmetry_1 
_ndb_struct_na_base_pair_step.j_label_asym_id_1 
_ndb_struct_na_base_pair_step.j_label_comp_id_1 
_ndb_struct_na_base_pair_step.j_label_seq_id_1 
_ndb_struct_na_base_pair_step.j_symmetry_1 
_ndb_struct_na_base_pair_step.i_label_asym_id_2 
_ndb_struct_na_base_pair_step.i_label_comp_id_2 
_ndb_struct_na_base_pair_step.i_label_seq_id_2 
_ndb_struct_na_base_pair_step.i_symmetry_2 
_ndb_struct_na_base_pair_step.j_label_asym_id_2 
_ndb_struct_na_base_pair_step.j_label_comp_id_2 
_ndb_struct_na_base_pair_step.j_label_seq_id_2 
_ndb_struct_na_base_pair_step.j_symmetry_2 
_ndb_struct_na_base_pair_step.shift 
_ndb_struct_na_base_pair_step.slide 
_ndb_struct_na_base_pair_step.rise 
_ndb_struct_na_base_pair_step.tilt 
_ndb_struct_na_base_pair_step.roll 
_ndb_struct_na_base_pair_step.twist 
_ndb_struct_na_base_pair_step.x_displacement 
_ndb_struct_na_base_pair_step.y_displacement 
_ndb_struct_na_base_pair_step.helical_rise 
_ndb_struct_na_base_pair_step.inclination 
_ndb_struct_na_base_pair_step.tip 
_ndb_struct_na_base_pair_step.helical_twist 
_ndb_struct_na_base_pair_step.step_number 
_ndb_struct_na_base_pair_step.step_name 
_ndb_struct_na_base_pair_step.i_auth_asym_id_1 
_ndb_struct_na_base_pair_step.i_auth_seq_id_1 
_ndb_struct_na_base_pair_step.i_PDB_ins_code_1 
_ndb_struct_na_base_pair_step.j_auth_asym_id_1 
_ndb_struct_na_base_pair_step.j_auth_seq_id_1 
_ndb_struct_na_base_pair_step.j_PDB_ins_code_1 
_ndb_struct_na_base_pair_step.i_auth_asym_id_2 
_ndb_struct_na_base_pair_step.i_auth_seq_id_2 
_ndb_struct_na_base_pair_step.i_PDB_ins_code_2 
_ndb_struct_na_base_pair_step.j_auth_asym_id_2 
_ndb_struct_na_base_pair_step.j_auth_seq_id_2 
_ndb_struct_na_base_pair_step.j_PDB_ins_code_2 
1 A GTP 1  1_555 A C 67 1_555 A G 2  1_555 A C 66 1_555 0.341  -1.416 3.487  1.200    7.211   38.332   -3.018  -0.361 3.188  
10.861  -1.807  38.997   1  AA_GTP17G18:C82C83_AA A 17 ? A 83 ? A 18 ? A 82 ? 
1 A G   2  1_555 A C 66 1_555 A G 3  1_555 A C 65 1_555 -0.314 -1.885 3.406  -1.334   8.441   33.600   -4.431  0.327  2.873  
14.316  2.262   34.640   2  AA_G18G19:C81C82_AA   A 18 ? A 82 ? A 19 ? A 81 ? 
1 A G   3  1_555 A C 65 1_555 A U 4  1_555 A A 64 1_555 -0.726 -1.407 3.102  -3.420   8.532   31.929   -3.761  0.751  2.707  
15.123  6.061   33.192   3  AA_G19U20:A80C81_AA   A 19 ? A 81 ? A 20 ? A 80 ? 
1 A U   4  1_555 A A 64 1_555 A G 5  1_555 A C 63 1_555 0.908  -1.380 2.877  5.707    7.278   28.793   -3.913  -0.749 2.588  
14.182  -11.120 30.212   4  AA_U20G21:C79A80_AA   A 20 ? A 80 ? A 21 ? A 79 ? 
1 A U   6  1_555 A A 36 1_555 A A 7  1_555 A G 30 1_555 0.456  1.982  -2.997 -4.652   -1.422  -16.934  -7.221  3.935  -2.604 4.703 
-15.389 -17.614  5  AA_U22A23:G46A52_AA   A 22 ? A 52 ? A 23 ? A 46 ? 
1 A A   7  1_555 A G 30 1_555 A U 9  1_555 A A 29 1_555 1.022  3.318  0.943  -132.598 118.837 -122.900 -1.751  0.409  0.133  
-59.497 -66.387 -179.072 6  AA_A23U25:A45G46_AA   A 23 ? A 46 ? A 25 ? A 45 ? 
1 A U   9  1_555 A A 29 1_555 A C 10 1_555 A G 28 1_555 0.575  -1.866 3.332  -0.281   3.785   35.610   -3.572  -0.975 3.119  6.168 
0.459   35.805   7  AA_U25C26:G44A45_AA   A 25 ? A 45 ? A 26 ? A 44 ? 
1 A C   10 1_555 A G 28 1_555 A U 11 1_555 A G 27 1_555 0.043  -1.701 3.263  3.327    1.671   38.122   -2.799  0.346  3.181  2.551 
-5.079  38.297   8  AA_C26U27:G43G44_AA   A 26 ? A 44 ? A 27 ? A 43 ? 
1 A U   11 1_555 A G 27 1_555 A C 12 1_555 A G 26 1_555 0.013  -1.943 3.238  3.047    4.864   22.817   -6.288  0.920  2.748  
12.051  -7.549  23.518   9  AA_U27C28:G42G43_AA   A 27 ? A 43 ? A 28 ? A 42 ? 
1 A C   12 1_555 A G 26 1_555 A C 13 1_555 A G 25 1_555 0.059  -1.657 3.204  1.664    9.300   33.822   -4.025  0.131  2.669  
15.610  -2.793  35.080   10 AA_C28C29:G41G42_AA   A 28 ? A 42 ? A 29 ? A 41 ? 
1 A C   13 1_555 A G 25 1_555 A A 14 1_555 A U 24 1_555 -0.178 -1.606 3.065  0.338    9.337   27.144   -5.049  0.424  2.389  
19.187  -0.694  28.678   11 AA_C29A30:U40G41_AA   A 29 ? A 41 ? A 30 ? A 40 ? 
1 A A   14 1_555 A U 24 1_555 A A 15 1_555 A U 23 1_555 0.304  -1.426 2.887  -3.271   5.326   30.437   -3.523  -1.096 2.561  
10.012  6.149   31.057   12 AA_A30A31:U39U40_AA   A 30 ? A 40 ? A 31 ? A 39 ? 
1 A A   8  1_555 A U 59 1_555 A C 38 1_555 A G 58 1_555 2.264  1.154  3.030  6.779    -6.351  159.151  0.602   -1.134 3.043  
-3.229  -3.446  159.220  13 AA_A24C54:G74U75_AA   A 24 ? A 75 ? A 54 ? A 74 ? 
1 A C   38 1_555 A G 58 1_555 A A 39 1_555 A U 57 1_555 -0.062 -1.830 3.319  0.487    5.455   28.747   -4.763  0.225  2.928  
10.863  -0.970  29.253   14 AA_C54A55:U73G74_AA   A 54 ? A 74 ? A 55 ? A 73 ? 
1 A A   39 1_555 A U 57 1_555 A G 40 1_555 A C 56 1_555 -0.280 -1.999 3.202  1.198    7.161   29.652   -5.091  0.749  2.644  
13.735  -2.297  30.509   15 AA_A55G56:C72U73_AA   A 55 ? A 73 ? A 56 ? A 72 ? 
1 A G   40 1_555 A C 56 1_555 A U 41 1_555 A G 55 1_555 0.001  -1.575 3.054  3.055    0.885   41.150   -2.324  0.304  3.013  1.257 
-4.338  41.268   16 AA_G56U57:G71C72_AA   A 56 ? A 72 ? A 57 ? A 71 ? 
1 A U   41 1_555 A G 55 1_555 A G 42 1_555 A C 54 1_555 -0.498 -2.813 3.461  -1.450   7.754   15.674   -13.308 0.870  1.901  
26.369  4.929   17.536   17 AA_U57G58:C70G71_AA   A 57 ? A 71 ? A 58 ? A 70 ? 
1 A G   42 1_555 A C 54 1_555 A A 43 1_555 A U 53 1_555 -0.566 -1.421 3.132  -2.541   4.443   36.659   -2.800  0.571  2.977  7.021 
4.016   37.002   18 AA_G58A59:U69C70_AA   A 58 ? A 70 ? A 59 ? A 69 ? 
1 A A   43 1_555 A U 53 1_555 A A 44 1_555 A A 52 1_555 1.675  -2.122 3.497  4.140    10.479  25.959   -6.749  -2.481 2.686  
22.052  -8.712  28.260   19 AA_A59A60:A68U69_AA   A 59 ? A 69 ? A 60 ? A 68 ? 
1 A A   44 1_555 A A 52 1_555 A C 45 1_555 A G 22 1_555 1.743  0.484  3.136  0.429    3.368   55.161   0.331   -1.855 3.171  3.633 
-0.463  55.257   20 AA_A60C61:G38A68_AA   A 60 ? A 68 ? A 61 ? A 38 ? 
1 A C   45 1_555 A G 22 1_555 A C 46 1_555 A G 21 1_555 -0.566 -1.000 3.253  -5.422   8.252   28.479   -3.561  0.015  2.912  
16.171  10.625  30.109   21 AA_C61C62:G37G38_AA   A 61 ? A 38 ? A 62 ? A 37 ? 
1 A C   46 1_555 A G 21 1_555 A A 49 1_555 A A 19 1_555 -4.091 0.281  3.706  -60.832  157.160 123.576  -0.769  1.696  4.088  
79.212  30.661  174.581  22 AA_C62A65:A35G37_AA   A 62 ? A 37 ? A 65 ? A 35 ? 
1 A A   17 1_555 A A 51 1_555 A U 18 1_555 A A 50 1_555 0.080  -1.400 3.177  12.741   0.077   34.903   -2.211  1.543  3.019  0.123 
-20.419 37.088   23 AA_A33U34:A66A67_AA   A 33 ? A 67 ? A 34 ? A 66 ? 
# 
_pdbx_audit_support.funding_organization   
'National Institutes of Health/National Institute of General Medical Sciences (NIH/NIGMS)' 
_pdbx_audit_support.country                'United States' 
_pdbx_audit_support.grant_number           R01-GM073850 
_pdbx_audit_support.ordinal                1 
# 
_pdbx_entity_instance_feature.ordinal        1 
_pdbx_entity_instance_feature.comp_id        GNG 
_pdbx_entity_instance_feature.asym_id        ? 
_pdbx_entity_instance_feature.seq_num        ? 
_pdbx_entity_instance_feature.auth_comp_id   GNG 
_pdbx_entity_instance_feature.auth_asym_id   ? 
_pdbx_entity_instance_feature.auth_seq_num   ? 
_pdbx_entity_instance_feature.feature_type   'SUBJECT OF INVESTIGATION' 
_pdbx_entity_instance_feature.details        ? 
# 
loop_
_pdbx_entity_nonpoly.entity_id 
_pdbx_entity_nonpoly.name 
_pdbx_entity_nonpoly.comp_id 
2 "2'-DEOXY-GUANOSINE"    GNG 
3 'COBALT HEXAMMINE(III)' NCO 
4 'MAGNESIUM ION'         MG  
5 water                   HOH 
# 
_pdbx_initial_refinement_model.id               1 
_pdbx_initial_refinement_model.entity_id_list   ? 
_pdbx_initial_refinement_model.type             'experimental model' 
_pdbx_initial_refinement_model.source_name      PDB 
_pdbx_initial_refinement_model.accession_code   4FE5 
_pdbx_initial_refinement_model.details          ? 
# 
_pdbx_struct_assembly_auth_evidence.id                     1 
_pdbx_struct_assembly_auth_evidence.assembly_id            1 
_pdbx_struct_assembly_auth_evidence.experimental_support   'isothermal titration calorimetry' 
_pdbx_struct_assembly_auth_evidence.details                ? 
# 
_space_group.name_H-M_alt     'P 41 2 2' 
_space_group.name_Hall        'P 4w 2c' 
_space_group.IT_number        91 
_space_group.crystal_system   tetragonal 
_space_group.id               1 
# 
